data_4GDP
#
_entry.id   4GDP
#
_cell.length_a   78.851
_cell.length_b   81.885
_cell.length_c   104.791
_cell.angle_alpha   78.07
_cell.angle_beta   79.51
_cell.angle_gamma   78.92
#
_symmetry.space_group_name_H-M   'P 1'
#
loop_
_entity.id
_entity.type
_entity.pdbx_description
1 polymer 'Polyamine oxidase FMS1'
2 non-polymer 'FLAVIN-ADENINE DINUCLEOTIDE'
3 non-polymer 'TETRAETHYLENE GLYCOL'
4 water water
#
_entity_poly.entity_id   1
_entity_poly.type   'polypeptide(L)'
_entity_poly.pdbx_seq_one_letter_code
;MNTVSPAKKKVIIIGAGIAGLKAASTLHQNGIQDCLVLEARDRVGGRLQTVTGYQGRKYDIGASWHHDTLTNPLFLEEAQ
LSLNDGRTRFVFDDDNFIYIDEERGRVDHDKELLLEIVDNEMSKFAELEFHQHLGVSDCSFFQLVMKYLLQRRQFLTNDQ
IRYLPQLCRYLELWHGLDWKLLSAKDTYFGHQGRAAFALNYDSVVQRIAQSFPQNWLKLSCEVKSITREPSKNVTVNCED
GTVYNADYVIITVPQSVLNLSVQPEKNLRGRIEFQPPLKPVIQDAFDKIHFGALGKVIFEFEECCWSNESSKIVTLANST
NEFVEIVRNAENLDELDSMLEREDSQKHTSVTCWSQPLFFVNLSKSTGVASFMMLMQAPLTNHIESIREDKERLFSFFQP
VLNKIMKCLDSEDVIDGMRPIENIANANKPVLRNIIVSNWTRDPYSRGAYSACFPGDDPVDMVVAMSNGQDSRIRFAGEH
TIMDGAGCAYGAWESGRREATRISDLLKLEHHHHHH
;
_entity_poly.pdbx_strand_id   A,B,C,D
#
loop_
_chem_comp.id
_chem_comp.type
_chem_comp.name
_chem_comp.formula
FAD non-polymer 'FLAVIN-ADENINE DINUCLEOTIDE' 'C27 H33 N9 O15 P2'
PG4 non-polymer 'TETRAETHYLENE GLYCOL' 'C8 H18 O5'
#
# COMPACT_ATOMS: atom_id res chain seq x y z
N ALA A 7 37.18 27.49 36.13
CA ALA A 7 35.82 26.99 36.03
C ALA A 7 35.31 27.03 34.59
N LYS A 8 36.22 27.15 33.64
CA LYS A 8 35.86 27.19 32.23
C LYS A 8 36.27 25.91 31.51
N LYS A 9 35.30 25.13 31.08
CA LYS A 9 35.58 23.81 30.51
C LYS A 9 35.16 23.70 29.04
N LYS A 10 35.82 22.80 28.31
CA LYS A 10 35.37 22.50 26.95
C LYS A 10 34.11 21.65 27.01
N VAL A 11 34.19 20.51 27.68
CA VAL A 11 33.04 19.62 27.78
C VAL A 11 32.87 19.12 29.20
N ILE A 12 31.62 19.12 29.68
CA ILE A 12 31.31 18.51 30.95
C ILE A 12 30.37 17.33 30.74
N ILE A 13 30.77 16.17 31.26
CA ILE A 13 29.98 14.96 31.19
C ILE A 13 29.31 14.71 32.54
N ILE A 14 27.99 14.57 32.52
CA ILE A 14 27.27 14.23 33.75
C ILE A 14 27.05 12.74 33.83
N GLY A 15 27.70 12.09 34.81
CA GLY A 15 27.58 10.67 35.00
C GLY A 15 28.80 9.89 34.57
N ALA A 16 29.29 9.03 35.47
CA ALA A 16 30.49 8.24 35.21
C ALA A 16 30.16 6.76 35.04
N GLY A 17 29.01 6.46 34.44
CA GLY A 17 28.72 5.11 33.98
C GLY A 17 29.51 4.88 32.70
N ILE A 18 29.26 3.75 32.03
CA ILE A 18 30.03 3.46 30.84
C ILE A 18 29.83 4.47 29.69
N ALA A 19 28.63 5.04 29.57
CA ALA A 19 28.40 6.08 28.56
C ALA A 19 29.30 7.28 28.82
N GLY A 20 29.27 7.77 30.05
CA GLY A 20 30.07 8.93 30.43
C GLY A 20 31.57 8.66 30.34
N LEU A 21 31.99 7.50 30.82
CA LEU A 21 33.40 7.11 30.81
C LEU A 21 33.95 7.01 29.39
N LYS A 22 33.19 6.38 28.48
CA LYS A 22 33.62 6.25 27.10
C LYS A 22 33.65 7.61 26.40
N ALA A 23 32.67 8.45 26.69
CA ALA A 23 32.65 9.82 26.19
C ALA A 23 33.94 10.58 26.56
N ALA A 24 34.35 10.51 27.82
CA ALA A 24 35.59 11.15 28.27
C ALA A 24 36.80 10.54 27.59
N SER A 25 36.82 9.21 27.52
CA SER A 25 37.90 8.48 26.87
C SER A 25 38.06 8.92 25.43
N THR A 26 36.94 9.11 24.73
CA THR A 26 36.95 9.47 23.32
C THR A 26 37.43 10.90 23.13
N LEU A 27 36.98 11.79 24.02
CA LEU A 27 37.39 13.19 23.99
C LEU A 27 38.90 13.33 24.13
N HIS A 28 39.47 12.56 25.05
CA HIS A 28 40.91 12.56 25.27
C HIS A 28 41.63 12.02 24.05
N GLN A 29 41.11 10.90 23.52
CA GLN A 29 41.66 10.26 22.34
C GLN A 29 41.71 11.22 21.15
N ASN A 30 40.74 12.12 21.08
CA ASN A 30 40.70 13.12 20.00
C ASN A 30 41.37 14.44 20.37
N GLY A 31 42.22 14.42 21.40
CA GLY A 31 43.03 15.57 21.75
C GLY A 31 42.35 16.71 22.50
N ILE A 32 41.11 16.50 22.92
CA ILE A 32 40.35 17.53 23.64
C ILE A 32 40.82 17.65 25.10
N GLN A 33 41.08 18.87 25.54
CA GLN A 33 41.57 19.12 26.91
C GLN A 33 40.57 19.87 27.77
N ASP A 34 40.87 19.95 29.07
CA ASP A 34 40.04 20.69 30.03
C ASP A 34 38.58 20.24 30.03
N CYS A 35 38.36 18.98 30.39
CA CYS A 35 37.01 18.44 30.49
C CYS A 35 36.76 17.98 31.92
N LEU A 36 35.50 17.68 32.22
CA LEU A 36 35.13 17.25 33.56
C LEU A 36 34.09 16.13 33.49
N VAL A 37 34.25 15.12 34.34
CA VAL A 37 33.20 14.13 34.51
C VAL A 37 32.62 14.25 35.92
N LEU A 38 31.35 14.60 36.01
CA LEU A 38 30.70 14.82 37.29
C LEU A 38 29.77 13.66 37.64
N GLU A 39 30.08 12.98 38.74
CA GLU A 39 29.34 11.78 39.14
C GLU A 39 28.78 11.92 40.55
N ALA A 40 27.50 11.60 40.73
CA ALA A 40 26.83 11.77 42.01
C ALA A 40 27.30 10.76 43.05
N ARG A 41 27.59 9.54 42.60
CA ARG A 41 28.06 8.49 43.50
C ARG A 41 29.53 8.67 43.85
N ASP A 42 29.99 7.94 44.86
CA ASP A 42 31.39 7.97 45.26
C ASP A 42 32.20 6.93 44.50
N ARG A 43 31.64 6.43 43.39
CA ARG A 43 32.30 5.44 42.55
C ARG A 43 31.93 5.67 41.10
N VAL A 44 32.74 5.14 40.18
CA VAL A 44 32.39 5.16 38.77
C VAL A 44 31.72 3.84 38.41
N GLY A 45 31.14 3.78 37.22
CA GLY A 45 30.59 2.52 36.71
C GLY A 45 29.08 2.51 36.57
N GLY A 46 28.39 3.30 37.39
CA GLY A 46 26.95 3.36 37.37
C GLY A 46 26.32 1.99 37.53
N ARG A 47 25.55 1.58 36.53
CA ARG A 47 24.89 0.29 36.55
C ARG A 47 25.83 -0.88 36.23
N LEU A 48 27.11 -0.58 36.11
CA LEU A 48 28.15 -1.60 36.14
C LEU A 48 28.79 -1.58 37.52
N GLN A 49 28.46 -2.55 38.36
CA GLN A 49 29.02 -2.62 39.70
C GLN A 49 29.37 -4.03 40.14
N THR A 50 30.63 -4.23 40.50
CA THR A 50 31.08 -5.52 41.02
C THR A 50 31.19 -5.45 42.54
N VAL A 51 30.49 -6.36 43.23
CA VAL A 51 30.49 -6.38 44.68
C VAL A 51 31.21 -7.61 45.21
N THR A 52 31.62 -7.56 46.48
CA THR A 52 32.29 -8.69 47.09
C THR A 52 31.35 -9.35 48.11
N GLY A 53 31.44 -10.68 48.21
CA GLY A 53 30.62 -11.40 49.17
C GLY A 53 31.45 -12.34 50.04
N TYR A 54 30.90 -13.51 50.29
CA TYR A 54 31.53 -14.55 51.09
C TYR A 54 32.95 -14.88 50.60
N GLN A 55 33.91 -14.77 51.51
CA GLN A 55 35.30 -15.13 51.24
C GLN A 55 35.93 -14.42 50.05
N GLY A 56 35.54 -13.17 49.83
CA GLY A 56 36.11 -12.37 48.75
C GLY A 56 35.64 -12.74 47.37
N ARG A 57 34.54 -13.48 47.28
CA ARG A 57 33.94 -13.79 45.98
C ARG A 57 33.45 -12.50 45.32
N LYS A 58 33.70 -12.36 44.03
CA LYS A 58 33.27 -11.18 43.28
C LYS A 58 32.05 -11.48 42.41
N TYR A 59 31.09 -10.54 42.35
CA TYR A 59 29.94 -10.67 41.46
C TYR A 59 29.54 -9.34 40.84
N ASP A 60 29.18 -9.37 39.57
CA ASP A 60 28.52 -8.22 38.98
C ASP A 60 27.08 -8.20 39.46
N ILE A 61 26.69 -7.11 40.10
CA ILE A 61 25.34 -6.98 40.61
C ILE A 61 24.50 -6.12 39.67
N GLY A 62 25.17 -5.49 38.71
CA GLY A 62 24.50 -4.81 37.62
C GLY A 62 24.64 -5.69 36.39
N ALA A 63 25.06 -5.10 35.26
CA ALA A 63 25.34 -5.87 34.05
C ALA A 63 26.36 -6.95 34.30
N SER A 64 26.18 -8.09 33.64
CA SER A 64 27.15 -9.18 33.80
C SER A 64 27.58 -9.82 32.48
N TRP A 65 26.74 -9.73 31.45
CA TRP A 65 27.06 -10.30 30.13
C TRP A 65 27.46 -9.28 29.08
N HIS A 66 28.37 -9.70 28.20
CA HIS A 66 28.54 -9.07 26.91
C HIS A 66 27.54 -9.74 25.97
N HIS A 67 26.49 -9.01 25.59
CA HIS A 67 25.49 -9.54 24.68
C HIS A 67 25.92 -9.36 23.24
N ASP A 68 25.27 -10.08 22.32
CA ASP A 68 25.46 -9.88 20.87
C ASP A 68 26.93 -9.93 20.43
N THR A 69 27.63 -11.00 20.78
CA THR A 69 29.08 -11.04 20.60
C THR A 69 29.54 -11.07 19.15
N LEU A 70 28.63 -11.34 18.22
CA LEU A 70 28.96 -11.25 16.80
C LEU A 70 29.18 -9.79 16.38
N THR A 71 28.48 -8.87 17.03
CA THR A 71 28.48 -7.48 16.57
C THR A 71 28.88 -6.45 17.64
N ASN A 72 28.83 -6.87 18.90
CA ASN A 72 29.17 -6.03 20.05
C ASN A 72 30.58 -5.46 19.97
N PRO A 73 30.71 -4.16 19.65
CA PRO A 73 32.03 -3.53 19.50
C PRO A 73 32.83 -3.45 20.80
N LEU A 74 32.14 -3.37 21.94
CA LEU A 74 32.81 -3.34 23.23
C LEU A 74 33.42 -4.69 23.55
N PHE A 75 32.63 -5.75 23.39
CA PHE A 75 33.14 -7.10 23.57
C PHE A 75 34.35 -7.38 22.68
N LEU A 76 34.30 -6.90 21.44
CA LEU A 76 35.36 -7.16 20.48
C LEU A 76 36.67 -6.53 20.92
N GLU A 77 36.57 -5.36 21.55
CA GLU A 77 37.72 -4.70 22.16
C GLU A 77 38.32 -5.55 23.26
N GLU A 78 37.45 -6.10 24.11
CA GLU A 78 37.89 -6.97 25.19
C GLU A 78 38.53 -8.24 24.63
N ALA A 79 37.92 -8.79 23.58
CA ALA A 79 38.41 -10.00 22.94
C ALA A 79 39.79 -9.80 22.34
N GLN A 80 39.99 -8.65 21.70
CA GLN A 80 41.26 -8.34 21.05
C GLN A 80 42.39 -8.16 22.08
N LEU A 81 42.06 -7.55 23.20
CA LEU A 81 43.02 -7.44 24.30
C LEU A 81 43.41 -8.83 24.79
N SER A 82 42.41 -9.71 24.87
CA SER A 82 42.62 -11.05 25.39
C SER A 82 43.46 -11.90 24.45
N LEU A 83 43.38 -11.58 23.17
CA LEU A 83 44.19 -12.27 22.17
C LEU A 83 45.65 -11.83 22.32
N ASN A 84 45.85 -10.61 22.80
CA ASN A 84 47.18 -10.01 22.89
C ASN A 84 47.96 -10.33 24.16
N ASP A 85 47.27 -10.51 25.29
CA ASP A 85 47.97 -10.83 26.54
C ASP A 85 47.61 -12.19 27.12
N GLY A 86 46.51 -12.77 26.64
CA GLY A 86 46.10 -14.09 27.08
C GLY A 86 45.41 -14.10 28.43
N ARG A 87 45.06 -12.93 28.93
CA ARG A 87 44.32 -12.84 30.19
C ARG A 87 42.83 -13.13 29.94
N THR A 88 42.22 -13.88 30.84
CA THR A 88 40.80 -14.18 30.75
C THR A 88 39.97 -13.00 31.25
N ARG A 89 39.10 -12.48 30.38
CA ARG A 89 38.25 -11.34 30.73
C ARG A 89 36.78 -11.73 30.74
N PHE A 90 36.49 -12.87 30.11
CA PHE A 90 35.12 -13.32 29.93
C PHE A 90 35.08 -14.82 29.68
N VAL A 91 33.92 -15.43 29.87
CA VAL A 91 33.71 -16.83 29.52
C VAL A 91 32.39 -16.99 28.75
N PHE A 92 32.40 -17.79 27.70
CA PHE A 92 31.16 -18.11 26.99
C PHE A 92 30.39 -19.16 27.77
N ASP A 93 29.38 -18.70 28.52
CA ASP A 93 28.63 -19.57 29.42
C ASP A 93 27.26 -19.96 28.85
N ASP A 94 27.04 -19.65 27.57
CA ASP A 94 25.80 -20.06 26.92
C ASP A 94 25.66 -21.58 26.98
N ASP A 95 24.55 -22.04 27.52
CA ASP A 95 24.39 -23.44 27.85
C ASP A 95 22.99 -23.95 27.50
N ASN A 96 22.82 -25.25 27.59
CA ASN A 96 21.50 -25.86 27.42
C ASN A 96 20.68 -25.63 28.67
N PHE A 97 19.56 -24.93 28.52
CA PHE A 97 18.74 -24.52 29.66
C PHE A 97 18.09 -25.72 30.34
N ILE A 98 18.23 -25.80 31.65
CA ILE A 98 17.43 -26.70 32.46
C ILE A 98 16.17 -25.98 32.89
N TYR A 99 15.01 -26.58 32.61
CA TYR A 99 13.74 -25.98 33.02
C TYR A 99 13.08 -26.83 34.11
N ILE A 100 12.63 -26.18 35.17
CA ILE A 100 12.10 -26.89 36.33
C ILE A 100 10.72 -26.43 36.74
N ASP A 101 9.79 -27.38 36.81
CA ASP A 101 8.45 -27.13 37.31
C ASP A 101 8.36 -27.74 38.71
N GLU A 102 7.56 -27.13 39.58
CA GLU A 102 7.51 -27.54 40.97
C GLU A 102 7.04 -29.00 41.17
N GLU A 103 6.02 -29.40 40.42
CA GLU A 103 5.44 -30.73 40.60
C GLU A 103 6.04 -31.79 39.69
N ARG A 104 6.42 -31.41 38.48
CA ARG A 104 6.92 -32.37 37.50
C ARG A 104 8.46 -32.48 37.55
N GLY A 105 9.10 -31.44 38.05
CA GLY A 105 10.55 -31.41 38.08
C GLY A 105 11.07 -30.98 36.73
N ARG A 106 12.16 -31.61 36.30
CA ARG A 106 12.81 -31.23 35.05
C ARG A 106 11.89 -31.46 33.85
N VAL A 107 11.92 -30.50 32.94
CA VAL A 107 10.93 -30.42 31.89
C VAL A 107 11.62 -30.10 30.56
N ASP A 108 12.93 -29.85 30.64
CA ASP A 108 13.74 -29.52 29.47
C ASP A 108 14.10 -30.75 28.67
N HIS A 109 14.27 -30.57 27.36
CA HIS A 109 14.77 -31.61 26.47
C HIS A 109 13.99 -32.91 26.65
N ASP A 110 12.68 -32.78 26.80
CA ASP A 110 11.79 -33.91 27.06
C ASP A 110 11.27 -34.47 25.75
N LYS A 111 11.32 -35.79 25.59
CA LYS A 111 10.96 -36.44 24.33
C LYS A 111 9.47 -36.42 24.00
N GLU A 112 8.62 -36.17 24.99
CA GLU A 112 7.19 -36.04 24.74
C GLU A 112 6.70 -34.59 24.81
N LEU A 113 7.31 -33.80 25.68
CA LEU A 113 6.90 -32.40 25.83
C LEU A 113 7.42 -31.52 24.70
N LEU A 114 8.68 -31.72 24.33
CA LEU A 114 9.30 -31.00 23.21
C LEU A 114 9.09 -29.48 23.31
N LEU A 115 9.21 -28.95 24.52
CA LEU A 115 8.81 -27.56 24.77
C LEU A 115 9.66 -26.54 24.01
N GLU A 116 10.95 -26.85 23.85
CA GLU A 116 11.87 -25.97 23.16
C GLU A 116 11.49 -25.80 21.70
N ILE A 117 11.02 -26.89 21.10
CA ILE A 117 10.59 -26.85 19.69
C ILE A 117 9.36 -25.95 19.49
N VAL A 118 8.32 -26.14 20.30
CA VAL A 118 7.15 -25.27 20.18
C VAL A 118 7.43 -23.83 20.61
N ASP A 119 8.45 -23.63 21.44
CA ASP A 119 8.87 -22.29 21.82
C ASP A 119 9.45 -21.56 20.61
N ASN A 120 10.24 -22.26 19.80
CA ASN A 120 10.72 -21.66 18.57
C ASN A 120 9.60 -21.34 17.58
N GLU A 121 8.58 -22.20 17.51
CA GLU A 121 7.43 -21.92 16.65
C GLU A 121 6.69 -20.67 17.14
N MET A 122 6.55 -20.59 18.46
CA MET A 122 6.01 -19.41 19.13
C MET A 122 6.79 -18.15 18.74
N SER A 123 8.12 -18.23 18.75
CA SER A 123 8.92 -17.06 18.38
C SER A 123 8.78 -16.74 16.89
N LYS A 124 8.63 -17.77 16.07
CA LYS A 124 8.36 -17.57 14.65
C LYS A 124 6.98 -16.93 14.45
N PHE A 125 6.00 -17.40 15.21
CA PHE A 125 4.67 -16.81 15.23
C PHE A 125 4.73 -15.31 15.55
N ALA A 126 5.51 -14.95 16.57
CA ALA A 126 5.64 -13.56 16.97
C ALA A 126 6.27 -12.70 15.86
N GLU A 127 7.32 -13.24 15.25
CA GLU A 127 7.99 -12.58 14.14
C GLU A 127 7.02 -12.32 12.99
N LEU A 128 6.23 -13.35 12.64
CA LEU A 128 5.27 -13.23 11.56
C LEU A 128 4.12 -12.28 11.90
N GLU A 129 3.78 -12.17 13.17
CA GLU A 129 2.71 -11.25 13.59
C GLU A 129 3.10 -9.79 13.32
N PHE A 130 4.37 -9.47 13.54
CA PHE A 130 4.82 -8.08 13.50
C PHE A 130 5.80 -7.76 12.37
N HIS A 131 6.74 -8.67 12.13
CA HIS A 131 7.91 -8.36 11.31
C HIS A 131 7.71 -8.72 9.84
N GLN A 132 6.52 -8.46 9.33
CA GLN A 132 6.23 -8.56 7.91
C GLN A 132 5.22 -7.46 7.63
N HIS A 133 4.62 -6.95 8.69
CA HIS A 133 3.43 -6.11 8.58
C HIS A 133 3.68 -4.66 8.98
N LEU A 134 2.60 -3.89 8.98
CA LEU A 134 2.63 -2.48 9.33
C LEU A 134 1.22 -2.07 9.75
N GLY A 135 1.11 -1.36 10.86
CA GLY A 135 -0.18 -0.94 11.37
C GLY A 135 -0.77 -1.95 12.35
N VAL A 136 -0.01 -2.98 12.68
CA VAL A 136 -0.47 -3.98 13.64
C VAL A 136 -0.45 -3.42 15.05
N SER A 137 -1.57 -3.57 15.76
CA SER A 137 -1.68 -3.11 17.14
CA SER A 137 -1.65 -3.09 17.13
C SER A 137 -0.75 -3.90 18.05
N ASP A 138 -0.13 -3.19 19.00
CA ASP A 138 0.73 -3.84 19.97
C ASP A 138 -0.16 -4.45 21.05
N CYS A 139 0.40 -5.36 21.84
CA CYS A 139 -0.33 -5.98 22.93
C CYS A 139 0.69 -6.47 23.93
N SER A 140 0.24 -6.99 25.07
CA SER A 140 1.18 -7.50 26.06
C SER A 140 1.75 -8.84 25.59
N PHE A 141 2.90 -9.23 26.14
CA PHE A 141 3.49 -10.50 25.77
C PHE A 141 2.55 -11.65 26.13
N PHE A 142 1.92 -11.53 27.29
CA PHE A 142 0.90 -12.47 27.71
C PHE A 142 -0.18 -12.70 26.64
N GLN A 143 -0.71 -11.60 26.11
CA GLN A 143 -1.79 -11.64 25.12
C GLN A 143 -1.34 -12.33 23.84
N LEU A 144 -0.08 -12.12 23.47
CA LEU A 144 0.51 -12.75 22.29
C LEU A 144 0.61 -14.27 22.44
N VAL A 145 1.04 -14.72 23.61
CA VAL A 145 1.11 -16.16 23.89
C VAL A 145 -0.29 -16.79 23.85
N MET A 146 -1.28 -16.08 24.39
CA MET A 146 -2.66 -16.56 24.39
C MET A 146 -3.18 -16.66 22.96
N LYS A 147 -2.84 -15.67 22.15
CA LYS A 147 -3.21 -15.67 20.74
C LYS A 147 -2.57 -16.88 20.04
N TYR A 148 -1.31 -17.15 20.37
CA TYR A 148 -0.61 -18.30 19.78
C TYR A 148 -1.31 -19.61 20.12
N LEU A 149 -1.64 -19.79 21.40
CA LEU A 149 -2.27 -21.02 21.87
C LEU A 149 -3.63 -21.22 21.21
N LEU A 150 -4.36 -20.12 21.05
CA LEU A 150 -5.67 -20.14 20.42
C LEU A 150 -5.56 -20.53 18.94
N GLN A 151 -4.54 -20.02 18.27
CA GLN A 151 -4.36 -20.35 16.86
C GLN A 151 -3.83 -21.76 16.63
N ARG A 152 -3.00 -22.27 17.55
CA ARG A 152 -2.28 -23.52 17.29
C ARG A 152 -2.72 -24.70 18.15
N ARG A 153 -3.78 -24.53 18.92
CA ARG A 153 -4.24 -25.56 19.88
C ARG A 153 -4.50 -26.93 19.24
N GLN A 154 -4.94 -26.93 17.98
CA GLN A 154 -5.16 -28.19 17.27
C GLN A 154 -3.86 -28.99 17.14
N PHE A 155 -2.74 -28.29 17.19
CA PHE A 155 -1.44 -28.90 16.97
C PHE A 155 -0.57 -28.86 18.22
N LEU A 156 -1.22 -28.82 19.39
CA LEU A 156 -0.54 -28.84 20.67
C LEU A 156 -1.16 -29.85 21.62
N THR A 157 -0.32 -30.61 22.31
CA THR A 157 -0.79 -31.52 23.35
C THR A 157 -1.21 -30.74 24.58
N ASN A 158 -1.96 -31.40 25.46
CA ASN A 158 -2.39 -30.78 26.71
C ASN A 158 -1.22 -30.28 27.55
N ASP A 159 -0.19 -31.12 27.70
CA ASP A 159 0.99 -30.75 28.48
C ASP A 159 1.78 -29.62 27.83
N GLN A 160 1.76 -29.56 26.50
CA GLN A 160 2.36 -28.43 25.79
C GLN A 160 1.61 -27.13 26.08
N ILE A 161 0.29 -27.19 26.07
CA ILE A 161 -0.52 -26.01 26.37
C ILE A 161 -0.27 -25.55 27.80
N ARG A 162 -0.17 -26.48 28.72
CA ARG A 162 0.06 -26.13 30.12
C ARG A 162 1.43 -25.49 30.36
N TYR A 163 2.48 -26.11 29.83
CA TYR A 163 3.83 -25.75 30.23
C TYR A 163 4.52 -24.71 29.34
N LEU A 164 4.20 -24.70 28.05
CA LEU A 164 4.81 -23.74 27.12
C LEU A 164 4.69 -22.26 27.51
N PRO A 165 3.49 -21.81 27.93
CA PRO A 165 3.40 -20.41 28.34
C PRO A 165 4.34 -20.05 29.49
N GLN A 166 4.62 -21.01 30.39
CA GLN A 166 5.47 -20.73 31.53
C GLN A 166 6.95 -20.74 31.14
N LEU A 167 7.29 -21.56 30.15
CA LEU A 167 8.65 -21.63 29.65
C LEU A 167 9.02 -20.35 28.90
N CYS A 168 8.15 -19.91 28.00
CA CYS A 168 8.46 -18.76 27.16
C CYS A 168 8.58 -17.46 27.97
N ARG A 169 8.20 -17.48 29.24
CA ARG A 169 8.32 -16.32 30.12
C ARG A 169 9.76 -16.06 30.60
N TYR A 170 10.73 -16.80 30.06
CA TYR A 170 12.12 -16.51 30.33
C TYR A 170 12.46 -15.14 29.77
N LEU A 171 11.71 -14.72 28.76
CA LEU A 171 11.85 -13.41 28.16
C LEU A 171 11.62 -12.28 29.16
N GLU A 172 10.87 -12.55 30.22
CA GLU A 172 10.70 -11.58 31.31
C GLU A 172 12.04 -11.17 31.91
N LEU A 173 13.00 -12.10 31.91
CA LEU A 173 14.30 -11.83 32.51
C LEU A 173 15.27 -11.19 31.52
N TRP A 174 14.84 -11.00 30.27
CA TRP A 174 15.59 -10.21 29.31
C TRP A 174 15.20 -8.73 29.42
N HIS A 175 14.00 -8.48 29.92
CA HIS A 175 13.44 -7.13 29.97
C HIS A 175 13.26 -6.60 31.38
N GLY A 176 13.18 -7.49 32.36
CA GLY A 176 12.93 -7.10 33.73
C GLY A 176 11.47 -6.74 33.97
N LEU A 177 10.57 -7.34 33.19
CA LEU A 177 9.14 -7.08 33.31
C LEU A 177 8.30 -8.34 33.21
N ASP A 178 7.30 -8.45 34.07
CA ASP A 178 6.25 -9.46 33.97
C ASP A 178 5.57 -9.46 32.59
N TRP A 179 5.15 -10.63 32.12
CA TRP A 179 4.62 -10.75 30.77
C TRP A 179 3.36 -9.92 30.46
N LYS A 180 2.59 -9.57 31.49
CA LYS A 180 1.41 -8.73 31.26
C LYS A 180 1.76 -7.24 31.20
N LEU A 181 2.98 -6.91 31.61
CA LEU A 181 3.46 -5.53 31.58
C LEU A 181 4.28 -5.27 30.33
N LEU A 182 4.70 -6.35 29.67
CA LEU A 182 5.66 -6.28 28.59
C LEU A 182 5.03 -6.14 27.21
N SER A 183 5.53 -5.19 26.41
CA SER A 183 5.11 -5.05 25.01
C SER A 183 5.48 -6.27 24.17
N ALA A 184 4.50 -6.83 23.46
CA ALA A 184 4.77 -7.98 22.61
C ALA A 184 5.66 -7.58 21.44
N LYS A 185 5.40 -6.39 20.90
CA LYS A 185 6.13 -5.85 19.75
C LYS A 185 7.64 -5.76 20.02
N ASP A 186 8.00 -5.45 21.27
CA ASP A 186 9.40 -5.24 21.61
C ASP A 186 10.02 -6.48 22.26
N THR A 187 9.22 -7.52 22.42
CA THR A 187 9.64 -8.68 23.21
C THR A 187 10.73 -9.48 22.51
N TYR A 188 10.42 -9.93 21.30
CA TYR A 188 11.29 -10.83 20.57
C TYR A 188 12.26 -10.12 19.64
N PHE A 189 13.33 -9.57 20.21
CA PHE A 189 14.39 -9.05 19.38
C PHE A 189 15.38 -10.17 19.09
N GLY A 190 16.21 -9.97 18.07
CA GLY A 190 17.22 -10.96 17.73
C GLY A 190 18.45 -10.77 18.58
N HIS A 191 19.12 -11.88 18.90
CA HIS A 191 20.40 -11.84 19.57
C HIS A 191 21.45 -12.16 18.52
N GLN A 192 22.46 -11.29 18.41
CA GLN A 192 23.51 -11.49 17.42
C GLN A 192 24.60 -12.38 17.99
N GLY A 193 24.28 -13.66 18.13
CA GLY A 193 25.24 -14.63 18.60
C GLY A 193 25.20 -14.85 20.10
N ARG A 194 26.16 -15.61 20.60
CA ARG A 194 26.19 -15.94 22.01
C ARG A 194 26.50 -14.72 22.86
N ALA A 195 26.13 -14.78 24.12
CA ALA A 195 26.55 -13.80 25.10
C ALA A 195 27.81 -14.31 25.83
N ALA A 196 28.66 -13.40 26.27
CA ALA A 196 29.82 -13.77 27.07
C ALA A 196 29.74 -13.18 28.48
N PHE A 197 29.86 -14.02 29.48
CA PHE A 197 29.78 -13.59 30.87
C PHE A 197 31.07 -12.86 31.23
N ALA A 198 30.95 -11.60 31.65
CA ALA A 198 32.13 -10.78 31.98
C ALA A 198 32.75 -11.20 33.32
N LEU A 199 34.09 -11.24 33.35
CA LEU A 199 34.81 -11.62 34.56
C LEU A 199 35.87 -10.60 34.98
N ASN A 200 35.47 -9.46 35.54
CA ASN A 200 34.09 -9.02 35.63
C ASN A 200 34.02 -7.65 34.96
N TYR A 201 32.85 -7.03 34.98
CA TYR A 201 32.70 -5.73 34.33
C TYR A 201 33.55 -4.59 34.94
N ASP A 202 33.90 -4.71 36.21
CA ASP A 202 34.73 -3.67 36.85
C ASP A 202 36.07 -3.49 36.14
N SER A 203 36.61 -4.57 35.58
CA SER A 203 37.82 -4.49 34.78
C SER A 203 37.62 -3.70 33.49
N VAL A 204 36.41 -3.77 32.93
CA VAL A 204 36.10 -2.98 31.76
C VAL A 204 35.99 -1.50 32.14
N VAL A 205 35.25 -1.24 33.21
CA VAL A 205 35.08 0.12 33.71
C VAL A 205 36.42 0.76 34.04
N GLN A 206 37.27 0.02 34.75
CA GLN A 206 38.55 0.55 35.17
C GLN A 206 39.48 0.87 34.00
N ARG A 207 39.42 0.07 32.93
CA ARG A 207 40.25 0.35 31.77
C ARG A 207 39.85 1.66 31.10
N ILE A 208 38.54 1.83 30.88
CA ILE A 208 38.03 3.06 30.28
C ILE A 208 38.27 4.27 31.19
N ALA A 209 38.02 4.10 32.48
CA ALA A 209 38.24 5.18 33.46
C ALA A 209 39.71 5.65 33.48
N GLN A 210 40.64 4.75 33.18
CA GLN A 210 42.06 5.07 33.22
C GLN A 210 42.59 5.63 31.90
N SER A 211 41.73 5.78 30.91
CA SER A 211 42.16 6.16 29.57
C SER A 211 42.08 7.67 29.31
N PHE A 212 41.67 8.42 30.32
CA PHE A 212 41.64 9.88 30.23
C PHE A 212 42.25 10.48 31.51
N PRO A 213 42.57 11.80 31.51
CA PRO A 213 43.20 12.40 32.69
C PRO A 213 42.40 12.19 33.97
N GLN A 214 43.05 11.68 35.00
CA GLN A 214 42.35 11.30 36.23
C GLN A 214 41.77 12.50 36.99
N ASN A 215 42.31 13.68 36.75
CA ASN A 215 41.79 14.86 37.43
C ASN A 215 40.51 15.42 36.77
N TRP A 216 40.09 14.81 35.67
CA TRP A 216 38.81 15.18 35.05
C TRP A 216 37.64 14.73 35.92
N LEU A 217 37.87 13.66 36.66
CA LEU A 217 36.79 13.00 37.39
C LEU A 217 36.48 13.65 38.73
N LYS A 218 35.21 13.97 38.97
CA LYS A 218 34.76 14.49 40.26
C LYS A 218 33.66 13.60 40.82
N LEU A 219 34.00 12.75 41.78
CA LEU A 219 33.01 11.89 42.42
C LEU A 219 32.25 12.62 43.52
N SER A 220 31.20 11.98 44.02
CA SER A 220 30.36 12.55 45.08
C SER A 220 29.92 13.97 44.73
N CYS A 221 29.55 14.15 43.46
CA CYS A 221 29.21 15.46 42.92
C CYS A 221 27.89 15.41 42.16
N GLU A 222 26.79 15.58 42.88
CA GLU A 222 25.47 15.55 42.27
C GLU A 222 25.14 16.85 41.54
N VAL A 223 24.88 16.75 40.24
CA VAL A 223 24.49 17.92 39.45
C VAL A 223 23.02 18.27 39.73
N LYS A 224 22.76 19.53 40.03
CA LYS A 224 21.42 19.96 40.40
C LYS A 224 20.72 20.81 39.34
N SER A 225 21.48 21.47 38.47
CA SER A 225 20.87 22.29 37.43
C SER A 225 21.80 22.54 36.25
N ILE A 226 21.20 22.75 35.08
CA ILE A 226 21.92 23.03 33.85
C ILE A 226 21.21 24.14 33.08
N THR A 227 21.94 25.21 32.75
CA THR A 227 21.35 26.39 32.12
C THR A 227 22.13 26.80 30.87
N ARG A 228 21.37 27.12 29.83
CA ARG A 228 21.92 27.67 28.61
C ARG A 228 21.61 29.15 28.62
N GLU A 229 22.63 29.98 28.75
CA GLU A 229 22.45 31.39 28.49
C GLU A 229 22.46 31.57 26.97
N PRO A 230 21.77 32.60 26.48
CA PRO A 230 21.88 32.91 25.05
C PRO A 230 23.32 33.29 24.72
N SER A 231 24.14 33.47 25.75
CA SER A 231 25.58 33.67 25.60
C SER A 231 26.28 32.36 25.27
N LYS A 232 25.59 31.48 24.54
CA LYS A 232 26.17 30.24 24.04
C LYS A 232 26.54 29.23 25.14
N ASN A 233 27.39 29.64 26.07
CA ASN A 233 27.91 28.73 27.08
C ASN A 233 26.86 28.10 28.00
N VAL A 234 27.19 26.94 28.54
CA VAL A 234 26.29 26.21 29.42
C VAL A 234 26.81 26.25 30.84
N THR A 235 25.94 26.61 31.77
CA THR A 235 26.28 26.67 33.18
C THR A 235 25.82 25.40 33.90
N VAL A 236 26.72 24.80 34.67
CA VAL A 236 26.41 23.57 35.39
C VAL A 236 26.58 23.79 36.88
N ASN A 237 25.49 23.67 37.63
CA ASN A 237 25.54 23.86 39.08
C ASN A 237 25.49 22.54 39.84
N CYS A 238 26.49 22.33 40.70
CA CYS A 238 26.54 21.14 41.52
C CYS A 238 25.98 21.40 42.92
N GLU A 239 25.60 20.32 43.60
CA GLU A 239 24.97 20.40 44.91
C GLU A 239 25.89 21.02 45.96
N ASP A 240 27.20 20.84 45.80
CA ASP A 240 28.18 21.39 46.73
C ASP A 240 28.38 22.90 46.56
N GLY A 241 27.57 23.50 45.69
CA GLY A 241 27.61 24.93 45.47
C GLY A 241 28.61 25.34 44.40
N THR A 242 29.28 24.35 43.82
CA THR A 242 30.24 24.60 42.76
C THR A 242 29.56 24.91 41.44
N VAL A 243 30.11 25.87 40.70
CA VAL A 243 29.54 26.28 39.41
C VAL A 243 30.59 26.09 38.31
N TYR A 244 30.15 25.51 37.19
CA TYR A 244 31.02 25.36 36.04
C TYR A 244 30.42 25.98 34.79
N ASN A 245 31.29 26.37 33.87
CA ASN A 245 30.87 26.92 32.59
C ASN A 245 31.51 26.09 31.49
N ALA A 246 30.69 25.57 30.58
CA ALA A 246 31.21 24.71 29.52
C ALA A 246 30.65 25.06 28.16
N ASP A 247 31.42 24.76 27.13
CA ASP A 247 30.96 24.95 25.76
C ASP A 247 29.92 23.88 25.43
N TYR A 248 30.21 22.64 25.79
CA TYR A 248 29.30 21.51 25.55
C TYR A 248 29.02 20.73 26.81
N VAL A 249 27.89 20.02 26.82
CA VAL A 249 27.49 19.22 27.97
C VAL A 249 26.85 17.90 27.51
N ILE A 250 27.40 16.78 27.97
CA ILE A 250 26.85 15.45 27.65
C ILE A 250 26.22 14.85 28.90
N ILE A 251 24.91 14.71 28.86
CA ILE A 251 24.16 14.19 29.99
C ILE A 251 23.89 12.70 29.83
N THR A 252 24.36 11.91 30.80
CA THR A 252 24.27 10.45 30.70
C THR A 252 23.46 9.83 31.84
N VAL A 253 22.78 10.64 32.63
CA VAL A 253 21.98 10.13 33.74
C VAL A 253 20.89 9.20 33.18
N PRO A 254 20.43 8.23 33.99
CA PRO A 254 19.48 7.26 33.43
C PRO A 254 18.17 7.93 33.00
N GLN A 255 17.46 7.24 32.10
CA GLN A 255 16.20 7.74 31.60
C GLN A 255 15.23 8.03 32.75
N SER A 256 15.24 7.15 33.75
CA SER A 256 14.40 7.28 34.94
C SER A 256 14.73 8.54 35.76
N VAL A 257 16.01 8.89 35.82
CA VAL A 257 16.45 10.06 36.59
C VAL A 257 16.15 11.32 35.77
N LEU A 258 16.38 11.25 34.47
CA LEU A 258 16.08 12.36 33.57
C LEU A 258 14.58 12.70 33.58
N ASN A 259 13.73 11.68 33.71
CA ASN A 259 12.28 11.88 33.76
C ASN A 259 11.85 12.79 34.92
N LEU A 260 12.67 12.86 35.96
CA LEU A 260 12.39 13.72 37.11
C LEU A 260 12.38 15.21 36.72
N SER A 261 13.11 15.54 35.66
CA SER A 261 13.23 16.93 35.23
C SER A 261 11.88 17.51 34.77
N VAL A 262 11.03 16.67 34.19
CA VAL A 262 9.76 17.15 33.66
C VAL A 262 8.67 17.22 34.73
N GLN A 263 9.04 16.88 35.96
CA GLN A 263 8.12 16.98 37.09
C GLN A 263 8.54 18.15 37.99
N PRO A 264 7.55 18.84 38.60
CA PRO A 264 7.77 20.08 39.35
C PRO A 264 8.62 19.99 40.63
N GLU A 265 8.48 18.92 41.41
CA GLU A 265 9.20 18.79 42.68
C GLU A 265 10.72 18.87 42.47
N LYS A 266 11.34 19.92 42.99
CA LYS A 266 12.76 20.18 42.73
C LYS A 266 13.72 19.33 43.56
N ASN A 267 13.35 19.05 44.80
CA ASN A 267 14.27 18.46 45.76
C ASN A 267 14.47 16.95 45.65
N LEU A 268 14.24 16.38 44.48
CA LEU A 268 14.46 14.94 44.32
C LEU A 268 15.92 14.62 44.05
N ARG A 269 16.44 13.62 44.75
CA ARG A 269 17.81 13.16 44.55
C ARG A 269 18.09 12.74 43.12
N GLY A 270 19.10 13.36 42.50
CA GLY A 270 19.44 13.06 41.12
C GLY A 270 18.79 13.99 40.11
N ARG A 271 17.70 14.64 40.51
CA ARG A 271 16.96 15.50 39.58
C ARG A 271 17.73 16.74 39.14
N ILE A 272 17.76 16.95 37.82
CA ILE A 272 18.40 18.11 37.23
C ILE A 272 17.37 19.13 36.76
N GLU A 273 17.51 20.37 37.21
CA GLU A 273 16.67 21.46 36.76
C GLU A 273 17.21 22.05 35.46
N PHE A 274 16.43 21.98 34.40
CA PHE A 274 16.87 22.54 33.12
C PHE A 274 16.28 23.93 32.90
N GLN A 275 17.13 24.85 32.45
CA GLN A 275 16.68 26.17 31.99
C GLN A 275 17.42 26.56 30.71
N PRO A 276 16.68 26.72 29.59
CA PRO A 276 15.24 26.55 29.48
C PRO A 276 14.85 25.07 29.61
N PRO A 277 13.59 24.78 30.00
CA PRO A 277 13.14 23.40 30.24
C PRO A 277 13.36 22.49 29.03
N LEU A 278 13.50 21.19 29.28
CA LEU A 278 13.65 20.22 28.19
C LEU A 278 12.53 20.39 27.19
N LYS A 279 12.87 20.33 25.90
CA LYS A 279 11.91 20.53 24.82
C LYS A 279 10.72 19.58 24.88
N PRO A 280 9.58 19.99 24.32
CA PRO A 280 8.37 19.15 24.37
C PRO A 280 8.55 17.79 23.74
N VAL A 281 9.35 17.68 22.67
CA VAL A 281 9.59 16.39 22.05
C VAL A 281 10.27 15.44 23.02
N ILE A 282 11.20 15.96 23.83
CA ILE A 282 11.86 15.15 24.85
C ILE A 282 10.89 14.84 25.98
N GLN A 283 10.16 15.85 26.43
CA GLN A 283 9.21 15.69 27.53
C GLN A 283 8.10 14.68 27.17
N ASP A 284 7.59 14.76 25.95
CA ASP A 284 6.51 13.88 25.52
C ASP A 284 7.00 12.45 25.24
N ALA A 285 8.28 12.32 24.91
CA ALA A 285 8.88 11.00 24.69
C ALA A 285 8.82 10.10 25.94
N PHE A 286 8.85 10.70 27.13
CA PHE A 286 8.74 9.92 28.36
C PHE A 286 7.40 9.19 28.49
N ASP A 287 6.39 9.66 27.76
CA ASP A 287 5.09 9.01 27.78
C ASP A 287 5.11 7.71 26.96
N LYS A 288 6.10 7.57 26.08
CA LYS A 288 6.12 6.47 25.12
C LYS A 288 7.27 5.47 25.34
N ILE A 289 7.90 5.55 26.49
CA ILE A 289 8.93 4.59 26.86
C ILE A 289 8.97 4.51 28.38
N HIS A 290 9.28 3.33 28.91
CA HIS A 290 9.26 3.15 30.36
C HIS A 290 10.54 2.53 30.88
N PHE A 291 10.51 2.09 32.14
CA PHE A 291 11.72 1.63 32.80
C PHE A 291 11.47 0.30 33.51
N GLY A 292 12.24 -0.71 33.16
CA GLY A 292 12.05 -2.03 33.70
C GLY A 292 12.77 -2.18 35.03
N ALA A 293 12.59 -3.32 35.69
CA ALA A 293 13.21 -3.56 36.97
C ALA A 293 13.78 -4.97 37.06
N LEU A 294 14.75 -5.28 36.21
CA LEU A 294 15.52 -6.51 36.38
C LEU A 294 16.26 -6.40 37.71
N GLY A 295 16.19 -7.46 38.52
CA GLY A 295 16.87 -7.47 39.81
C GLY A 295 17.71 -8.72 39.96
N LYS A 296 18.60 -8.72 40.95
CA LYS A 296 19.50 -9.85 41.16
C LYS A 296 19.58 -10.29 42.62
N VAL A 297 19.64 -11.60 42.82
CA VAL A 297 19.95 -12.18 44.12
C VAL A 297 21.04 -13.22 43.94
N ILE A 298 22.09 -13.09 44.75
CA ILE A 298 23.20 -14.03 44.74
C ILE A 298 23.14 -14.92 45.97
N PHE A 299 23.01 -16.22 45.75
CA PHE A 299 23.07 -17.19 46.84
C PHE A 299 24.45 -17.81 46.89
N GLU A 300 25.19 -17.56 47.96
CA GLU A 300 26.53 -18.11 48.11
C GLU A 300 26.52 -19.34 49.00
N PHE A 301 27.00 -20.46 48.46
CA PHE A 301 27.05 -21.70 49.21
C PHE A 301 28.48 -22.00 49.64
N GLU A 302 28.63 -22.86 50.65
CA GLU A 302 29.96 -23.19 51.15
C GLU A 302 30.80 -23.90 50.09
N GLU A 303 30.21 -24.91 49.45
CA GLU A 303 30.88 -25.60 48.36
C GLU A 303 29.85 -26.28 47.45
N CYS A 304 30.25 -26.55 46.21
CA CYS A 304 29.35 -27.15 45.24
C CYS A 304 29.17 -28.64 45.47
N CYS A 305 27.96 -29.04 45.86
CA CYS A 305 27.64 -30.45 45.99
C CYS A 305 26.44 -30.81 45.10
N TRP A 306 26.31 -30.09 44.00
CA TRP A 306 25.23 -30.33 43.04
C TRP A 306 25.80 -30.63 41.66
N SER A 307 24.95 -31.14 40.77
CA SER A 307 25.37 -31.44 39.41
C SER A 307 25.66 -30.18 38.61
N ASN A 308 26.80 -30.18 37.92
CA ASN A 308 27.16 -29.08 37.01
C ASN A 308 26.81 -29.41 35.56
N GLU A 309 25.66 -30.04 35.34
CA GLU A 309 25.22 -30.34 33.98
C GLU A 309 25.07 -29.06 33.15
N SER A 310 24.54 -28.01 33.77
CA SER A 310 24.31 -26.76 33.07
C SER A 310 24.58 -25.53 33.93
N SER A 311 24.91 -24.43 33.26
CA SER A 311 25.06 -23.15 33.93
C SER A 311 23.74 -22.36 33.92
N LYS A 312 22.78 -22.82 33.13
CA LYS A 312 21.53 -22.10 32.95
C LYS A 312 20.34 -22.89 33.49
N ILE A 313 19.64 -22.31 34.47
CA ILE A 313 18.49 -22.96 35.08
C ILE A 313 17.33 -21.99 35.25
N VAL A 314 16.17 -22.35 34.71
CA VAL A 314 14.96 -21.54 34.87
C VAL A 314 13.89 -22.32 35.62
N THR A 315 13.36 -21.71 36.67
CA THR A 315 12.26 -22.32 37.40
C THR A 315 10.95 -21.73 36.89
N LEU A 316 10.01 -22.60 36.55
CA LEU A 316 8.76 -22.17 35.95
C LEU A 316 7.75 -21.86 37.03
N ALA A 317 6.98 -20.79 36.82
CA ALA A 317 5.85 -20.51 37.71
C ALA A 317 4.83 -21.64 37.60
N ASN A 318 4.07 -21.86 38.66
CA ASN A 318 3.07 -22.92 38.66
C ASN A 318 2.05 -22.77 37.53
N SER A 319 1.63 -23.90 36.97
CA SER A 319 0.58 -23.91 35.96
C SER A 319 -0.51 -24.89 36.37
N THR A 320 -1.62 -24.89 35.65
CA THR A 320 -2.74 -25.75 36.00
C THR A 320 -3.31 -26.47 34.78
N ASN A 321 -3.95 -27.61 35.03
CA ASN A 321 -4.69 -28.31 33.99
C ASN A 321 -5.98 -27.57 33.65
N GLU A 322 -6.50 -26.82 34.62
CA GLU A 322 -7.72 -26.05 34.39
C GLU A 322 -7.47 -25.02 33.31
N PHE A 323 -6.24 -24.50 33.27
CA PHE A 323 -5.84 -23.57 32.24
C PHE A 323 -5.94 -24.21 30.86
N VAL A 324 -5.52 -25.46 30.76
CA VAL A 324 -5.60 -26.21 29.50
C VAL A 324 -7.03 -26.33 29.01
N GLU A 325 -7.93 -26.74 29.90
CA GLU A 325 -9.35 -26.86 29.56
C GLU A 325 -9.94 -25.53 29.06
N ILE A 326 -9.49 -24.43 29.66
CA ILE A 326 -9.96 -23.11 29.28
C ILE A 326 -9.50 -22.75 27.87
N VAL A 327 -8.24 -23.04 27.56
CA VAL A 327 -7.70 -22.79 26.22
C VAL A 327 -8.44 -23.60 25.16
N ARG A 328 -8.68 -24.87 25.44
CA ARG A 328 -9.33 -25.76 24.47
C ARG A 328 -10.81 -25.42 24.30
N ASN A 329 -11.43 -24.85 25.33
CA ASN A 329 -12.85 -24.57 25.29
C ASN A 329 -13.25 -23.16 24.86
N ALA A 330 -12.31 -22.22 24.92
CA ALA A 330 -12.60 -20.83 24.57
C ALA A 330 -12.87 -20.67 23.07
N GLU A 331 -13.89 -19.90 22.72
CA GLU A 331 -14.28 -19.70 21.32
C GLU A 331 -13.41 -18.67 20.61
N ASN A 332 -12.90 -17.71 21.36
CA ASN A 332 -12.06 -16.64 20.82
C ASN A 332 -11.31 -15.93 21.93
N LEU A 333 -10.47 -14.95 21.56
CA LEU A 333 -9.62 -14.27 22.53
C LEU A 333 -10.41 -13.62 23.66
N ASP A 334 -11.51 -12.95 23.28
CA ASP A 334 -12.36 -12.26 24.24
C ASP A 334 -12.94 -13.24 25.26
N GLU A 335 -13.47 -14.35 24.77
CA GLU A 335 -13.97 -15.41 25.62
C GLU A 335 -12.87 -15.96 26.51
N LEU A 336 -11.67 -16.09 25.96
CA LEU A 336 -10.53 -16.60 26.72
C LEU A 336 -10.21 -15.67 27.89
N ASP A 337 -10.27 -14.36 27.63
CA ASP A 337 -10.01 -13.37 28.67
C ASP A 337 -10.99 -13.48 29.83
N SER A 338 -12.27 -13.63 29.51
CA SER A 338 -13.30 -13.77 30.53
C SER A 338 -13.11 -15.00 31.41
N MET A 339 -12.82 -16.14 30.78
CA MET A 339 -12.67 -17.39 31.49
C MET A 339 -11.47 -17.40 32.44
N LEU A 340 -10.36 -16.82 31.98
CA LEU A 340 -9.14 -16.78 32.77
C LEU A 340 -9.29 -15.89 34.00
N GLU A 341 -10.11 -14.86 33.87
CA GLU A 341 -10.37 -13.94 34.98
C GLU A 341 -11.15 -14.63 36.10
N ARG A 342 -12.15 -15.43 35.73
CA ARG A 342 -12.96 -16.11 36.74
C ARG A 342 -12.18 -17.26 37.38
N GLU A 343 -11.17 -17.77 36.68
CA GLU A 343 -10.29 -18.79 37.23
C GLU A 343 -9.40 -18.16 38.31
N ASP A 344 -8.98 -16.93 38.05
CA ASP A 344 -8.10 -16.21 38.96
C ASP A 344 -8.80 -15.88 40.28
N SER A 345 -10.01 -15.35 40.18
CA SER A 345 -10.79 -14.97 41.35
C SER A 345 -11.21 -16.19 42.16
N THR A 349 -4.02 -15.54 45.71
CA THR A 349 -3.27 -15.81 46.93
C THR A 349 -2.06 -14.88 47.08
N SER A 350 -1.09 -15.30 47.90
CA SER A 350 0.12 -14.51 48.07
C SER A 350 1.17 -14.90 47.04
N VAL A 351 1.91 -13.91 46.57
CA VAL A 351 3.05 -14.16 45.68
C VAL A 351 4.10 -14.99 46.40
N THR A 352 4.54 -16.08 45.77
CA THR A 352 5.62 -16.90 46.31
C THR A 352 6.75 -16.99 45.31
N CYS A 353 7.74 -17.81 45.61
CA CYS A 353 8.85 -18.00 44.69
C CYS A 353 8.41 -18.75 43.42
N TRP A 354 7.23 -19.35 43.46
CA TRP A 354 6.67 -20.06 42.31
C TRP A 354 5.62 -19.26 41.54
N SER A 355 5.49 -17.97 41.84
CA SER A 355 4.46 -17.15 41.20
C SER A 355 4.92 -16.57 39.85
N GLN A 356 6.21 -16.74 39.55
CA GLN A 356 6.80 -16.12 38.37
C GLN A 356 8.04 -16.91 38.03
N PRO A 357 8.48 -16.84 36.76
CA PRO A 357 9.72 -17.55 36.43
C PRO A 357 10.93 -16.88 37.09
N LEU A 358 11.90 -17.70 37.47
CA LEU A 358 13.16 -17.19 37.96
C LEU A 358 14.30 -17.81 37.16
N PHE A 359 15.30 -16.99 36.86
CA PHE A 359 16.47 -17.43 36.09
C PHE A 359 17.72 -17.54 36.99
N PHE A 360 18.17 -18.77 37.23
CA PHE A 360 19.34 -19.04 38.08
C PHE A 360 20.57 -19.42 37.28
N VAL A 361 21.63 -18.64 37.42
CA VAL A 361 22.89 -18.97 36.78
C VAL A 361 23.74 -19.83 37.72
N ASN A 362 24.11 -21.02 37.26
CA ASN A 362 24.98 -21.91 38.02
C ASN A 362 26.43 -21.53 37.76
N LEU A 363 26.98 -20.68 38.63
CA LEU A 363 28.33 -20.17 38.45
C LEU A 363 29.39 -21.26 38.66
N SER A 364 29.03 -22.33 39.36
CA SER A 364 29.98 -23.41 39.61
C SER A 364 30.49 -24.03 38.31
N LYS A 365 29.59 -24.23 37.35
CA LYS A 365 29.98 -24.81 36.06
C LYS A 365 30.89 -23.89 35.26
N SER A 366 30.52 -22.60 35.17
CA SER A 366 31.21 -21.70 34.27
C SER A 366 32.43 -20.99 34.89
N THR A 367 32.38 -20.75 36.20
CA THR A 367 33.44 -19.97 36.84
C THR A 367 34.14 -20.71 37.98
N GLY A 368 33.57 -21.83 38.39
CA GLY A 368 34.15 -22.64 39.46
C GLY A 368 33.78 -22.14 40.84
N VAL A 369 32.87 -21.17 40.89
CA VAL A 369 32.45 -20.57 42.15
C VAL A 369 31.12 -21.15 42.63
N ALA A 370 31.07 -21.57 43.89
CA ALA A 370 29.90 -22.25 44.43
C ALA A 370 28.76 -21.30 44.79
N SER A 371 28.26 -20.57 43.81
CA SER A 371 27.15 -19.64 44.01
C SER A 371 26.13 -19.69 42.87
N PHE A 372 24.90 -19.24 43.14
CA PHE A 372 23.90 -19.05 42.10
C PHE A 372 23.61 -17.56 41.96
N MET A 373 23.65 -17.06 40.72
CA MET A 373 23.19 -15.70 40.43
C MET A 373 21.78 -15.74 39.83
N MET A 374 20.81 -15.26 40.60
CA MET A 374 19.41 -15.32 40.19
C MET A 374 18.88 -13.98 39.71
N LEU A 375 18.19 -14.00 38.58
CA LEU A 375 17.54 -12.80 38.05
C LEU A 375 16.04 -12.85 38.30
N MET A 376 15.47 -11.70 38.65
CA MET A 376 14.04 -11.58 38.90
C MET A 376 13.55 -10.35 38.15
N GLN A 377 12.23 -10.17 38.10
CA GLN A 377 11.63 -9.11 37.30
C GLN A 377 10.59 -8.36 38.10
N ALA A 378 10.20 -7.16 37.63
CA ALA A 378 9.06 -6.45 38.18
C ALA A 378 7.80 -7.28 37.95
N PRO A 379 6.91 -7.34 38.96
CA PRO A 379 6.98 -6.59 40.22
C PRO A 379 7.71 -7.28 41.36
N LEU A 380 8.21 -8.50 41.14
CA LEU A 380 8.93 -9.18 42.21
C LEU A 380 10.16 -8.39 42.69
N THR A 381 10.92 -7.84 41.73
CA THR A 381 12.16 -7.15 42.04
C THR A 381 11.99 -6.07 43.11
N ASN A 382 10.92 -5.29 42.98
CA ASN A 382 10.69 -4.20 43.93
C ASN A 382 10.44 -4.70 45.35
N HIS A 383 9.64 -5.76 45.47
N HIS A 383 9.64 -5.76 45.48
CA HIS A 383 9.30 -6.33 46.77
CA HIS A 383 9.32 -6.30 46.79
C HIS A 383 10.52 -6.96 47.45
C HIS A 383 10.55 -6.94 47.45
N ILE A 384 11.35 -7.63 46.66
CA ILE A 384 12.54 -8.29 47.18
C ILE A 384 13.61 -7.28 47.59
N GLU A 385 13.78 -6.25 46.78
CA GLU A 385 14.77 -5.22 47.10
C GLU A 385 14.34 -4.40 48.31
N SER A 386 13.03 -4.34 48.58
CA SER A 386 12.55 -3.62 49.75
C SER A 386 12.78 -4.40 51.04
N ILE A 387 13.17 -5.67 50.93
CA ILE A 387 13.52 -6.48 52.10
C ILE A 387 14.93 -7.07 52.01
N ARG A 388 15.78 -6.43 51.23
CA ARG A 388 17.13 -6.93 50.99
C ARG A 388 17.99 -7.13 52.24
N GLU A 389 17.58 -6.56 53.36
CA GLU A 389 18.35 -6.70 54.59
C GLU A 389 17.70 -7.63 55.62
N ASP A 390 16.57 -8.25 55.24
CA ASP A 390 15.93 -9.25 56.08
C ASP A 390 16.29 -10.65 55.56
N LYS A 391 17.47 -11.12 55.92
CA LYS A 391 18.02 -12.36 55.36
C LYS A 391 17.22 -13.62 55.68
N GLU A 392 16.62 -13.67 56.86
CA GLU A 392 15.76 -14.80 57.23
C GLU A 392 14.53 -14.85 56.34
N ARG A 393 13.99 -13.68 56.04
CA ARG A 393 12.78 -13.57 55.23
C ARG A 393 13.08 -13.88 53.76
N LEU A 394 14.28 -13.51 53.33
CA LEU A 394 14.74 -13.83 51.98
C LEU A 394 14.87 -15.34 51.82
N PHE A 395 15.51 -15.98 52.80
CA PHE A 395 15.73 -17.42 52.75
C PHE A 395 14.41 -18.18 52.74
N SER A 396 13.47 -17.78 53.59
CA SER A 396 12.17 -18.44 53.64
C SER A 396 11.38 -18.30 52.33
N PHE A 397 11.59 -17.19 51.63
CA PHE A 397 10.89 -16.96 50.38
C PHE A 397 11.43 -17.84 49.26
N PHE A 398 12.75 -17.92 49.16
CA PHE A 398 13.40 -18.63 48.06
C PHE A 398 13.71 -20.09 48.38
N GLN A 399 13.52 -20.49 49.63
CA GLN A 399 13.79 -21.88 50.03
C GLN A 399 13.11 -22.96 49.17
N PRO A 400 11.80 -22.79 48.85
CA PRO A 400 11.17 -23.85 48.06
C PRO A 400 11.76 -24.05 46.66
N VAL A 401 12.08 -22.98 45.95
CA VAL A 401 12.70 -23.15 44.63
C VAL A 401 14.14 -23.66 44.75
N LEU A 402 14.87 -23.15 45.73
CA LEU A 402 16.25 -23.60 45.97
C LEU A 402 16.31 -25.10 46.25
N ASN A 403 15.35 -25.59 47.03
CA ASN A 403 15.32 -27.03 47.33
C ASN A 403 14.91 -27.86 46.13
N LYS A 404 13.99 -27.34 45.31
CA LYS A 404 13.58 -28.04 44.10
C LYS A 404 14.74 -28.13 43.12
N ILE A 405 15.50 -27.04 43.02
CA ILE A 405 16.69 -27.02 42.18
C ILE A 405 17.72 -28.07 42.62
N MET A 406 18.02 -28.10 43.91
CA MET A 406 19.01 -29.05 44.42
C MET A 406 18.60 -30.49 44.13
N LYS A 407 17.35 -30.81 44.44
CA LYS A 407 16.75 -32.10 44.12
C LYS A 407 16.96 -32.49 42.66
N CYS A 408 16.64 -31.57 41.74
CA CYS A 408 16.80 -31.83 40.31
C CYS A 408 18.27 -31.87 39.90
N LEU A 409 19.15 -31.36 40.75
CA LEU A 409 20.58 -31.39 40.48
C LEU A 409 21.29 -32.46 41.32
N ASP A 410 20.59 -33.54 41.62
CA ASP A 410 21.14 -34.69 42.34
C ASP A 410 21.76 -34.32 43.70
N SER A 411 21.20 -33.30 44.35
CA SER A 411 21.67 -32.88 45.66
C SER A 411 20.54 -32.98 46.67
N GLU A 412 20.68 -32.27 47.80
CA GLU A 412 19.69 -32.32 48.86
C GLU A 412 19.26 -30.93 49.32
N ASP A 413 18.29 -30.90 50.24
CA ASP A 413 17.72 -29.65 50.75
C ASP A 413 18.78 -28.70 51.31
N VAL A 414 18.53 -27.40 51.16
CA VAL A 414 19.49 -26.38 51.58
C VAL A 414 19.50 -26.20 53.09
N ILE A 415 20.70 -26.06 53.65
CA ILE A 415 20.83 -25.75 55.07
C ILE A 415 21.21 -24.28 55.28
N ASP A 416 20.45 -23.60 56.13
CA ASP A 416 20.70 -22.20 56.47
C ASP A 416 21.91 -22.08 57.40
N GLY A 417 23.07 -21.81 56.83
CA GLY A 417 24.27 -21.55 57.61
C GLY A 417 24.78 -20.12 57.45
N MET A 418 23.86 -19.16 57.44
CA MET A 418 24.22 -17.77 57.20
C MET A 418 24.79 -17.10 58.44
N ARG A 419 24.40 -17.60 59.62
CA ARG A 419 24.96 -17.11 60.88
C ARG A 419 26.35 -17.69 61.13
N ALA A 427 28.29 -32.96 55.53
CA ALA A 427 27.98 -34.05 54.60
C ALA A 427 28.08 -33.57 53.15
N ASN A 428 27.17 -34.06 52.31
CA ASN A 428 27.06 -33.58 50.95
C ASN A 428 25.77 -32.78 50.80
N LYS A 429 25.41 -32.07 51.88
CA LYS A 429 24.26 -31.17 51.86
C LYS A 429 24.73 -29.75 51.59
N PRO A 430 23.99 -29.01 50.76
CA PRO A 430 24.37 -27.63 50.40
C PRO A 430 24.13 -26.69 51.57
N VAL A 431 25.18 -25.95 51.95
CA VAL A 431 25.07 -24.99 53.04
C VAL A 431 25.14 -23.59 52.50
N LEU A 432 24.07 -22.82 52.72
CA LEU A 432 24.00 -21.43 52.28
C LEU A 432 24.73 -20.50 53.25
N ARG A 433 25.75 -19.81 52.76
CA ARG A 433 26.60 -18.96 53.60
C ARG A 433 26.22 -17.48 53.58
N ASN A 434 25.63 -17.02 52.48
CA ASN A 434 25.34 -15.59 52.31
C ASN A 434 24.38 -15.30 51.15
N ILE A 435 23.62 -14.23 51.29
CA ILE A 435 22.73 -13.76 50.24
C ILE A 435 23.00 -12.28 49.94
N ILE A 436 23.21 -11.98 48.66
CA ILE A 436 23.41 -10.61 48.21
C ILE A 436 22.25 -10.20 47.29
N VAL A 437 21.68 -9.03 47.55
CA VAL A 437 20.55 -8.54 46.76
C VAL A 437 20.90 -7.20 46.12
N SER A 438 20.45 -7.00 44.88
CA SER A 438 20.67 -5.73 44.19
C SER A 438 19.86 -4.62 44.86
N ASN A 439 20.11 -3.37 44.47
CA ASN A 439 19.41 -2.23 45.07
C ASN A 439 18.93 -1.20 44.04
N TRP A 440 18.90 -1.58 42.76
CA TRP A 440 18.68 -0.60 41.70
C TRP A 440 17.35 0.16 41.76
N THR A 441 16.28 -0.49 42.22
CA THR A 441 14.99 0.18 42.32
C THR A 441 14.95 1.23 43.43
N ARG A 442 15.81 1.08 44.43
CA ARG A 442 15.80 1.99 45.58
C ARG A 442 16.90 3.04 45.51
N ASP A 443 17.92 2.80 44.68
CA ASP A 443 19.01 3.75 44.49
C ASP A 443 18.48 4.96 43.70
N PRO A 444 18.65 6.18 44.25
CA PRO A 444 18.09 7.35 43.58
C PRO A 444 18.85 7.72 42.29
N TYR A 445 20.05 7.20 42.11
CA TYR A 445 20.79 7.52 40.90
C TYR A 445 20.60 6.53 39.76
N SER A 446 19.78 5.50 39.98
CA SER A 446 19.38 4.58 38.90
C SER A 446 17.87 4.42 38.78
N ARG A 447 17.19 4.28 39.92
CA ARG A 447 15.71 4.20 39.94
C ARG A 447 15.13 3.15 38.98
N GLY A 448 15.61 1.92 39.08
CA GLY A 448 15.19 0.86 38.19
C GLY A 448 16.39 0.29 37.48
N ALA A 449 16.16 -0.63 36.54
CA ALA A 449 17.27 -1.32 35.87
C ALA A 449 17.68 -0.69 34.54
N TYR A 450 16.76 -0.65 33.57
CA TYR A 450 17.06 -0.04 32.26
C TYR A 450 15.78 0.18 31.47
N SER A 451 15.87 0.92 30.38
CA SER A 451 14.69 1.28 29.61
C SER A 451 13.99 0.03 29.08
N ALA A 452 12.66 0.08 29.03
CA ALA A 452 11.84 -1.07 28.70
C ALA A 452 10.47 -0.63 28.16
N CYS A 453 9.87 -1.44 27.31
CA CYS A 453 8.60 -1.08 26.66
C CYS A 453 7.35 -1.73 27.24
N PHE A 454 6.37 -0.89 27.60
CA PHE A 454 5.04 -1.36 27.96
C PHE A 454 4.26 -1.45 26.64
N PRO A 455 3.13 -2.18 26.63
CA PRO A 455 2.35 -2.24 25.40
C PRO A 455 1.94 -0.84 24.95
N GLY A 456 2.17 -0.53 23.68
CA GLY A 456 1.87 0.79 23.15
C GLY A 456 3.08 1.70 23.06
N ASP A 457 4.17 1.30 23.70
CA ASP A 457 5.37 2.14 23.72
C ASP A 457 6.06 2.24 22.37
N ASP A 458 6.76 3.35 22.17
CA ASP A 458 7.58 3.54 20.98
C ASP A 458 8.95 4.09 21.35
N PRO A 459 9.92 3.18 21.56
CA PRO A 459 11.26 3.55 22.02
C PRO A 459 11.98 4.47 21.03
N VAL A 460 11.67 4.34 19.75
CA VAL A 460 12.31 5.16 18.72
C VAL A 460 12.11 6.66 18.98
N ASP A 461 10.98 7.03 19.55
CA ASP A 461 10.72 8.42 19.94
C ASP A 461 11.79 8.97 20.90
N MET A 462 12.06 8.24 21.97
CA MET A 462 13.07 8.68 22.93
C MET A 462 14.46 8.72 22.32
N VAL A 463 14.80 7.67 21.58
CA VAL A 463 16.12 7.58 20.95
C VAL A 463 16.36 8.75 20.00
N VAL A 464 15.32 9.14 19.26
CA VAL A 464 15.41 10.26 18.34
C VAL A 464 15.55 11.59 19.09
N ALA A 465 14.69 11.80 20.07
CA ALA A 465 14.73 13.03 20.87
C ALA A 465 16.07 13.16 21.59
N MET A 466 16.57 12.04 22.11
CA MET A 466 17.81 12.04 22.87
C MET A 466 19.00 12.33 21.97
N SER A 467 19.06 11.64 20.83
CA SER A 467 20.24 11.75 19.97
C SER A 467 20.28 13.05 19.16
N ASN A 468 19.16 13.76 19.10
CA ASN A 468 19.12 15.06 18.44
C ASN A 468 19.42 16.19 19.43
N GLY A 469 19.57 15.84 20.70
CA GLY A 469 19.97 16.80 21.72
C GLY A 469 18.88 17.80 22.11
N GLN A 470 19.06 18.40 23.28
CA GLN A 470 18.20 19.50 23.72
C GLN A 470 18.47 20.72 22.86
N ASP A 471 19.76 21.00 22.67
CA ASP A 471 20.20 21.96 21.67
C ASP A 471 21.57 21.53 21.17
N SER A 472 22.23 22.38 20.41
CA SER A 472 23.53 22.01 19.83
C SER A 472 24.60 21.85 20.91
N ARG A 473 24.37 22.45 22.08
CA ARG A 473 25.35 22.41 23.16
C ARG A 473 25.01 21.40 24.26
N ILE A 474 23.72 21.09 24.40
CA ILE A 474 23.27 20.16 25.44
C ILE A 474 22.89 18.82 24.84
N ARG A 475 23.71 17.81 25.10
CA ARG A 475 23.57 16.50 24.46
C ARG A 475 23.29 15.38 25.48
N PHE A 476 22.86 14.24 24.96
CA PHE A 476 22.54 13.09 25.81
C PHE A 476 23.22 11.82 25.32
N ALA A 477 23.57 10.97 26.27
CA ALA A 477 24.10 9.64 25.97
C ALA A 477 23.58 8.69 27.03
N GLY A 478 23.88 7.40 26.88
CA GLY A 478 23.32 6.41 27.78
C GLY A 478 22.51 5.34 27.05
N GLU A 479 22.23 4.24 27.76
CA GLU A 479 21.57 3.07 27.18
C GLU A 479 20.22 3.38 26.51
N HIS A 480 19.60 4.48 26.93
CA HIS A 480 18.28 4.87 26.46
C HIS A 480 18.31 5.83 25.28
N THR A 481 19.50 6.08 24.73
CA THR A 481 19.66 7.09 23.69
C THR A 481 20.06 6.52 22.34
N ILE A 482 19.97 5.21 22.17
CA ILE A 482 20.51 4.56 20.98
C ILE A 482 19.73 3.30 20.57
N MET A 483 19.75 2.98 19.27
CA MET A 483 19.00 1.84 18.74
C MET A 483 19.74 0.51 18.97
N ASP A 484 20.90 0.35 18.36
CA ASP A 484 21.69 -0.87 18.53
C ASP A 484 22.24 -0.94 19.96
N GLY A 485 21.98 -2.06 20.62
CA GLY A 485 22.40 -2.24 22.00
C GLY A 485 21.56 -1.47 22.99
N ALA A 486 20.36 -1.08 22.57
CA ALA A 486 19.39 -0.44 23.45
C ALA A 486 19.27 -1.21 24.76
N GLY A 487 19.40 -0.49 25.87
CA GLY A 487 19.33 -1.13 27.17
C GLY A 487 20.65 -1.76 27.62
N CYS A 488 21.56 -2.02 26.68
CA CYS A 488 22.77 -2.78 26.98
C CYS A 488 23.99 -1.89 27.24
N ALA A 489 24.96 -2.47 27.93
CA ALA A 489 26.19 -1.76 28.25
C ALA A 489 26.89 -1.28 26.99
N TYR A 490 26.85 -2.09 25.93
CA TYR A 490 27.56 -1.71 24.71
C TYR A 490 26.83 -0.59 23.95
N GLY A 491 25.51 -0.54 24.07
CA GLY A 491 24.76 0.58 23.54
C GLY A 491 25.09 1.88 24.27
N ALA A 492 25.12 1.83 25.60
CA ALA A 492 25.54 2.99 26.38
C ALA A 492 26.95 3.43 25.99
N TRP A 493 27.86 2.46 25.87
CA TRP A 493 29.25 2.71 25.49
C TRP A 493 29.34 3.37 24.11
N GLU A 494 28.62 2.83 23.14
CA GLU A 494 28.59 3.40 21.80
C GLU A 494 28.01 4.81 21.77
N SER A 495 26.91 5.02 22.50
CA SER A 495 26.28 6.33 22.59
C SER A 495 27.25 7.41 23.10
N GLY A 496 28.07 7.04 24.08
CA GLY A 496 29.07 7.93 24.61
C GLY A 496 30.13 8.28 23.57
N ARG A 497 30.56 7.27 22.82
CA ARG A 497 31.52 7.48 21.74
C ARG A 497 30.91 8.41 20.70
N ARG A 498 29.64 8.18 20.40
CA ARG A 498 28.90 8.98 19.43
C ARG A 498 28.95 10.47 19.75
N GLU A 499 28.53 10.83 20.96
CA GLU A 499 28.43 12.22 21.36
C GLU A 499 29.79 12.91 21.45
N ALA A 500 30.79 12.18 21.92
CA ALA A 500 32.13 12.76 22.06
C ALA A 500 32.75 13.01 20.69
N THR A 501 32.54 12.08 19.77
CA THR A 501 33.04 12.22 18.41
C THR A 501 32.42 13.44 17.72
N ARG A 502 31.12 13.63 17.91
CA ARG A 502 30.44 14.79 17.34
C ARG A 502 31.03 16.08 17.89
N ILE A 503 31.24 16.12 19.20
CA ILE A 503 31.76 17.30 19.87
C ILE A 503 33.22 17.55 19.50
N SER A 504 34.01 16.47 19.44
CA SER A 504 35.40 16.56 18.98
C SER A 504 35.49 17.28 17.64
N ASP A 505 34.64 16.86 16.70
CA ASP A 505 34.62 17.43 15.36
C ASP A 505 34.25 18.91 15.36
N LEU A 506 33.27 19.28 16.17
CA LEU A 506 32.84 20.67 16.25
C LEU A 506 33.91 21.56 16.87
N LEU A 507 34.64 21.02 17.83
CA LEU A 507 35.64 21.79 18.57
C LEU A 507 36.87 22.13 17.72
N LYS A 508 37.28 21.22 16.84
CA LYS A 508 38.44 21.46 15.99
C LYS A 508 38.13 22.54 14.94
N LEU A 509 36.86 22.70 14.61
CA LEU A 509 36.42 23.68 13.62
C LEU A 509 36.69 25.11 14.07
N GLU A 510 36.94 25.29 15.37
CA GLU A 510 37.21 26.61 15.92
C GLU A 510 38.69 26.96 15.82
N ALA B 7 -9.80 -31.96 -31.55
CA ALA B 7 -10.66 -31.85 -30.38
C ALA B 7 -10.45 -30.52 -29.65
N LYS B 8 -11.54 -29.80 -29.43
CA LYS B 8 -11.50 -28.43 -28.92
C LYS B 8 -11.76 -28.36 -27.41
N LYS B 9 -10.83 -27.74 -26.68
CA LYS B 9 -10.91 -27.69 -25.22
C LYS B 9 -10.73 -26.28 -24.68
N LYS B 10 -11.35 -26.00 -23.53
CA LYS B 10 -11.16 -24.70 -22.88
C LYS B 10 -9.75 -24.59 -22.35
N VAL B 11 -9.34 -25.56 -21.53
CA VAL B 11 -8.00 -25.55 -20.95
C VAL B 11 -7.35 -26.93 -21.08
N ILE B 12 -6.09 -26.95 -21.52
CA ILE B 12 -5.30 -28.16 -21.46
C ILE B 12 -4.16 -28.04 -20.44
N ILE B 13 -4.18 -28.92 -19.44
CA ILE B 13 -3.15 -28.95 -18.42
C ILE B 13 -2.11 -30.03 -18.74
N ILE B 14 -0.85 -29.62 -18.79
CA ILE B 14 0.26 -30.53 -19.05
C ILE B 14 0.91 -30.93 -17.73
N GLY B 15 0.70 -32.17 -17.32
CA GLY B 15 1.26 -32.68 -16.08
C GLY B 15 0.20 -32.86 -15.02
N ALA B 16 0.22 -34.03 -14.38
CA ALA B 16 -0.72 -34.32 -13.29
C ALA B 16 -0.05 -34.51 -11.94
N GLY B 17 0.97 -33.70 -11.66
CA GLY B 17 1.44 -33.52 -10.30
C GLY B 17 0.44 -32.67 -9.53
N ILE B 18 0.79 -32.25 -8.32
CA ILE B 18 -0.15 -31.51 -7.47
C ILE B 18 -0.54 -30.15 -8.07
N ALA B 19 0.40 -29.51 -8.76
CA ALA B 19 0.11 -28.26 -9.45
C ALA B 19 -0.95 -28.49 -10.54
N GLY B 20 -0.76 -29.52 -11.35
CA GLY B 20 -1.70 -29.84 -12.42
C GLY B 20 -3.04 -30.33 -11.93
N LEU B 21 -3.02 -31.12 -10.86
CA LEU B 21 -4.27 -31.63 -10.29
C LEU B 21 -5.10 -30.52 -9.66
N LYS B 22 -4.44 -29.62 -8.94
CA LYS B 22 -5.12 -28.53 -8.27
C LYS B 22 -5.71 -27.56 -9.29
N ALA B 23 -4.95 -27.29 -10.35
CA ALA B 23 -5.45 -26.49 -11.46
C ALA B 23 -6.75 -27.07 -12.05
N ALA B 24 -6.77 -28.38 -12.26
CA ALA B 24 -7.97 -29.03 -12.81
C ALA B 24 -9.11 -29.00 -11.81
N SER B 25 -8.77 -29.23 -10.54
CA SER B 25 -9.76 -29.19 -9.47
C SER B 25 -10.41 -27.81 -9.42
N THR B 26 -9.59 -26.79 -9.59
CA THR B 26 -10.05 -25.41 -9.48
C THR B 26 -10.96 -25.02 -10.64
N LEU B 27 -10.56 -25.41 -11.85
CA LEU B 27 -11.39 -25.21 -13.04
C LEU B 27 -12.78 -25.82 -12.86
N HIS B 28 -12.82 -27.09 -12.47
CA HIS B 28 -14.09 -27.77 -12.24
C HIS B 28 -14.91 -27.10 -11.13
N GLN B 29 -14.23 -26.67 -10.07
CA GLN B 29 -14.89 -26.04 -8.93
C GLN B 29 -15.57 -24.75 -9.33
N ASN B 30 -14.97 -24.06 -10.30
CA ASN B 30 -15.52 -22.82 -10.80
C ASN B 30 -16.33 -22.97 -12.08
N GLY B 31 -16.81 -24.19 -12.32
CA GLY B 31 -17.77 -24.44 -13.38
C GLY B 31 -17.25 -24.46 -14.80
N ILE B 32 -15.94 -24.62 -14.98
CA ILE B 32 -15.37 -24.71 -16.31
C ILE B 32 -15.43 -26.15 -16.85
N GLN B 33 -15.90 -26.29 -18.08
CA GLN B 33 -16.09 -27.62 -18.67
C GLN B 33 -15.14 -27.87 -19.84
N ASP B 34 -15.06 -29.13 -20.27
CA ASP B 34 -14.28 -29.52 -21.45
C ASP B 34 -12.80 -29.21 -21.31
N CYS B 35 -12.20 -29.65 -20.21
CA CYS B 35 -10.77 -29.47 -20.02
C CYS B 35 -10.07 -30.81 -20.10
N LEU B 36 -8.75 -30.79 -20.15
CA LEU B 36 -7.95 -32.02 -20.25
C LEU B 36 -6.70 -31.92 -19.38
N VAL B 37 -6.31 -33.05 -18.79
CA VAL B 37 -5.04 -33.15 -18.09
C VAL B 37 -4.21 -34.25 -18.76
N LEU B 38 -3.12 -33.84 -19.41
CA LEU B 38 -2.25 -34.76 -20.13
C LEU B 38 -1.01 -35.06 -19.29
N GLU B 39 -0.84 -36.32 -18.92
CA GLU B 39 0.26 -36.73 -18.05
C GLU B 39 1.10 -37.80 -18.74
N ALA B 40 2.42 -37.63 -18.70
CA ALA B 40 3.33 -38.52 -19.41
C ALA B 40 3.42 -39.90 -18.75
N ARG B 41 3.35 -39.94 -17.42
CA ARG B 41 3.47 -41.18 -16.68
C ARG B 41 2.15 -41.96 -16.72
N ASP B 42 2.20 -43.21 -16.26
CA ASP B 42 1.01 -44.05 -16.18
C ASP B 42 0.25 -43.86 -14.87
N ARG B 43 0.55 -42.77 -14.17
CA ARG B 43 -0.07 -42.46 -12.88
C ARG B 43 -0.06 -40.96 -12.69
N VAL B 44 -0.89 -40.46 -11.78
CA VAL B 44 -0.82 -39.06 -11.38
C VAL B 44 -0.01 -38.94 -10.10
N GLY B 45 0.30 -37.71 -9.72
CA GLY B 45 0.98 -37.45 -8.48
C GLY B 45 2.33 -36.79 -8.68
N GLY B 46 2.94 -37.06 -9.84
CA GLY B 46 4.27 -36.56 -10.15
C GLY B 46 5.26 -36.90 -9.06
N ARG B 47 5.83 -35.87 -8.45
CA ARG B 47 6.83 -36.07 -7.40
C ARG B 47 6.21 -36.38 -6.03
N LEU B 48 4.89 -36.55 -6.02
CA LEU B 48 4.18 -37.13 -4.88
C LEU B 48 3.90 -38.57 -5.25
N GLN B 49 4.58 -39.49 -4.59
CA GLN B 49 4.34 -40.90 -4.85
C GLN B 49 4.48 -41.72 -3.58
N THR B 50 3.42 -42.43 -3.23
CA THR B 50 3.43 -43.31 -2.06
C THR B 50 3.59 -44.75 -2.54
N VAL B 51 4.61 -45.43 -2.04
CA VAL B 51 4.88 -46.80 -2.46
C VAL B 51 4.61 -47.81 -1.35
N THR B 52 4.38 -49.06 -1.75
CA THR B 52 4.11 -50.12 -0.81
C THR B 52 5.36 -50.98 -0.68
N GLY B 53 5.69 -51.38 0.54
CA GLY B 53 6.87 -52.20 0.74
C GLY B 53 6.53 -53.50 1.46
N TYR B 54 7.40 -53.87 2.39
CA TYR B 54 7.25 -55.08 3.16
C TYR B 54 5.95 -55.09 3.95
N GLN B 55 5.20 -56.18 3.82
CA GLN B 55 3.97 -56.40 4.59
C GLN B 55 2.95 -55.26 4.52
N GLY B 56 2.82 -54.64 3.35
CA GLY B 56 1.83 -53.61 3.13
C GLY B 56 2.15 -52.26 3.75
N ARG B 57 3.38 -52.11 4.24
CA ARG B 57 3.80 -50.81 4.77
C ARG B 57 3.89 -49.81 3.63
N LYS B 58 3.43 -48.60 3.86
CA LYS B 58 3.45 -47.57 2.81
C LYS B 58 4.38 -46.41 3.15
N TYR B 59 5.04 -45.88 2.12
CA TYR B 59 5.99 -44.79 2.30
C TYR B 59 5.92 -43.79 1.17
N ASP B 60 6.00 -42.52 1.52
CA ASP B 60 6.16 -41.46 0.54
C ASP B 60 7.61 -41.41 0.05
N ILE B 61 7.83 -41.75 -1.21
CA ILE B 61 9.18 -41.80 -1.77
C ILE B 61 9.54 -40.48 -2.46
N GLY B 62 8.54 -39.61 -2.64
CA GLY B 62 8.78 -38.23 -2.99
C GLY B 62 8.60 -37.37 -1.75
N ALA B 63 7.78 -36.32 -1.85
CA ALA B 63 7.47 -35.46 -0.69
C ALA B 63 6.81 -36.21 0.45
N SER B 64 7.17 -35.86 1.68
CA SER B 64 6.62 -36.52 2.86
C SER B 64 6.15 -35.55 3.96
N TRP B 65 6.71 -34.34 4.00
CA TRP B 65 6.33 -33.34 5.00
C TRP B 65 5.47 -32.21 4.46
N HIS B 66 4.56 -31.72 5.30
CA HIS B 66 3.98 -30.40 5.10
C HIS B 66 4.89 -29.40 5.78
N HIS B 67 5.55 -28.55 4.99
CA HIS B 67 6.47 -27.58 5.57
C HIS B 67 5.75 -26.29 5.98
N ASP B 68 6.39 -25.52 6.86
CA ASP B 68 5.90 -24.19 7.24
C ASP B 68 4.46 -24.19 7.72
N THR B 69 4.14 -25.06 8.68
CA THR B 69 2.74 -25.26 9.04
C THR B 69 2.02 -24.05 9.65
N LEU B 70 2.77 -23.01 10.04
CA LEU B 70 2.13 -21.77 10.47
C LEU B 70 1.35 -21.11 9.32
N THR B 71 1.89 -21.20 8.11
CA THR B 71 1.35 -20.43 6.98
C THR B 71 0.97 -21.26 5.75
N ASN B 72 1.36 -22.53 5.73
CA ASN B 72 1.12 -23.44 4.61
C ASN B 72 -0.39 -23.62 4.35
N PRO B 73 -0.89 -23.03 3.25
CA PRO B 73 -2.33 -23.06 3.00
C PRO B 73 -2.83 -24.47 2.66
N LEU B 74 -1.99 -25.29 2.04
CA LEU B 74 -2.35 -26.68 1.78
C LEU B 74 -2.49 -27.42 3.09
N PHE B 75 -1.52 -27.24 3.98
CA PHE B 75 -1.58 -27.88 5.29
C PHE B 75 -2.82 -27.44 6.08
N LEU B 76 -3.11 -26.15 6.06
CA LEU B 76 -4.23 -25.62 6.83
C LEU B 76 -5.57 -26.16 6.32
N GLU B 77 -5.64 -26.44 5.01
CA GLU B 77 -6.82 -27.08 4.44
C GLU B 77 -6.94 -28.52 4.93
N GLU B 78 -5.81 -29.24 4.91
CA GLU B 78 -5.74 -30.60 5.45
C GLU B 78 -6.17 -30.67 6.92
N ALA B 79 -5.73 -29.70 7.71
CA ALA B 79 -6.07 -29.65 9.13
C ALA B 79 -7.56 -29.40 9.35
N GLN B 80 -8.13 -28.53 8.52
CA GLN B 80 -9.56 -28.24 8.60
C GLN B 80 -10.36 -29.47 8.23
N LEU B 81 -9.90 -30.21 7.23
CA LEU B 81 -10.58 -31.43 6.79
C LEU B 81 -10.63 -32.47 7.90
N SER B 82 -9.54 -32.59 8.66
CA SER B 82 -9.47 -33.56 9.75
C SER B 82 -10.41 -33.18 10.91
N LEU B 83 -10.53 -31.88 11.16
CA LEU B 83 -11.52 -31.39 12.11
C LEU B 83 -12.91 -31.81 11.65
N ASN B 84 -13.13 -31.71 10.34
CA ASN B 84 -14.42 -32.05 9.74
C ASN B 84 -14.76 -33.53 9.70
N ASP B 85 -13.80 -34.37 9.33
CA ASP B 85 -14.11 -35.77 9.02
C ASP B 85 -13.42 -36.82 9.90
N GLY B 86 -12.64 -36.37 10.89
CA GLY B 86 -12.05 -37.27 11.86
C GLY B 86 -10.94 -38.18 11.34
N ARG B 87 -10.41 -37.88 10.15
CA ARG B 87 -9.30 -38.65 9.61
C ARG B 87 -7.97 -38.12 10.12
N THR B 88 -7.02 -39.03 10.32
CA THR B 88 -5.66 -38.62 10.62
C THR B 88 -4.90 -38.49 9.30
N ARG B 89 -4.43 -37.29 9.00
CA ARG B 89 -3.77 -37.01 7.73
C ARG B 89 -2.29 -36.73 7.90
N PHE B 90 -1.89 -36.45 9.13
CA PHE B 90 -0.51 -36.07 9.42
C PHE B 90 -0.17 -36.26 10.89
N VAL B 91 1.12 -36.18 11.20
CA VAL B 91 1.59 -36.19 12.57
C VAL B 91 2.74 -35.20 12.70
N PHE B 92 2.76 -34.44 13.80
CA PHE B 92 3.89 -33.55 14.04
C PHE B 92 5.06 -34.36 14.57
N ASP B 93 6.09 -34.47 13.75
CA ASP B 93 7.24 -35.32 14.06
C ASP B 93 8.53 -34.53 14.25
N ASP B 94 8.42 -33.22 14.49
CA ASP B 94 9.60 -32.44 14.82
C ASP B 94 10.07 -32.94 16.17
N ASP B 95 11.36 -33.17 16.28
CA ASP B 95 11.92 -33.78 17.47
C ASP B 95 13.29 -33.20 17.69
N ASN B 96 13.86 -33.47 18.86
CA ASN B 96 15.24 -33.10 19.09
C ASN B 96 16.16 -34.05 18.31
N PHE B 97 16.98 -33.49 17.44
CA PHE B 97 17.90 -34.26 16.62
C PHE B 97 18.93 -35.05 17.41
N ILE B 98 19.06 -36.34 17.09
CA ILE B 98 20.18 -37.12 17.57
C ILE B 98 21.29 -37.10 16.53
N TYR B 99 22.46 -36.58 16.91
CA TYR B 99 23.60 -36.50 16.00
C TYR B 99 24.64 -37.56 16.33
N ILE B 100 25.04 -38.34 15.32
CA ILE B 100 25.97 -39.43 15.53
C ILE B 100 27.21 -39.34 14.65
N ASP B 101 28.39 -39.36 15.28
CA ASP B 101 29.65 -39.41 14.54
C ASP B 101 30.22 -40.82 14.71
N GLU B 102 30.95 -41.30 13.70
CA GLU B 102 31.34 -42.71 13.67
C GLU B 102 32.20 -43.11 14.87
N GLU B 103 33.06 -42.20 15.31
CA GLU B 103 34.04 -42.49 16.35
C GLU B 103 33.51 -42.19 17.76
N ARG B 104 32.85 -41.05 17.92
CA ARG B 104 32.43 -40.57 19.23
C ARG B 104 31.04 -41.03 19.68
N GLY B 105 30.19 -41.40 18.73
CA GLY B 105 28.85 -41.84 19.10
C GLY B 105 27.94 -40.63 19.15
N ARG B 106 26.94 -40.64 20.03
CA ARG B 106 26.03 -39.51 20.15
C ARG B 106 26.79 -38.24 20.51
N VAL B 107 26.42 -37.15 19.83
CA VAL B 107 27.15 -35.89 19.90
C VAL B 107 26.18 -34.72 20.17
N ASP B 108 24.88 -35.04 20.18
CA ASP B 108 23.83 -34.05 20.43
C ASP B 108 23.64 -33.71 21.91
N HIS B 109 23.13 -32.51 22.17
CA HIS B 109 22.78 -32.04 23.50
C HIS B 109 23.86 -32.37 24.52
N ASP B 110 25.09 -32.03 24.18
CA ASP B 110 26.25 -32.44 24.97
C ASP B 110 26.77 -31.25 25.77
N LYS B 111 26.90 -31.42 27.09
CA LYS B 111 27.23 -30.31 27.98
C LYS B 111 28.60 -29.67 27.74
N GLU B 112 29.47 -30.35 27.00
CA GLU B 112 30.77 -29.78 26.65
C GLU B 112 30.77 -29.26 25.23
N LEU B 113 30.22 -30.04 24.32
CA LEU B 113 30.21 -29.71 22.90
C LEU B 113 29.28 -28.54 22.58
N LEU B 114 28.07 -28.59 23.13
CA LEU B 114 27.06 -27.55 22.93
C LEU B 114 26.98 -27.15 21.46
N LEU B 115 26.97 -28.15 20.58
CA LEU B 115 27.04 -27.91 19.14
C LEU B 115 25.82 -27.16 18.60
N GLU B 116 24.65 -27.46 19.15
CA GLU B 116 23.42 -26.80 18.69
C GLU B 116 23.47 -25.31 18.93
N ILE B 117 24.12 -24.90 20.01
CA ILE B 117 24.22 -23.48 20.35
C ILE B 117 25.10 -22.72 19.37
N VAL B 118 26.29 -23.23 19.07
CA VAL B 118 27.14 -22.59 18.07
C VAL B 118 26.60 -22.74 16.64
N ASP B 119 25.81 -23.79 16.41
CA ASP B 119 25.07 -23.90 15.15
C ASP B 119 24.12 -22.71 15.00
N ASN B 120 23.38 -22.43 16.07
CA ASN B 120 22.52 -21.25 16.10
CA ASN B 120 22.52 -21.25 16.10
C ASN B 120 23.30 -19.96 15.84
N GLU B 121 24.50 -19.86 16.41
CA GLU B 121 25.32 -18.68 16.19
C GLU B 121 25.76 -18.55 14.74
N MET B 122 26.16 -19.66 14.14
CA MET B 122 26.55 -19.70 12.73
CA MET B 122 26.57 -19.64 12.73
C MET B 122 25.42 -19.23 11.82
N SER B 123 24.21 -19.66 12.14
CA SER B 123 23.05 -19.27 11.33
C SER B 123 22.79 -17.77 11.49
N LYS B 124 23.03 -17.24 12.67
CA LYS B 124 22.90 -15.80 12.88
C LYS B 124 24.00 -15.05 12.11
N PHE B 125 25.21 -15.61 12.15
CA PHE B 125 26.33 -15.12 11.35
C PHE B 125 25.97 -15.06 9.86
N ALA B 126 25.38 -16.13 9.34
CA ALA B 126 24.96 -16.16 7.94
C ALA B 126 23.95 -15.05 7.62
N GLU B 127 22.95 -14.90 8.49
CA GLU B 127 21.96 -13.83 8.34
C GLU B 127 22.63 -12.46 8.28
N LEU B 128 23.52 -12.19 9.24
CA LEU B 128 24.28 -10.95 9.27
C LEU B 128 25.13 -10.74 8.02
N GLU B 129 25.72 -11.83 7.52
CA GLU B 129 26.59 -11.75 6.35
C GLU B 129 25.87 -11.23 5.10
N PHE B 130 24.63 -11.67 4.89
CA PHE B 130 23.91 -11.37 3.66
C PHE B 130 22.71 -10.43 3.84
N HIS B 131 22.66 -9.72 4.97
CA HIS B 131 21.55 -8.80 5.21
C HIS B 131 22.00 -7.41 5.65
N GLN B 132 23.28 -7.11 5.46
CA GLN B 132 23.77 -5.75 5.66
C GLN B 132 23.25 -4.91 4.49
N HIS B 133 23.31 -3.59 4.63
CA HIS B 133 22.85 -2.72 3.55
C HIS B 133 23.68 -2.95 2.30
N LEU B 134 24.99 -3.06 2.48
CA LEU B 134 25.88 -3.42 1.39
C LEU B 134 25.78 -4.92 1.12
N GLY B 135 25.19 -5.26 -0.01
CA GLY B 135 25.11 -6.66 -0.44
C GLY B 135 26.49 -7.19 -0.81
N VAL B 136 26.66 -8.50 -0.69
CA VAL B 136 27.96 -9.12 -0.90
C VAL B 136 27.85 -10.26 -1.91
N SER B 137 29.00 -10.70 -2.44
CA SER B 137 29.01 -11.81 -3.38
C SER B 137 28.59 -13.10 -2.69
N ASP B 138 27.83 -13.92 -3.42
CA ASP B 138 27.43 -15.22 -2.92
C ASP B 138 28.64 -16.14 -2.92
N CYS B 139 28.56 -17.20 -2.13
CA CYS B 139 29.60 -18.23 -2.13
C CYS B 139 28.93 -19.55 -1.78
N SER B 140 29.71 -20.61 -1.66
CA SER B 140 29.12 -21.90 -1.30
C SER B 140 28.90 -21.96 0.20
N PHE B 141 27.95 -22.79 0.63
CA PHE B 141 27.71 -22.97 2.05
C PHE B 141 29.00 -23.37 2.76
N PHE B 142 29.78 -24.24 2.12
CA PHE B 142 31.10 -24.62 2.63
C PHE B 142 31.96 -23.41 2.94
N GLN B 143 32.11 -22.52 1.96
CA GLN B 143 32.94 -21.33 2.11
C GLN B 143 32.47 -20.48 3.29
N LEU B 144 31.15 -20.36 3.43
CA LEU B 144 30.55 -19.58 4.52
C LEU B 144 30.92 -20.17 5.89
N VAL B 145 30.82 -21.49 6.00
CA VAL B 145 31.14 -22.18 7.25
C VAL B 145 32.60 -21.94 7.65
N MET B 146 33.51 -22.04 6.68
CA MET B 146 34.93 -21.80 6.93
C MET B 146 35.19 -20.37 7.42
N LYS B 147 34.50 -19.39 6.83
CA LYS B 147 34.65 -18.01 7.27
C LYS B 147 34.22 -17.83 8.72
N TYR B 148 33.12 -18.49 9.09
CA TYR B 148 32.63 -18.45 10.46
C TYR B 148 33.69 -18.96 11.41
N LEU B 149 34.29 -20.10 11.06
CA LEU B 149 35.31 -20.72 11.88
C LEU B 149 36.53 -19.83 12.03
N LEU B 150 36.92 -19.17 10.94
CA LEU B 150 38.10 -18.32 10.94
C LEU B 150 37.84 -17.04 11.74
N GLN B 151 36.62 -16.53 11.68
CA GLN B 151 36.28 -15.32 12.42
C GLN B 151 36.05 -15.58 13.90
N ARG B 152 35.54 -16.76 14.23
CA ARG B 152 35.08 -17.04 15.58
C ARG B 152 35.91 -18.08 16.34
N ARG B 153 37.07 -18.45 15.78
CA ARG B 153 37.90 -19.49 16.38
C ARG B 153 38.35 -19.19 17.82
N GLN B 154 38.53 -17.92 18.16
CA GLN B 154 38.94 -17.55 19.51
C GLN B 154 37.86 -17.97 20.51
N PHE B 155 36.63 -18.07 20.02
CA PHE B 155 35.47 -18.33 20.87
C PHE B 155 34.91 -19.74 20.64
N LEU B 156 35.74 -20.64 20.14
CA LEU B 156 35.33 -22.02 19.89
C LEU B 156 36.36 -23.01 20.39
N THR B 157 35.91 -24.06 21.06
CA THR B 157 36.79 -25.12 21.50
C THR B 157 37.20 -25.97 20.30
N ASN B 158 38.17 -26.86 20.52
CA ASN B 158 38.68 -27.72 19.47
C ASN B 158 37.60 -28.63 18.91
N ASP B 159 36.85 -29.27 19.80
CA ASP B 159 35.80 -30.18 19.38
C ASP B 159 34.65 -29.45 18.67
N GLN B 160 34.38 -28.23 19.09
CA GLN B 160 33.37 -27.41 18.41
C GLN B 160 33.80 -27.12 16.98
N ILE B 161 35.07 -26.76 16.80
CA ILE B 161 35.60 -26.51 15.46
C ILE B 161 35.56 -27.79 14.61
N ARG B 162 35.76 -28.94 15.25
CA ARG B 162 35.80 -30.21 14.54
C ARG B 162 34.42 -30.68 14.07
N TYR B 163 33.45 -30.69 14.99
CA TYR B 163 32.15 -31.30 14.71
C TYR B 163 31.08 -30.33 14.18
N LEU B 164 31.13 -29.06 14.57
CA LEU B 164 30.14 -28.09 14.10
C LEU B 164 29.95 -28.04 12.58
N PRO B 165 31.05 -27.93 11.80
CA PRO B 165 30.86 -27.88 10.34
C PRO B 165 30.22 -29.15 9.77
N GLN B 166 30.37 -30.28 10.44
CA GLN B 166 29.71 -31.52 10.01
C GLN B 166 28.23 -31.49 10.41
N LEU B 167 27.97 -30.92 11.56
CA LEU B 167 26.60 -30.83 12.07
C LEU B 167 25.75 -29.95 11.17
N CYS B 168 26.31 -28.79 10.81
CA CYS B 168 25.56 -27.80 10.03
CA CYS B 168 25.61 -27.79 10.00
C CYS B 168 25.18 -28.33 8.65
N ARG B 169 25.88 -29.35 8.18
CA ARG B 169 25.59 -29.92 6.87
C ARG B 169 24.30 -30.70 6.80
N TYR B 170 23.53 -30.73 7.89
CA TYR B 170 22.19 -31.30 7.82
C TYR B 170 21.36 -30.51 6.81
N LEU B 171 21.73 -29.24 6.62
CA LEU B 171 21.07 -28.38 5.62
C LEU B 171 21.23 -28.89 4.20
N GLU B 172 22.18 -29.80 3.98
CA GLU B 172 22.33 -30.44 2.68
C GLU B 172 21.07 -31.25 2.36
N LEU B 173 20.44 -31.79 3.40
CA LEU B 173 19.26 -32.63 3.22
C LEU B 173 17.96 -31.82 3.11
N TRP B 174 18.09 -30.50 3.14
CA TRP B 174 16.96 -29.62 2.90
C TRP B 174 16.98 -29.18 1.44
N HIS B 175 18.17 -29.09 0.88
CA HIS B 175 18.34 -28.61 -0.49
C HIS B 175 18.64 -29.74 -1.47
N GLY B 176 19.06 -30.88 -0.95
CA GLY B 176 19.44 -32.00 -1.79
C GLY B 176 20.76 -31.77 -2.50
N LEU B 177 21.64 -31.01 -1.85
CA LEU B 177 22.88 -30.54 -2.46
C LEU B 177 24.06 -30.52 -1.47
N ASP B 178 25.21 -31.03 -1.91
CA ASP B 178 26.45 -31.00 -1.13
C ASP B 178 26.81 -29.55 -0.79
N TRP B 179 27.41 -29.33 0.39
CA TRP B 179 27.67 -27.96 0.83
C TRP B 179 28.58 -27.14 -0.09
N LYS B 180 29.37 -27.83 -0.92
CA LYS B 180 30.21 -27.12 -1.88
C LYS B 180 29.48 -26.75 -3.16
N LEU B 181 28.29 -27.32 -3.35
CA LEU B 181 27.49 -27.04 -4.54
C LEU B 181 26.40 -26.02 -4.26
N LEU B 182 26.13 -25.81 -2.97
CA LEU B 182 24.95 -25.05 -2.54
C LEU B 182 25.25 -23.57 -2.29
N SER B 183 24.35 -22.71 -2.76
CA SER B 183 24.41 -21.28 -2.50
C SER B 183 24.28 -20.98 -1.00
N ALA B 184 25.25 -20.25 -0.45
CA ALA B 184 25.19 -19.86 0.95
C ALA B 184 24.02 -18.91 1.21
N LYS B 185 23.82 -17.98 0.27
CA LYS B 185 22.70 -17.05 0.33
C LYS B 185 21.35 -17.74 0.50
N ASP B 186 21.16 -18.88 -0.16
CA ASP B 186 19.88 -19.58 -0.10
C ASP B 186 19.86 -20.72 0.92
N THR B 187 20.97 -20.93 1.60
CA THR B 187 21.09 -22.04 2.54
C THR B 187 20.19 -21.89 3.76
N TYR B 188 20.29 -20.75 4.42
CA TYR B 188 19.46 -20.46 5.58
C TYR B 188 18.23 -19.66 5.20
N PHE B 189 17.08 -20.31 5.25
CA PHE B 189 15.81 -19.63 5.01
C PHE B 189 14.89 -19.82 6.21
N GLY B 190 13.74 -19.19 6.17
CA GLY B 190 12.81 -19.26 7.29
C GLY B 190 11.97 -20.52 7.27
N HIS B 191 11.98 -21.24 8.39
CA HIS B 191 11.03 -22.34 8.58
C HIS B 191 9.87 -21.80 9.40
N GLN B 192 8.74 -21.58 8.75
CA GLN B 192 7.61 -20.93 9.40
C GLN B 192 6.82 -21.93 10.25
N GLY B 193 7.44 -22.35 11.36
CA GLY B 193 6.80 -23.29 12.27
C GLY B 193 7.26 -24.70 12.04
N ARG B 194 6.70 -25.63 12.81
CA ARG B 194 7.05 -27.03 12.69
C ARG B 194 6.61 -27.59 11.35
N ALA B 195 7.19 -28.71 10.94
CA ALA B 195 6.71 -29.41 9.75
C ALA B 195 5.85 -30.56 10.23
N ALA B 196 4.93 -31.01 9.38
CA ALA B 196 4.12 -32.16 9.73
C ALA B 196 4.32 -33.29 8.71
N PHE B 197 4.57 -34.48 9.23
CA PHE B 197 4.77 -35.67 8.40
C PHE B 197 3.43 -36.14 7.84
N ALA B 198 3.32 -36.20 6.52
CA ALA B 198 2.06 -36.60 5.89
C ALA B 198 1.81 -38.11 5.98
N LEU B 199 0.56 -38.48 6.19
CA LEU B 199 0.22 -39.91 6.30
C LEU B 199 -0.97 -40.30 5.43
N ASN B 200 -0.81 -40.37 4.11
CA ASN B 200 0.41 -39.99 3.39
C ASN B 200 0.01 -39.00 2.32
N TYR B 201 0.96 -38.54 1.52
CA TYR B 201 0.64 -37.59 0.45
C TYR B 201 -0.24 -38.17 -0.66
N ASP B 202 -0.42 -39.49 -0.67
CA ASP B 202 -1.31 -40.08 -1.69
C ASP B 202 -2.76 -39.73 -1.42
N SER B 203 -3.11 -39.55 -0.15
CA SER B 203 -4.46 -39.09 0.20
C SER B 203 -4.70 -37.68 -0.32
N VAL B 204 -3.65 -36.87 -0.32
CA VAL B 204 -3.74 -35.52 -0.84
C VAL B 204 -3.99 -35.56 -2.34
N VAL B 205 -3.17 -36.36 -3.04
CA VAL B 205 -3.33 -36.56 -4.48
C VAL B 205 -4.72 -37.07 -4.83
N GLN B 206 -5.21 -38.07 -4.09
CA GLN B 206 -6.49 -38.69 -4.41
C GLN B 206 -7.66 -37.73 -4.18
N ARG B 207 -7.56 -36.90 -3.15
CA ARG B 207 -8.68 -36.01 -2.84
C ARG B 207 -8.79 -34.88 -3.86
N ILE B 208 -7.66 -34.45 -4.40
CA ILE B 208 -7.69 -33.42 -5.45
C ILE B 208 -8.03 -34.07 -6.81
N ALA B 209 -7.41 -35.20 -7.12
CA ALA B 209 -7.66 -35.91 -8.37
C ALA B 209 -9.13 -36.29 -8.56
N GLN B 210 -9.78 -36.71 -7.49
CA GLN B 210 -11.18 -37.15 -7.56
C GLN B 210 -12.16 -35.99 -7.63
N SER B 211 -11.66 -34.76 -7.55
CA SER B 211 -12.54 -33.60 -7.45
C SER B 211 -12.80 -32.95 -8.81
N PHE B 212 -12.37 -33.61 -9.87
CA PHE B 212 -12.74 -33.21 -11.23
C PHE B 212 -13.10 -34.45 -12.05
N PRO B 213 -13.73 -34.28 -13.23
CA PRO B 213 -14.13 -35.45 -14.02
C PRO B 213 -12.95 -36.35 -14.39
N GLN B 214 -13.09 -37.65 -14.13
CA GLN B 214 -12.02 -38.60 -14.41
C GLN B 214 -11.69 -38.69 -15.89
N ASN B 215 -12.68 -38.45 -16.76
CA ASN B 215 -12.39 -38.49 -18.19
C ASN B 215 -11.59 -37.29 -18.72
N TRP B 216 -11.34 -36.31 -17.86
CA TRP B 216 -10.39 -35.23 -18.18
C TRP B 216 -8.95 -35.75 -18.24
N LEU B 217 -8.67 -36.82 -17.49
CA LEU B 217 -7.31 -37.33 -17.35
C LEU B 217 -6.88 -38.26 -18.49
N LYS B 218 -5.73 -37.96 -19.09
CA LYS B 218 -5.12 -38.82 -20.10
C LYS B 218 -3.71 -39.22 -19.64
N LEU B 219 -3.55 -40.46 -19.24
CA LEU B 219 -2.25 -40.96 -18.75
C LEU B 219 -1.41 -41.53 -19.90
N SER B 220 -0.12 -41.73 -19.63
CA SER B 220 0.83 -42.18 -20.65
C SER B 220 0.76 -41.30 -21.89
N CYS B 221 0.58 -40.01 -21.67
CA CYS B 221 0.43 -39.06 -22.76
C CYS B 221 1.52 -38.00 -22.70
N GLU B 222 2.63 -38.27 -23.38
CA GLU B 222 3.77 -37.35 -23.35
C GLU B 222 3.58 -36.23 -24.36
N VAL B 223 3.53 -35.00 -23.87
CA VAL B 223 3.40 -33.85 -24.75
C VAL B 223 4.75 -33.49 -25.36
N LYS B 224 4.77 -33.34 -26.68
CA LYS B 224 6.02 -33.12 -27.40
C LYS B 224 6.16 -31.73 -27.99
N SER B 225 5.03 -31.08 -28.25
CA SER B 225 5.09 -29.72 -28.79
C SER B 225 3.87 -28.88 -28.43
N ILE B 226 4.09 -27.57 -28.36
CA ILE B 226 3.03 -26.62 -28.07
C ILE B 226 3.19 -25.43 -29.00
N THR B 227 2.17 -25.20 -29.83
CA THR B 227 2.25 -24.16 -30.84
C THR B 227 1.14 -23.12 -30.69
N ARG B 228 1.54 -21.86 -30.58
CA ARG B 228 0.59 -20.77 -30.59
C ARG B 228 0.38 -20.33 -32.02
N GLU B 229 -0.72 -20.77 -32.61
CA GLU B 229 -1.06 -20.38 -33.96
C GLU B 229 -1.31 -18.89 -33.97
N PRO B 230 -0.72 -18.18 -34.94
CA PRO B 230 -1.06 -16.77 -35.14
C PRO B 230 -2.56 -16.57 -35.40
N SER B 231 -3.28 -17.68 -35.55
CA SER B 231 -4.74 -17.70 -35.60
C SER B 231 -5.31 -17.77 -34.18
N LYS B 232 -4.47 -17.45 -33.21
CA LYS B 232 -4.87 -17.14 -31.81
C LYS B 232 -5.04 -18.29 -30.80
N ASN B 233 -5.25 -19.53 -31.25
CA ASN B 233 -5.37 -20.65 -30.29
C ASN B 233 -4.12 -21.53 -30.16
N VAL B 234 -4.11 -22.38 -29.13
CA VAL B 234 -2.93 -23.20 -28.85
C VAL B 234 -3.12 -24.64 -29.29
N THR B 235 -2.14 -25.16 -30.02
CA THR B 235 -2.17 -26.54 -30.47
C THR B 235 -1.21 -27.40 -29.65
N VAL B 236 -1.74 -28.48 -29.08
CA VAL B 236 -0.96 -29.40 -28.28
C VAL B 236 -0.81 -30.74 -28.99
N ASN B 237 0.43 -31.09 -29.31
CA ASN B 237 0.73 -32.37 -29.95
C ASN B 237 1.35 -33.38 -28.98
N CYS B 238 0.80 -34.58 -28.97
CA CYS B 238 1.28 -35.63 -28.10
C CYS B 238 2.25 -36.55 -28.84
N GLU B 239 2.90 -37.44 -28.09
CA GLU B 239 3.86 -38.37 -28.65
C GLU B 239 3.21 -39.35 -29.63
N ASP B 240 1.97 -39.74 -29.35
CA ASP B 240 1.29 -40.75 -30.14
C ASP B 240 0.76 -40.21 -31.46
N GLY B 241 0.73 -38.89 -31.59
CA GLY B 241 0.24 -38.26 -32.80
C GLY B 241 -1.08 -37.56 -32.58
N THR B 242 -1.68 -37.78 -31.40
CA THR B 242 -2.92 -37.09 -31.05
C THR B 242 -2.68 -35.58 -31.00
N VAL B 243 -3.58 -34.83 -31.64
CA VAL B 243 -3.48 -33.38 -31.71
C VAL B 243 -4.67 -32.76 -30.98
N TYR B 244 -4.39 -31.73 -30.20
CA TYR B 244 -5.42 -31.05 -29.43
C TYR B 244 -5.41 -29.55 -29.68
N ASN B 245 -6.57 -28.92 -29.53
CA ASN B 245 -6.68 -27.47 -29.61
C ASN B 245 -7.31 -26.91 -28.35
N ALA B 246 -6.69 -25.87 -27.80
CA ALA B 246 -7.17 -25.28 -26.54
C ALA B 246 -7.11 -23.76 -26.53
N ASP B 247 -8.04 -23.15 -25.78
CA ASP B 247 -8.00 -21.71 -25.54
C ASP B 247 -6.85 -21.34 -24.63
N TYR B 248 -6.63 -22.15 -23.58
CA TYR B 248 -5.54 -21.91 -22.64
C TYR B 248 -4.79 -23.21 -22.34
N VAL B 249 -3.51 -23.08 -22.01
CA VAL B 249 -2.69 -24.22 -21.61
C VAL B 249 -1.89 -23.90 -20.34
N ILE B 250 -1.92 -24.82 -19.39
CA ILE B 250 -1.14 -24.71 -18.16
C ILE B 250 -0.07 -25.78 -18.10
N ILE B 251 1.17 -25.37 -18.32
CA ILE B 251 2.32 -26.26 -18.34
C ILE B 251 2.94 -26.40 -16.95
N THR B 252 2.86 -27.60 -16.38
CA THR B 252 3.35 -27.83 -15.01
C THR B 252 4.52 -28.82 -14.94
N VAL B 253 5.12 -29.15 -16.09
CA VAL B 253 6.28 -30.05 -16.09
C VAL B 253 7.42 -29.44 -15.26
N PRO B 254 8.27 -30.30 -14.65
CA PRO B 254 9.35 -29.78 -13.80
C PRO B 254 10.28 -28.83 -14.55
N GLN B 255 10.92 -27.95 -13.80
CA GLN B 255 11.88 -26.98 -14.32
C GLN B 255 12.99 -27.70 -15.09
N SER B 256 13.42 -28.84 -14.58
CA SER B 256 14.47 -29.64 -15.21
C SER B 256 14.04 -30.15 -16.59
N VAL B 257 12.74 -30.46 -16.73
CA VAL B 257 12.20 -30.92 -18.00
C VAL B 257 11.97 -29.75 -18.95
N LEU B 258 11.46 -28.65 -18.40
CA LEU B 258 11.22 -27.45 -19.21
C LEU B 258 12.55 -26.94 -19.77
N ASN B 259 13.61 -27.09 -18.98
CA ASN B 259 14.96 -26.67 -19.38
C ASN B 259 15.40 -27.30 -20.70
N LEU B 260 14.87 -28.49 -21.01
CA LEU B 260 15.22 -29.20 -22.24
C LEU B 260 14.79 -28.43 -23.49
N SER B 261 13.79 -27.56 -23.34
CA SER B 261 13.25 -26.82 -24.45
C SER B 261 14.27 -25.87 -25.11
N VAL B 262 15.27 -25.44 -24.34
CA VAL B 262 16.33 -24.60 -24.90
C VAL B 262 17.32 -25.43 -25.72
N GLN B 263 17.32 -26.74 -25.49
CA GLN B 263 18.10 -27.66 -26.32
C GLN B 263 17.33 -27.96 -27.61
N PRO B 264 18.06 -28.20 -28.71
CA PRO B 264 17.44 -28.38 -30.03
C PRO B 264 16.93 -29.79 -30.33
N GLU B 265 17.60 -30.82 -29.81
CA GLU B 265 17.21 -32.20 -30.11
C GLU B 265 15.85 -32.55 -29.52
N LYS B 266 14.87 -32.73 -30.40
CA LYS B 266 13.50 -33.04 -29.99
C LYS B 266 13.38 -34.41 -29.31
N ASN B 267 14.33 -35.29 -29.62
CA ASN B 267 14.28 -36.69 -29.17
C ASN B 267 14.42 -36.90 -27.65
N LEU B 268 14.78 -35.84 -26.93
CA LEU B 268 14.93 -35.93 -25.47
C LEU B 268 13.59 -36.25 -24.81
N ARG B 269 13.57 -37.31 -24.01
CA ARG B 269 12.34 -37.75 -23.36
C ARG B 269 11.75 -36.66 -22.46
N GLY B 270 10.48 -36.32 -22.70
CA GLY B 270 9.79 -35.32 -21.93
C GLY B 270 9.89 -33.91 -22.47
N ARG B 271 10.83 -33.69 -23.38
CA ARG B 271 11.06 -32.36 -23.94
C ARG B 271 9.90 -31.87 -24.80
N ILE B 272 9.52 -30.61 -24.60
CA ILE B 272 8.44 -29.97 -25.36
C ILE B 272 8.98 -28.92 -26.32
N GLU B 273 8.61 -29.05 -27.60
CA GLU B 273 8.96 -28.08 -28.62
C GLU B 273 7.99 -26.91 -28.65
N PHE B 274 8.49 -25.71 -28.37
CA PHE B 274 7.66 -24.50 -28.35
C PHE B 274 7.75 -23.69 -29.64
N GLN B 275 6.60 -23.35 -30.20
CA GLN B 275 6.54 -22.45 -31.35
C GLN B 275 5.47 -21.37 -31.14
N PRO B 276 5.90 -20.10 -31.04
CA PRO B 276 7.28 -19.60 -31.04
C PRO B 276 8.06 -20.03 -29.79
N PRO B 277 9.40 -19.95 -29.84
CA PRO B 277 10.23 -20.40 -28.71
C PRO B 277 9.92 -19.66 -27.41
N LEU B 278 10.30 -20.27 -26.29
CA LEU B 278 10.17 -19.63 -24.98
C LEU B 278 10.87 -18.28 -25.00
N LYS B 279 10.15 -17.24 -24.56
CA LYS B 279 10.67 -15.88 -24.52
C LYS B 279 12.03 -15.81 -23.86
N PRO B 280 12.91 -14.92 -24.36
CA PRO B 280 14.27 -14.72 -23.84
C PRO B 280 14.34 -14.59 -22.32
N VAL B 281 13.40 -13.88 -21.71
CA VAL B 281 13.40 -13.71 -20.25
C VAL B 281 13.22 -15.05 -19.52
N ILE B 282 12.59 -16.00 -20.19
CA ILE B 282 12.41 -17.34 -19.62
C ILE B 282 13.67 -18.18 -19.80
N GLN B 283 14.23 -18.17 -21.01
CA GLN B 283 15.43 -18.93 -21.30
C GLN B 283 16.61 -18.47 -20.45
N ASP B 284 16.70 -17.17 -20.20
CA ASP B 284 17.81 -16.62 -19.43
C ASP B 284 17.73 -17.00 -17.95
N ALA B 285 16.52 -17.17 -17.45
CA ALA B 285 16.29 -17.50 -16.05
C ALA B 285 16.83 -18.89 -15.67
N PHE B 286 16.98 -19.76 -16.66
CA PHE B 286 17.52 -21.10 -16.42
C PHE B 286 19.00 -21.05 -16.02
N ASP B 287 19.66 -19.95 -16.35
CA ASP B 287 21.06 -19.76 -15.98
C ASP B 287 21.18 -19.30 -14.53
N LYS B 288 20.06 -18.87 -13.94
CA LYS B 288 20.09 -18.31 -12.59
C LYS B 288 19.39 -19.19 -11.57
N ILE B 289 19.05 -20.40 -11.97
CA ILE B 289 18.45 -21.37 -11.06
C ILE B 289 18.76 -22.78 -11.53
N HIS B 290 18.92 -23.70 -10.57
CA HIS B 290 19.24 -25.07 -10.92
C HIS B 290 18.35 -26.04 -10.16
N PHE B 291 18.82 -27.28 -10.02
CA PHE B 291 17.94 -28.36 -9.59
C PHE B 291 18.71 -29.30 -8.68
N GLY B 292 18.16 -29.57 -7.51
CA GLY B 292 18.82 -30.41 -6.53
C GLY B 292 18.44 -31.87 -6.73
N ALA B 293 19.10 -32.76 -5.99
CA ALA B 293 18.79 -34.17 -6.09
C ALA B 293 18.69 -34.82 -4.72
N LEU B 294 17.69 -34.39 -3.96
CA LEU B 294 17.35 -35.07 -2.73
C LEU B 294 16.87 -36.48 -3.10
N GLY B 295 17.37 -37.47 -2.37
CA GLY B 295 17.01 -38.84 -2.66
C GLY B 295 16.55 -39.51 -1.39
N LYS B 296 15.92 -40.68 -1.54
CA LYS B 296 15.44 -41.41 -0.37
C LYS B 296 15.78 -42.88 -0.42
N VAL B 297 16.08 -43.43 0.75
CA VAL B 297 16.23 -44.87 0.90
C VAL B 297 15.41 -45.28 2.12
N ILE B 298 14.51 -46.24 1.92
CA ILE B 298 13.72 -46.78 3.01
C ILE B 298 14.34 -48.09 3.49
N PHE B 299 14.58 -48.20 4.79
CA PHE B 299 15.05 -49.44 5.38
C PHE B 299 13.93 -50.01 6.23
N GLU B 300 13.42 -51.18 5.85
CA GLU B 300 12.32 -51.81 6.57
C GLU B 300 12.81 -52.96 7.44
N PHE B 301 12.52 -52.88 8.73
CA PHE B 301 12.91 -53.92 9.68
C PHE B 301 11.70 -54.73 10.11
N GLU B 302 11.95 -55.95 10.58
CA GLU B 302 10.87 -56.83 11.02
C GLU B 302 10.09 -56.17 12.15
N GLU B 303 10.80 -55.69 13.16
CA GLU B 303 10.17 -55.04 14.30
C GLU B 303 11.12 -54.03 14.94
N CYS B 304 10.56 -53.16 15.78
CA CYS B 304 11.39 -52.18 16.48
C CYS B 304 12.06 -52.83 17.68
N CYS B 305 13.39 -52.79 17.69
CA CYS B 305 14.14 -53.20 18.87
C CYS B 305 15.21 -52.15 19.17
N TRP B 306 14.90 -50.90 18.84
CA TRP B 306 15.79 -49.79 19.10
C TRP B 306 15.06 -48.74 19.94
N SER B 307 15.83 -47.83 20.53
CA SER B 307 15.25 -46.76 21.34
C SER B 307 14.46 -45.77 20.49
N ASN B 308 13.27 -45.39 20.97
CA ASN B 308 12.45 -44.39 20.30
C ASN B 308 12.51 -43.01 20.95
N GLU B 309 13.70 -42.62 21.39
CA GLU B 309 13.91 -41.30 22.00
C GLU B 309 13.58 -40.17 21.03
N SER B 310 13.96 -40.34 19.77
CA SER B 310 13.73 -39.33 18.75
C SER B 310 13.37 -39.93 17.39
N SER B 311 12.64 -39.18 16.58
CA SER B 311 12.35 -39.59 15.23
C SER B 311 13.39 -39.02 14.27
N LYS B 312 14.21 -38.10 14.76
CA LYS B 312 15.18 -37.43 13.90
C LYS B 312 16.62 -37.81 14.24
N ILE B 313 17.29 -38.43 13.28
CA ILE B 313 18.67 -38.88 13.45
C ILE B 313 19.55 -38.42 12.29
N VAL B 314 20.65 -37.78 12.61
CA VAL B 314 21.61 -37.38 11.58
C VAL B 314 22.99 -37.98 11.87
N THR B 315 23.52 -38.72 10.91
CA THR B 315 24.90 -39.19 11.00
C THR B 315 25.79 -38.16 10.35
N LEU B 316 26.83 -37.73 11.07
CA LEU B 316 27.76 -36.75 10.54
C LEU B 316 28.86 -37.41 9.72
N ALA B 317 29.26 -36.76 8.64
CA ALA B 317 30.40 -37.21 7.87
C ALA B 317 31.65 -37.17 8.74
N ASN B 318 32.61 -38.03 8.43
CA ASN B 318 33.84 -38.12 9.20
C ASN B 318 34.59 -36.80 9.32
N SER B 319 35.11 -36.54 10.51
CA SER B 319 35.89 -35.34 10.76
C SER B 319 37.22 -35.70 11.40
N THR B 320 38.17 -34.78 11.35
CA THR B 320 39.51 -35.03 11.88
C THR B 320 39.99 -33.93 12.81
N ASN B 321 40.88 -34.28 13.73
CA ASN B 321 41.54 -33.29 14.57
C ASN B 321 42.51 -32.48 13.74
N GLU B 322 42.92 -33.03 12.60
CA GLU B 322 43.82 -32.33 11.71
C GLU B 322 43.18 -31.07 11.18
N PHE B 323 41.87 -31.15 10.91
CA PHE B 323 41.12 -29.99 10.46
C PHE B 323 41.16 -28.87 11.50
N VAL B 324 41.00 -29.24 12.76
CA VAL B 324 41.05 -28.30 13.88
C VAL B 324 42.37 -27.55 13.93
N GLU B 325 43.46 -28.29 13.74
CA GLU B 325 44.80 -27.72 13.79
C GLU B 325 45.00 -26.74 12.64
N ILE B 326 44.45 -27.10 11.48
CA ILE B 326 44.54 -26.25 10.30
C ILE B 326 43.80 -24.93 10.53
N VAL B 327 42.63 -25.00 11.15
CA VAL B 327 41.83 -23.81 11.42
C VAL B 327 42.56 -22.90 12.40
N ARG B 328 43.09 -23.50 13.47
CA ARG B 328 43.80 -22.76 14.49
C ARG B 328 45.07 -22.09 13.97
N ASN B 329 45.68 -22.68 12.95
CA ASN B 329 46.96 -22.19 12.45
C ASN B 329 46.89 -21.31 11.20
N ALA B 330 45.70 -21.19 10.61
CA ALA B 330 45.54 -20.39 9.39
C ALA B 330 45.57 -18.89 9.66
N GLU B 331 46.18 -18.14 8.75
CA GLU B 331 46.33 -16.70 8.92
C GLU B 331 45.14 -15.95 8.31
N ASN B 332 44.75 -16.37 7.12
CA ASN B 332 43.60 -15.76 6.44
C ASN B 332 42.83 -16.80 5.64
N LEU B 333 41.87 -16.35 4.84
CA LEU B 333 41.01 -17.23 4.07
C LEU B 333 41.76 -17.95 2.95
N ASP B 334 42.67 -17.23 2.31
CA ASP B 334 43.44 -17.79 1.21
C ASP B 334 44.32 -18.93 1.69
N GLU B 335 45.01 -18.70 2.81
CA GLU B 335 45.88 -19.72 3.39
C GLU B 335 45.08 -20.92 3.89
N LEU B 336 43.88 -20.65 4.41
CA LEU B 336 43.01 -21.72 4.90
C LEU B 336 42.58 -22.64 3.77
N ASP B 337 42.26 -22.06 2.61
CA ASP B 337 41.87 -22.84 1.44
C ASP B 337 43.01 -23.73 0.95
N SER B 338 44.21 -23.18 0.94
CA SER B 338 45.40 -23.91 0.51
C SER B 338 45.69 -25.09 1.45
N MET B 339 45.65 -24.82 2.75
CA MET B 339 45.90 -25.85 3.75
C MET B 339 44.86 -26.96 3.70
N LEU B 340 43.62 -26.59 3.40
CA LEU B 340 42.54 -27.57 3.29
C LEU B 340 42.63 -28.37 2.00
N GLU B 341 43.04 -27.71 0.93
CA GLU B 341 43.14 -28.35 -0.39
C GLU B 341 44.26 -29.39 -0.42
N ARG B 342 45.33 -29.15 0.35
CA ARG B 342 46.39 -30.13 0.51
C ARG B 342 45.87 -31.34 1.26
N GLU B 343 45.16 -31.07 2.35
CA GLU B 343 44.53 -32.12 3.15
C GLU B 343 43.57 -32.95 2.30
N ASP B 344 42.86 -32.27 1.40
CA ASP B 344 41.88 -32.92 0.55
C ASP B 344 42.53 -33.85 -0.48
N SER B 345 43.73 -33.49 -0.92
CA SER B 345 44.44 -34.30 -1.90
C SER B 345 44.88 -35.62 -1.29
N GLN B 346 45.48 -35.53 -0.10
CA GLN B 346 46.00 -36.71 0.59
C GLN B 346 44.87 -37.52 1.23
N THR B 349 40.39 -41.31 -1.85
CA THR B 349 39.75 -42.51 -1.31
C THR B 349 38.36 -42.74 -1.93
N SER B 350 37.71 -43.81 -1.49
CA SER B 350 36.40 -44.17 -2.01
C SER B 350 35.30 -43.39 -1.28
N VAL B 351 34.12 -43.33 -1.89
CA VAL B 351 32.96 -42.74 -1.25
C VAL B 351 32.34 -43.80 -0.35
N THR B 352 32.00 -43.43 0.89
CA THR B 352 31.37 -44.37 1.80
C THR B 352 30.14 -43.72 2.42
N CYS B 353 29.44 -44.48 3.27
CA CYS B 353 28.29 -43.97 3.99
C CYS B 353 28.69 -42.86 4.99
N TRP B 354 29.99 -42.70 5.22
CA TRP B 354 30.48 -41.69 6.16
C TRP B 354 31.11 -40.47 5.45
N SER B 355 31.00 -40.43 4.13
CA SER B 355 31.61 -39.37 3.35
C SER B 355 30.73 -38.12 3.29
N GLN B 356 29.51 -38.25 3.81
CA GLN B 356 28.54 -37.15 3.74
C GLN B 356 27.52 -37.34 4.83
N PRO B 357 26.84 -36.24 5.24
CA PRO B 357 25.82 -36.42 6.26
C PRO B 357 24.62 -37.16 5.67
N LEU B 358 23.96 -37.94 6.52
CA LEU B 358 22.74 -38.64 6.12
C LEU B 358 21.67 -38.40 7.17
N PHE B 359 20.47 -38.12 6.70
CA PHE B 359 19.36 -37.81 7.59
C PHE B 359 18.40 -39.00 7.66
N PHE B 360 18.25 -39.56 8.84
CA PHE B 360 17.39 -40.72 9.03
C PHE B 360 16.18 -40.33 9.85
N VAL B 361 15.00 -40.67 9.35
CA VAL B 361 13.79 -40.52 10.12
C VAL B 361 13.41 -41.86 10.73
N ASN B 362 13.29 -41.89 12.05
CA ASN B 362 12.91 -43.10 12.77
C ASN B 362 11.39 -43.20 12.85
N LEU B 363 10.79 -43.90 11.89
CA LEU B 363 9.33 -43.93 11.76
C LEU B 363 8.63 -44.65 12.90
N SER B 364 9.40 -45.40 13.71
CA SER B 364 8.80 -46.15 14.80
C SER B 364 8.21 -45.24 15.88
N LYS B 365 8.89 -44.13 16.19
CA LYS B 365 8.39 -43.25 17.25
C LYS B 365 7.14 -42.50 16.80
N SER B 366 7.18 -41.98 15.58
CA SER B 366 6.13 -41.10 15.08
C SER B 366 4.94 -41.81 14.43
N THR B 367 5.19 -42.96 13.80
CA THR B 367 4.13 -43.66 13.08
C THR B 367 3.90 -45.10 13.56
N GLY B 368 4.80 -45.62 14.37
CA GLY B 368 4.69 -46.98 14.88
C GLY B 368 5.15 -48.04 13.89
N VAL B 369 5.67 -47.60 12.75
CA VAL B 369 6.19 -48.52 11.72
C VAL B 369 7.68 -48.76 11.89
N ALA B 370 8.08 -50.04 11.86
CA ALA B 370 9.47 -50.44 12.14
C ALA B 370 10.40 -50.21 10.96
N SER B 371 10.50 -48.96 10.51
CA SER B 371 11.33 -48.63 9.37
C SER B 371 12.03 -47.31 9.55
N PHE B 372 13.10 -47.11 8.79
CA PHE B 372 13.77 -45.82 8.72
C PHE B 372 13.64 -45.22 7.32
N MET B 373 13.33 -43.94 7.26
CA MET B 373 13.35 -43.22 5.99
C MET B 373 14.57 -42.31 5.97
N MET B 374 15.51 -42.60 5.07
CA MET B 374 16.76 -41.85 4.99
C MET B 374 16.80 -40.90 3.80
N LEU B 375 17.28 -39.68 4.03
CA LEU B 375 17.46 -38.71 2.96
C LEU B 375 18.93 -38.61 2.55
N MET B 376 19.19 -38.47 1.25
CA MET B 376 20.55 -38.27 0.76
C MET B 376 20.58 -37.12 -0.24
N GLN B 377 21.78 -36.63 -0.56
CA GLN B 377 21.94 -35.46 -1.41
C GLN B 377 22.87 -35.74 -2.59
N ALA B 378 22.87 -34.85 -3.58
CA ALA B 378 23.86 -34.93 -4.64
C ALA B 378 25.23 -34.62 -4.03
N PRO B 379 26.30 -35.30 -4.49
CA PRO B 379 26.37 -36.24 -5.63
C PRO B 379 26.04 -37.70 -5.28
N LEU B 380 25.81 -38.01 -4.01
CA LEU B 380 25.54 -39.39 -3.61
C LEU B 380 24.25 -39.97 -4.21
N THR B 381 23.22 -39.13 -4.34
CA THR B 381 21.90 -39.60 -4.74
C THR B 381 21.88 -40.39 -6.05
N ASN B 382 22.42 -39.81 -7.12
CA ASN B 382 22.40 -40.48 -8.42
C ASN B 382 23.23 -41.77 -8.42
N HIS B 383 24.25 -41.84 -7.56
CA HIS B 383 25.06 -43.05 -7.46
C HIS B 383 24.27 -44.17 -6.78
N ILE B 384 23.55 -43.85 -5.73
CA ILE B 384 22.72 -44.84 -5.03
C ILE B 384 21.52 -45.27 -5.87
N GLU B 385 20.88 -44.31 -6.52
CA GLU B 385 19.72 -44.62 -7.35
C GLU B 385 20.11 -45.52 -8.51
N SER B 386 21.35 -45.37 -9.00
CA SER B 386 21.84 -46.19 -10.10
C SER B 386 22.00 -47.67 -9.75
N ILE B 387 22.14 -47.96 -8.46
CA ILE B 387 22.26 -49.35 -8.02
C ILE B 387 21.06 -49.79 -7.18
N ARG B 388 19.93 -49.16 -7.43
CA ARG B 388 18.73 -49.36 -6.62
C ARG B 388 18.19 -50.79 -6.67
N GLU B 389 18.52 -51.53 -7.72
CA GLU B 389 18.07 -52.92 -7.85
C GLU B 389 19.03 -53.93 -7.20
N ASP B 390 20.17 -53.44 -6.71
CA ASP B 390 21.18 -54.31 -6.12
C ASP B 390 21.13 -54.21 -4.59
N LYS B 391 20.23 -54.99 -3.99
CA LYS B 391 19.99 -54.90 -2.54
C LYS B 391 21.20 -55.23 -1.67
N GLU B 392 22.00 -56.20 -2.09
CA GLU B 392 23.14 -56.63 -1.29
C GLU B 392 24.23 -55.57 -1.32
N ARG B 393 24.35 -54.88 -2.45
CA ARG B 393 25.32 -53.80 -2.54
C ARG B 393 24.83 -52.59 -1.73
N LEU B 394 23.53 -52.34 -1.78
CA LEU B 394 22.93 -51.27 -0.98
C LEU B 394 23.15 -51.53 0.50
N PHE B 395 22.88 -52.76 0.92
CA PHE B 395 23.07 -53.15 2.32
C PHE B 395 24.53 -52.97 2.74
N SER B 396 25.46 -53.42 1.91
CA SER B 396 26.88 -53.33 2.22
C SER B 396 27.32 -51.87 2.35
N PHE B 397 26.74 -51.00 1.52
CA PHE B 397 27.13 -49.59 1.55
C PHE B 397 26.68 -48.94 2.86
N PHE B 398 25.44 -49.19 3.25
CA PHE B 398 24.85 -48.48 4.40
C PHE B 398 25.03 -49.22 5.73
N GLN B 399 25.51 -50.47 5.66
CA GLN B 399 25.70 -51.27 6.87
C GLN B 399 26.44 -50.56 8.03
N PRO B 400 27.56 -49.85 7.73
CA PRO B 400 28.27 -49.22 8.86
C PRO B 400 27.47 -48.12 9.59
N VAL B 401 26.74 -47.28 8.86
CA VAL B 401 25.94 -46.26 9.53
C VAL B 401 24.72 -46.87 10.22
N LEU B 402 24.10 -47.86 9.58
CA LEU B 402 22.97 -48.56 10.20
C LEU B 402 23.41 -49.18 11.53
N ASN B 403 24.57 -49.84 11.52
CA ASN B 403 25.10 -50.44 12.74
C ASN B 403 25.42 -49.40 13.81
N LYS B 404 26.00 -48.28 13.40
CA LYS B 404 26.36 -47.23 14.35
C LYS B 404 25.10 -46.61 14.96
N ILE B 405 24.05 -46.48 14.15
CA ILE B 405 22.78 -45.95 14.65
C ILE B 405 22.21 -46.89 15.71
N MET B 406 22.20 -48.18 15.42
CA MET B 406 21.65 -49.18 16.34
C MET B 406 22.39 -49.19 17.68
N LYS B 407 23.72 -49.06 17.62
CA LYS B 407 24.51 -49.04 18.83
C LYS B 407 24.16 -47.82 19.67
N CYS B 408 24.16 -46.66 19.03
CA CYS B 408 23.80 -45.42 19.69
C CYS B 408 22.37 -45.45 20.22
N LEU B 409 21.51 -46.25 19.60
CA LEU B 409 20.13 -46.39 20.07
C LEU B 409 19.91 -47.64 20.92
N ASP B 410 20.96 -48.06 21.62
CA ASP B 410 20.90 -49.17 22.58
C ASP B 410 20.45 -50.48 21.94
N SER B 411 20.89 -50.74 20.72
CA SER B 411 20.56 -52.00 20.05
C SER B 411 21.83 -52.72 19.60
N GLU B 412 21.65 -53.68 18.70
CA GLU B 412 22.76 -54.50 18.20
C GLU B 412 22.91 -54.32 16.69
N ASP B 413 23.99 -54.85 16.12
CA ASP B 413 24.20 -54.76 14.67
C ASP B 413 23.02 -55.35 13.88
N VAL B 414 22.88 -54.89 12.64
CA VAL B 414 21.77 -55.30 11.77
C VAL B 414 21.95 -56.69 11.15
N ILE B 415 20.90 -57.50 11.20
CA ILE B 415 20.87 -58.79 10.50
C ILE B 415 20.22 -58.66 9.14
N ASP B 416 20.86 -59.23 8.11
CA ASP B 416 20.28 -59.27 6.77
C ASP B 416 19.25 -60.41 6.70
N GLY B 417 17.97 -60.03 6.74
CA GLY B 417 16.88 -60.99 6.59
C GLY B 417 16.06 -60.66 5.36
N MET B 418 16.72 -60.21 4.30
CA MET B 418 16.04 -59.72 3.11
C MET B 418 15.52 -60.82 2.18
N ARG B 419 15.94 -62.07 2.41
CA ARG B 419 15.43 -63.20 1.62
C ARG B 419 14.47 -64.05 2.46
N PRO B 420 13.17 -64.00 2.12
CA PRO B 420 12.12 -64.78 2.80
C PRO B 420 12.42 -66.28 2.88
N ILE B 421 13.00 -66.84 1.82
CA ILE B 421 13.25 -68.28 1.76
C ILE B 421 14.24 -68.75 2.84
N GLU B 422 15.07 -67.82 3.31
CA GLU B 422 16.10 -68.15 4.30
C GLU B 422 15.55 -68.30 5.71
N ASN B 423 14.31 -67.86 5.92
CA ASN B 423 13.67 -67.92 7.24
C ASN B 423 14.50 -67.29 8.36
N ILE B 424 15.06 -66.12 8.09
CA ILE B 424 15.87 -65.43 9.09
C ILE B 424 15.00 -64.73 10.13
N ALA B 425 15.30 -64.98 11.41
CA ALA B 425 14.55 -64.37 12.49
C ALA B 425 15.40 -64.21 13.75
N ASN B 426 15.02 -63.26 14.60
CA ASN B 426 15.75 -63.01 15.84
C ASN B 426 14.93 -62.12 16.78
N ALA B 427 15.21 -62.21 18.07
CA ALA B 427 14.46 -61.43 19.06
C ALA B 427 15.18 -60.13 19.39
N ASN B 428 16.42 -60.26 19.85
CA ASN B 428 17.20 -59.13 20.35
C ASN B 428 17.72 -58.20 19.25
N LYS B 429 17.96 -58.75 18.06
CA LYS B 429 18.64 -57.98 17.01
C LYS B 429 17.70 -57.38 15.97
N PRO B 430 18.11 -56.24 15.38
CA PRO B 430 17.39 -55.63 14.26
C PRO B 430 17.53 -56.47 13.00
N VAL B 431 16.41 -56.94 12.46
CA VAL B 431 16.45 -57.74 11.24
C VAL B 431 15.95 -56.91 10.06
N LEU B 432 16.85 -56.59 9.14
CA LEU B 432 16.48 -55.86 7.92
C LEU B 432 15.72 -56.76 6.94
N ARG B 433 14.58 -56.29 6.47
CA ARG B 433 13.70 -57.08 5.61
C ARG B 433 13.63 -56.60 4.17
N ASN B 434 13.86 -55.30 3.97
CA ASN B 434 13.70 -54.72 2.64
C ASN B 434 14.34 -53.33 2.52
N ILE B 435 14.84 -53.02 1.33
CA ILE B 435 15.37 -51.70 1.05
C ILE B 435 14.67 -51.11 -0.17
N ILE B 436 14.16 -49.89 -0.04
CA ILE B 436 13.51 -49.21 -1.16
C ILE B 436 14.29 -47.95 -1.51
N VAL B 437 14.53 -47.72 -2.80
CA VAL B 437 15.28 -46.55 -3.23
C VAL B 437 14.45 -45.71 -4.22
N SER B 438 14.58 -44.40 -4.11
CA SER B 438 13.96 -43.48 -5.07
C SER B 438 14.61 -43.61 -6.45
N ASN B 439 14.11 -42.88 -7.42
CA ASN B 439 14.67 -42.93 -8.77
C ASN B 439 14.52 -41.59 -9.49
N TRP B 440 14.39 -40.51 -8.73
CA TRP B 440 14.04 -39.22 -9.33
C TRP B 440 15.10 -38.67 -10.28
N THR B 441 16.37 -38.98 -10.02
CA THR B 441 17.44 -38.50 -10.91
C THR B 441 17.49 -39.24 -12.25
N ARG B 442 16.93 -40.44 -12.30
CA ARG B 442 17.01 -41.25 -13.51
C ARG B 442 15.67 -41.33 -14.23
N ASP B 443 14.66 -40.70 -13.64
CA ASP B 443 13.34 -40.60 -14.25
C ASP B 443 13.35 -39.37 -15.14
N PRO B 444 13.12 -39.56 -16.45
CA PRO B 444 13.20 -38.47 -17.43
C PRO B 444 12.09 -37.43 -17.23
N TYR B 445 11.05 -37.78 -16.49
CA TYR B 445 9.93 -36.88 -16.27
C TYR B 445 10.09 -36.06 -14.98
N SER B 446 11.18 -36.33 -14.26
CA SER B 446 11.54 -35.52 -13.10
C SER B 446 12.97 -34.97 -13.20
N ARG B 447 13.93 -35.85 -13.49
CA ARG B 447 15.31 -35.44 -13.71
C ARG B 447 15.91 -34.67 -12.54
N GLY B 448 15.75 -35.23 -11.34
CA GLY B 448 16.13 -34.55 -10.11
C GLY B 448 14.94 -34.36 -9.18
N ALA B 449 15.15 -33.63 -8.11
CA ALA B 449 14.16 -33.54 -7.04
C ALA B 449 13.31 -32.27 -7.08
N TYR B 450 13.96 -31.11 -7.04
CA TYR B 450 13.26 -29.82 -7.07
C TYR B 450 14.25 -28.70 -7.30
N SER B 451 13.73 -27.51 -7.63
CA SER B 451 14.60 -26.36 -7.86
C SER B 451 15.49 -26.10 -6.65
N ALA B 452 16.73 -25.71 -6.93
CA ALA B 452 17.73 -25.47 -5.91
C ALA B 452 18.74 -24.45 -6.41
N CYS B 453 19.38 -23.73 -5.47
CA CYS B 453 20.32 -22.68 -5.83
C CYS B 453 21.77 -23.11 -5.74
N PHE B 454 22.49 -22.92 -6.85
CA PHE B 454 23.95 -23.00 -6.85
C PHE B 454 24.42 -21.61 -6.42
N PRO B 455 25.68 -21.49 -6.00
CA PRO B 455 26.14 -20.14 -5.61
C PRO B 455 26.09 -19.17 -6.79
N GLY B 456 25.46 -18.02 -6.58
CA GLY B 456 25.30 -17.03 -7.64
C GLY B 456 23.90 -17.04 -8.23
N ASP B 457 23.11 -18.04 -7.87
CA ASP B 457 21.73 -18.16 -8.37
C ASP B 457 20.77 -17.13 -7.78
N ASP B 458 19.81 -16.72 -8.58
CA ASP B 458 18.74 -15.84 -8.14
C ASP B 458 17.41 -16.40 -8.65
N PRO B 459 16.73 -17.18 -7.81
CA PRO B 459 15.47 -17.87 -8.16
C PRO B 459 14.35 -16.90 -8.56
N VAL B 460 14.44 -15.65 -8.14
CA VAL B 460 13.41 -14.65 -8.44
C VAL B 460 13.14 -14.51 -9.94
N ASP B 461 14.20 -14.59 -10.74
CA ASP B 461 14.08 -14.45 -12.19
C ASP B 461 13.14 -15.50 -12.77
N MET B 462 13.33 -16.74 -12.36
CA MET B 462 12.51 -17.85 -12.86
C MET B 462 11.06 -17.69 -12.40
N VAL B 463 10.87 -17.41 -11.13
CA VAL B 463 9.53 -17.24 -10.56
C VAL B 463 8.76 -16.15 -11.31
N VAL B 464 9.42 -15.03 -11.57
CA VAL B 464 8.80 -13.92 -12.29
C VAL B 464 8.45 -14.31 -13.72
N ALA B 465 9.44 -14.81 -14.45
CA ALA B 465 9.25 -15.24 -15.84
C ALA B 465 8.17 -16.31 -15.94
N MET B 466 8.15 -17.23 -15.00
CA MET B 466 7.15 -18.30 -14.98
C MET B 466 5.75 -17.74 -14.67
N SER B 467 5.66 -16.89 -13.65
CA SER B 467 4.36 -16.37 -13.22
C SER B 467 3.73 -15.41 -14.24
N ASN B 468 4.56 -14.76 -15.04
CA ASN B 468 4.06 -13.87 -16.08
C ASN B 468 3.55 -14.64 -17.30
N GLY B 469 4.04 -15.86 -17.46
CA GLY B 469 3.60 -16.72 -18.55
C GLY B 469 4.39 -16.53 -19.85
N GLN B 470 4.26 -17.50 -20.75
CA GLN B 470 4.86 -17.39 -22.08
C GLN B 470 4.08 -16.38 -22.91
N ASP B 471 2.75 -16.46 -22.82
CA ASP B 471 1.86 -15.39 -23.26
C ASP B 471 0.56 -15.45 -22.48
N SER B 472 -0.49 -14.83 -23.01
CA SER B 472 -1.77 -14.79 -22.31
C SER B 472 -2.45 -16.16 -22.28
N ARG B 473 -2.13 -17.00 -23.26
CA ARG B 473 -2.76 -18.30 -23.39
C ARG B 473 -1.90 -19.45 -22.85
N ILE B 474 -0.60 -19.21 -22.77
CA ILE B 474 0.35 -20.26 -22.39
C ILE B 474 0.97 -19.98 -21.02
N ARG B 475 0.45 -20.68 -20.00
CA ARG B 475 0.79 -20.39 -18.62
C ARG B 475 1.65 -21.48 -17.99
N PHE B 476 2.30 -21.14 -16.87
CA PHE B 476 3.15 -22.08 -16.15
C PHE B 476 2.73 -22.22 -14.69
N ALA B 477 2.76 -23.46 -14.20
CA ALA B 477 2.55 -23.74 -12.78
C ALA B 477 3.57 -24.79 -12.33
N GLY B 478 3.64 -25.02 -11.02
CA GLY B 478 4.65 -25.93 -10.47
C GLY B 478 5.50 -25.29 -9.38
N GLU B 479 6.24 -26.12 -8.64
CA GLU B 479 7.02 -25.67 -7.50
C GLU B 479 8.04 -24.59 -7.83
N HIS B 480 8.41 -24.48 -9.10
CA HIS B 480 9.47 -23.58 -9.54
C HIS B 480 8.91 -22.25 -10.05
N THR B 481 7.61 -22.04 -9.88
CA THR B 481 6.95 -20.88 -10.48
C THR B 481 6.39 -19.93 -9.43
N ILE B 482 6.76 -20.15 -8.18
CA ILE B 482 6.15 -19.41 -7.08
C ILE B 482 7.14 -19.09 -5.95
N MET B 483 7.04 -17.88 -5.41
CA MET B 483 7.94 -17.44 -4.34
C MET B 483 7.66 -18.15 -3.02
N ASP B 484 6.43 -18.02 -2.53
CA ASP B 484 6.04 -18.66 -1.29
C ASP B 484 5.86 -20.15 -1.50
N GLY B 485 6.64 -20.94 -0.75
CA GLY B 485 6.60 -22.38 -0.87
C GLY B 485 7.38 -22.89 -2.06
N ALA B 486 8.34 -22.09 -2.53
CA ALA B 486 9.21 -22.49 -3.63
C ALA B 486 9.87 -23.83 -3.34
N GLY B 487 9.84 -24.72 -4.32
CA GLY B 487 10.41 -26.04 -4.16
C GLY B 487 9.44 -27.04 -3.54
N CYS B 488 8.45 -26.53 -2.81
CA CYS B 488 7.58 -27.35 -1.97
C CYS B 488 6.27 -27.75 -2.63
N ALA B 489 5.63 -28.77 -2.06
CA ALA B 489 4.35 -29.23 -2.55
C ALA B 489 3.29 -28.15 -2.48
N TYR B 490 3.28 -27.37 -1.41
CA TYR B 490 2.23 -26.38 -1.25
C TYR B 490 2.44 -25.17 -2.16
N GLY B 491 3.69 -24.94 -2.55
CA GLY B 491 3.97 -23.93 -3.56
C GLY B 491 3.43 -24.39 -4.89
N ALA B 492 3.66 -25.66 -5.24
CA ALA B 492 3.11 -26.22 -6.46
C ALA B 492 1.58 -26.19 -6.45
N TRP B 493 0.99 -26.61 -5.35
CA TRP B 493 -0.47 -26.58 -5.17
C TRP B 493 -1.05 -25.18 -5.37
N GLU B 494 -0.42 -24.19 -4.75
CA GLU B 494 -0.89 -22.81 -4.85
C GLU B 494 -0.74 -22.27 -6.25
N SER B 495 0.38 -22.60 -6.91
CA SER B 495 0.61 -22.18 -8.30
C SER B 495 -0.46 -22.70 -9.26
N GLY B 496 -0.92 -23.93 -9.03
CA GLY B 496 -1.98 -24.50 -9.85
C GLY B 496 -3.29 -23.74 -9.66
N ARG B 497 -3.61 -23.46 -8.41
CA ARG B 497 -4.80 -22.70 -8.07
C ARG B 497 -4.73 -21.31 -8.68
N ARG B 498 -3.55 -20.72 -8.63
CA ARG B 498 -3.29 -19.39 -9.18
C ARG B 498 -3.60 -19.28 -10.68
N GLU B 499 -3.05 -20.19 -11.47
CA GLU B 499 -3.25 -20.14 -12.92
C GLU B 499 -4.67 -20.53 -13.32
N ALA B 500 -5.28 -21.43 -12.55
CA ALA B 500 -6.64 -21.86 -12.85
C ALA B 500 -7.67 -20.80 -12.48
N THR B 501 -7.45 -20.12 -11.36
CA THR B 501 -8.34 -19.05 -10.92
C THR B 501 -8.31 -17.91 -11.93
N ARG B 502 -7.11 -17.57 -12.39
CA ARG B 502 -6.95 -16.55 -13.42
C ARG B 502 -7.77 -16.89 -14.66
N ILE B 503 -7.52 -18.06 -15.23
CA ILE B 503 -8.22 -18.52 -16.42
C ILE B 503 -9.72 -18.66 -16.19
N SER B 504 -10.09 -19.17 -15.03
CA SER B 504 -11.49 -19.34 -14.69
C SER B 504 -12.26 -18.02 -14.67
N ASP B 505 -11.69 -17.00 -14.04
CA ASP B 505 -12.33 -15.70 -13.97
C ASP B 505 -12.45 -15.08 -15.37
N LEU B 506 -11.39 -15.22 -16.17
CA LEU B 506 -11.41 -14.76 -17.55
C LEU B 506 -12.53 -15.42 -18.35
N LEU B 507 -12.70 -16.73 -18.19
CA LEU B 507 -13.72 -17.46 -18.93
C LEU B 507 -15.13 -17.07 -18.48
N LYS B 508 -15.30 -16.91 -17.17
CA LYS B 508 -16.58 -16.50 -16.60
C LYS B 508 -17.03 -15.15 -17.17
N LEU B 509 -16.07 -14.24 -17.37
CA LEU B 509 -16.38 -12.88 -17.78
C LEU B 509 -16.83 -12.78 -19.24
N GLU B 510 -16.58 -13.84 -20.01
CA GLU B 510 -17.01 -13.86 -21.41
C GLU B 510 -18.45 -14.36 -21.55
N LYS C 8 -65.20 14.12 -36.42
CA LYS C 8 -65.23 14.45 -35.00
C LYS C 8 -64.16 13.66 -34.24
N LYS C 9 -63.15 14.36 -33.75
CA LYS C 9 -62.04 13.71 -33.06
C LYS C 9 -61.86 14.24 -31.65
N LYS C 10 -61.32 13.42 -30.75
CA LYS C 10 -60.99 13.90 -29.42
C LYS C 10 -59.73 14.75 -29.47
N VAL C 11 -58.69 14.23 -30.11
CA VAL C 11 -57.42 14.94 -30.20
C VAL C 11 -56.80 14.86 -31.59
N ILE C 12 -56.34 15.99 -32.09
CA ILE C 12 -55.57 15.99 -33.32
C ILE C 12 -54.16 16.48 -33.05
N ILE C 13 -53.18 15.66 -33.43
CA ILE C 13 -51.79 15.98 -33.28
C ILE C 13 -51.23 16.39 -34.64
N ILE C 14 -50.64 17.58 -34.71
CA ILE C 14 -50.02 18.04 -35.94
C ILE C 14 -48.53 17.73 -35.88
N GLY C 15 -48.07 16.87 -36.78
CA GLY C 15 -46.68 16.49 -36.81
C GLY C 15 -46.44 15.08 -36.28
N ALA C 16 -45.74 14.28 -37.06
CA ALA C 16 -45.43 12.90 -36.66
C ALA C 16 -43.94 12.72 -36.43
N GLY C 17 -43.31 13.72 -35.80
CA GLY C 17 -41.96 13.56 -35.28
C GLY C 17 -42.08 12.86 -33.95
N ILE C 18 -40.97 12.76 -33.22
CA ILE C 18 -41.01 12.02 -31.96
C ILE C 18 -41.97 12.65 -30.91
N ALA C 19 -42.10 13.97 -30.90
CA ALA C 19 -43.07 14.62 -30.01
C ALA C 19 -44.51 14.20 -30.32
N GLY C 20 -44.90 14.32 -31.59
CA GLY C 20 -46.23 13.92 -32.01
C GLY C 20 -46.51 12.44 -31.85
N LEU C 21 -45.53 11.60 -32.16
CA LEU C 21 -45.70 10.15 -32.06
C LEU C 21 -45.88 9.70 -30.61
N LYS C 22 -45.06 10.22 -29.71
CA LYS C 22 -45.17 9.90 -28.29
C LYS C 22 -46.49 10.42 -27.70
N ALA C 23 -46.92 11.59 -28.13
CA ALA C 23 -48.21 12.14 -27.70
C ALA C 23 -49.35 11.17 -28.06
N ALA C 24 -49.31 10.63 -29.28
CA ALA C 24 -50.31 9.65 -29.73
C ALA C 24 -50.19 8.35 -28.94
N SER C 25 -48.96 7.90 -28.77
CA SER C 25 -48.66 6.73 -27.94
C SER C 25 -49.27 6.86 -26.53
N THR C 26 -49.15 8.04 -25.94
CA THR C 26 -49.62 8.29 -24.59
C THR C 26 -51.14 8.31 -24.51
N LEU C 27 -51.77 9.01 -25.46
CA LEU C 27 -53.23 9.06 -25.56
C LEU C 27 -53.84 7.65 -25.61
N HIS C 28 -53.31 6.81 -26.49
CA HIS C 28 -53.78 5.43 -26.60
C HIS C 28 -53.53 4.65 -25.31
N GLN C 29 -52.37 4.88 -24.72
CA GLN C 29 -52.00 4.19 -23.49
C GLN C 29 -52.98 4.52 -22.38
N ASN C 30 -53.45 5.76 -22.35
CA ASN C 30 -54.44 6.18 -21.37
C ASN C 30 -55.88 5.96 -21.85
N GLY C 31 -56.04 5.10 -22.85
CA GLY C 31 -57.36 4.66 -23.28
C GLY C 31 -58.17 5.64 -24.11
N ILE C 32 -57.55 6.72 -24.59
CA ILE C 32 -58.24 7.69 -25.43
C ILE C 32 -58.43 7.15 -26.85
N GLN C 33 -59.64 7.32 -27.39
CA GLN C 33 -59.95 6.86 -28.74
C GLN C 33 -60.20 8.02 -29.69
N ASP C 34 -60.33 7.71 -30.97
CA ASP C 34 -60.69 8.69 -32.00
C ASP C 34 -59.74 9.87 -32.08
N CYS C 35 -58.46 9.60 -32.28
CA CYS C 35 -57.48 10.66 -32.45
C CYS C 35 -56.89 10.60 -33.85
N LEU C 36 -56.14 11.62 -34.21
CA LEU C 36 -55.55 11.70 -35.54
C LEU C 36 -54.15 12.28 -35.45
N VAL C 37 -53.24 11.77 -36.29
CA VAL C 37 -51.93 12.37 -36.44
C VAL C 37 -51.75 12.83 -37.89
N LEU C 38 -51.68 14.14 -38.08
CA LEU C 38 -51.58 14.73 -39.40
C LEU C 38 -50.14 15.17 -39.69
N GLU C 39 -49.52 14.52 -40.66
CA GLU C 39 -48.12 14.78 -40.98
C GLU C 39 -47.95 15.22 -42.44
N ALA C 40 -47.26 16.34 -42.64
CA ALA C 40 -47.07 16.90 -43.98
C ALA C 40 -46.21 16.03 -44.90
N ARG C 41 -45.20 15.37 -44.33
CA ARG C 41 -44.29 14.52 -45.10
C ARG C 41 -44.92 13.17 -45.40
N ASP C 42 -44.28 12.41 -46.28
CA ASP C 42 -44.76 11.07 -46.61
C ASP C 42 -44.16 10.03 -45.68
N ARG C 43 -43.57 10.48 -44.59
CA ARG C 43 -42.94 9.58 -43.62
C ARG C 43 -43.14 10.10 -42.21
N VAL C 44 -43.00 9.23 -41.23
CA VAL C 44 -42.97 9.68 -39.83
C VAL C 44 -41.52 9.89 -39.41
N GLY C 45 -41.33 10.55 -38.26
CA GLY C 45 -40.01 10.68 -37.70
C GLY C 45 -39.48 12.10 -37.67
N GLY C 46 -39.93 12.91 -38.63
CA GLY C 46 -39.45 14.27 -38.76
C GLY C 46 -37.94 14.40 -38.75
N ARG C 47 -37.41 15.06 -37.73
CA ARG C 47 -35.98 15.28 -37.67
C ARG C 47 -35.18 14.04 -37.23
N LEU C 48 -35.90 12.94 -36.99
CA LEU C 48 -35.31 11.62 -36.90
C LEU C 48 -35.51 10.92 -38.24
N GLN C 49 -34.43 10.77 -39.01
CA GLN C 49 -34.51 10.09 -40.29
C GLN C 49 -33.26 9.26 -40.58
N THR C 50 -33.46 7.97 -40.80
CA THR C 50 -32.38 7.08 -41.20
C THR C 50 -32.41 6.89 -42.71
N VAL C 51 -31.28 7.16 -43.36
CA VAL C 51 -31.18 7.00 -44.79
C VAL C 51 -30.21 5.88 -45.14
N THR C 52 -30.30 5.38 -46.38
CA THR C 52 -29.40 4.35 -46.84
C THR C 52 -28.46 4.94 -47.88
N GLY C 53 -27.27 4.35 -48.00
CA GLY C 53 -26.32 4.81 -49.01
C GLY C 53 -25.65 3.65 -49.72
N TYR C 54 -24.33 3.76 -49.87
CA TYR C 54 -23.50 2.75 -50.52
C TYR C 54 -23.68 1.37 -49.90
N GLN C 55 -24.12 0.41 -50.72
CA GLN C 55 -24.26 -0.98 -50.32
C GLN C 55 -25.23 -1.24 -49.16
N GLY C 56 -26.28 -0.43 -49.07
CA GLY C 56 -27.27 -0.60 -48.03
C GLY C 56 -26.83 -0.16 -46.64
N ARG C 57 -25.70 0.54 -46.55
CA ARG C 57 -25.28 1.11 -45.27
C ARG C 57 -26.33 2.11 -44.80
N LYS C 58 -26.72 2.02 -43.53
CA LYS C 58 -27.69 2.96 -42.97
C LYS C 58 -27.05 4.03 -42.07
N TYR C 59 -27.60 5.25 -42.15
CA TYR C 59 -27.11 6.37 -41.36
C TYR C 59 -28.26 7.26 -40.87
N ASP C 60 -28.15 7.71 -39.62
CA ASP C 60 -29.06 8.71 -39.11
C ASP C 60 -28.61 10.07 -39.60
N ILE C 61 -29.43 10.69 -40.43
CA ILE C 61 -29.06 11.97 -41.04
C ILE C 61 -29.66 13.12 -40.24
N GLY C 62 -30.54 12.79 -39.30
CA GLY C 62 -30.99 13.74 -38.30
C GLY C 62 -30.30 13.43 -36.99
N ALA C 63 -31.07 13.33 -35.90
CA ALA C 63 -30.52 12.96 -34.61
C ALA C 63 -29.86 11.60 -34.68
N SER C 64 -28.77 11.42 -33.94
CA SER C 64 -28.11 10.11 -33.90
C SER C 64 -27.71 9.62 -32.50
N TRP C 65 -27.53 10.54 -31.56
CA TRP C 65 -27.20 10.16 -30.19
C TRP C 65 -28.38 10.23 -29.23
N HIS C 66 -28.40 9.30 -28.27
CA HIS C 66 -29.16 9.53 -27.06
C HIS C 66 -28.22 10.33 -26.17
N HIS C 67 -28.58 11.58 -25.86
CA HIS C 67 -27.77 12.40 -24.96
C HIS C 67 -28.15 12.17 -23.50
N ASP C 68 -27.28 12.60 -22.58
CA ASP C 68 -27.60 12.64 -21.15
C ASP C 68 -28.12 11.31 -20.62
N THR C 69 -27.39 10.23 -20.89
CA THR C 69 -27.88 8.89 -20.60
C THR C 69 -28.12 8.57 -19.11
N LEU C 70 -27.62 9.44 -18.22
CA LEU C 70 -27.90 9.25 -16.80
C LEU C 70 -29.35 9.58 -16.48
N THR C 71 -29.94 10.52 -17.20
CA THR C 71 -31.29 11.00 -16.89
C THR C 71 -32.29 10.83 -18.04
N ASN C 72 -31.77 10.60 -19.24
CA ASN C 72 -32.58 10.52 -20.47
C ASN C 72 -33.63 9.42 -20.38
N PRO C 73 -34.91 9.80 -20.19
CA PRO C 73 -36.02 8.85 -19.97
C PRO C 73 -36.32 7.97 -21.19
N LEU C 74 -36.07 8.49 -22.39
CA LEU C 74 -36.27 7.72 -23.60
C LEU C 74 -35.16 6.68 -23.75
N PHE C 75 -33.92 7.09 -23.50
CA PHE C 75 -32.80 6.16 -23.53
C PHE C 75 -33.01 5.01 -22.56
N LEU C 76 -33.57 5.31 -21.40
CA LEU C 76 -33.70 4.30 -20.36
C LEU C 76 -34.73 3.25 -20.75
N GLU C 77 -35.75 3.67 -21.50
CA GLU C 77 -36.71 2.75 -22.11
C GLU C 77 -35.99 1.81 -23.08
N GLU C 78 -35.21 2.40 -23.99
CA GLU C 78 -34.45 1.62 -24.96
C GLU C 78 -33.52 0.64 -24.28
N ALA C 79 -32.84 1.10 -23.23
CA ALA C 79 -31.90 0.26 -22.49
C ALA C 79 -32.63 -0.91 -21.81
N GLN C 80 -33.80 -0.64 -21.25
CA GLN C 80 -34.57 -1.69 -20.59
C GLN C 80 -35.00 -2.77 -21.58
N LEU C 81 -35.34 -2.34 -22.80
CA LEU C 81 -35.70 -3.29 -23.85
C LEU C 81 -34.52 -4.17 -24.21
N SER C 82 -33.33 -3.58 -24.30
CA SER C 82 -32.14 -4.31 -24.71
C SER C 82 -31.71 -5.30 -23.63
N LEU C 83 -31.91 -4.92 -22.37
CA LEU C 83 -31.61 -5.80 -21.25
C LEU C 83 -32.43 -7.08 -21.33
N ASN C 84 -33.66 -6.97 -21.82
CA ASN C 84 -34.59 -8.09 -21.83
C ASN C 84 -34.51 -9.00 -23.07
N ASP C 85 -34.35 -8.42 -24.25
CA ASP C 85 -34.30 -9.22 -25.47
C ASP C 85 -32.89 -9.44 -26.01
N GLY C 86 -31.95 -8.61 -25.55
CA GLY C 86 -30.56 -8.78 -25.94
C GLY C 86 -30.21 -8.22 -27.30
N ARG C 87 -31.11 -7.42 -27.86
CA ARG C 87 -30.85 -6.78 -29.15
C ARG C 87 -30.04 -5.50 -28.97
N THR C 88 -29.08 -5.29 -29.85
CA THR C 88 -28.30 -4.05 -29.83
C THR C 88 -29.10 -2.89 -30.42
N ARG C 89 -29.32 -1.86 -29.61
CA ARG C 89 -30.09 -0.69 -30.05
C ARG C 89 -29.21 0.55 -30.10
N PHE C 90 -28.11 0.51 -29.35
CA PHE C 90 -27.19 1.63 -29.27
C PHE C 90 -25.79 1.16 -28.92
N VAL C 91 -24.81 2.04 -29.10
CA VAL C 91 -23.43 1.77 -28.68
C VAL C 91 -22.83 3.01 -28.02
N PHE C 92 -22.19 2.83 -26.87
CA PHE C 92 -21.48 3.94 -26.24
C PHE C 92 -20.18 4.23 -26.98
N ASP C 93 -20.21 5.28 -27.79
CA ASP C 93 -19.10 5.59 -28.69
C ASP C 93 -18.28 6.79 -28.20
N ASP C 94 -18.58 7.28 -26.99
CA ASP C 94 -17.80 8.37 -26.42
C ASP C 94 -16.34 7.96 -26.31
N ASP C 95 -15.46 8.81 -26.80
CA ASP C 95 -14.06 8.44 -26.97
C ASP C 95 -13.14 9.62 -26.70
N ASN C 96 -11.85 9.36 -26.64
CA ASN C 96 -10.86 10.44 -26.53
C ASN C 96 -10.75 11.15 -27.87
N PHE C 97 -11.06 12.44 -27.86
CA PHE C 97 -11.06 13.23 -29.09
C PHE C 97 -9.67 13.39 -29.69
N ILE C 98 -9.56 13.11 -30.98
CA ILE C 98 -8.37 13.44 -31.74
C ILE C 98 -8.56 14.82 -32.37
N TYR C 99 -7.61 15.72 -32.14
CA TYR C 99 -7.71 17.07 -32.68
C TYR C 99 -6.61 17.33 -33.71
N ILE C 100 -6.99 17.86 -34.86
CA ILE C 100 -6.06 18.01 -35.98
C ILE C 100 -5.99 19.43 -36.52
N ASP C 101 -4.76 19.94 -36.61
CA ASP C 101 -4.48 21.22 -37.23
C ASP C 101 -3.81 20.98 -38.58
N GLU C 102 -4.05 21.87 -39.55
CA GLU C 102 -3.54 21.69 -40.90
C GLU C 102 -2.01 21.64 -40.98
N GLU C 103 -1.34 22.45 -40.18
CA GLU C 103 0.12 22.52 -40.24
C GLU C 103 0.80 21.63 -39.21
N ARG C 104 0.30 21.65 -37.97
CA ARG C 104 0.94 20.94 -36.88
C ARG C 104 0.52 19.48 -36.79
N GLY C 105 -0.58 19.14 -37.45
CA GLY C 105 -1.11 17.78 -37.37
C GLY C 105 -1.84 17.56 -36.06
N ARG C 106 -1.74 16.35 -35.51
CA ARG C 106 -2.40 16.04 -34.24
C ARG C 106 -1.95 16.96 -33.12
N VAL C 107 -2.91 17.39 -32.32
CA VAL C 107 -2.69 18.40 -31.32
C VAL C 107 -3.29 17.96 -29.98
N ASP C 108 -3.89 16.77 -29.98
CA ASP C 108 -4.57 16.24 -28.79
C ASP C 108 -3.60 15.53 -27.86
N HIS C 109 -3.91 15.55 -26.56
CA HIS C 109 -3.13 14.83 -25.55
C HIS C 109 -1.64 15.10 -25.72
N ASP C 110 -1.29 16.36 -25.97
CA ASP C 110 0.06 16.75 -26.28
C ASP C 110 0.77 17.21 -25.01
N LYS C 111 1.93 16.61 -24.72
CA LYS C 111 2.58 16.78 -23.43
C LYS C 111 3.02 18.21 -23.09
N GLU C 112 3.15 19.06 -24.10
CA GLU C 112 3.45 20.47 -23.84
C GLU C 112 2.29 21.43 -24.13
N LEU C 113 1.41 21.06 -25.05
CA LEU C 113 0.26 21.92 -25.33
C LEU C 113 -0.80 21.83 -24.26
N LEU C 114 -1.07 20.61 -23.79
CA LEU C 114 -2.04 20.36 -22.72
C LEU C 114 -3.35 21.12 -22.95
N LEU C 115 -3.82 21.11 -24.20
CA LEU C 115 -4.95 21.94 -24.57
C LEU C 115 -6.22 21.58 -23.83
N GLU C 116 -6.44 20.29 -23.59
CA GLU C 116 -7.65 19.82 -22.92
C GLU C 116 -7.74 20.35 -21.49
N ILE C 117 -6.58 20.48 -20.85
CA ILE C 117 -6.52 20.99 -19.48
C ILE C 117 -6.92 22.45 -19.42
N VAL C 118 -6.37 23.27 -20.31
CA VAL C 118 -6.76 24.67 -20.34
C VAL C 118 -8.18 24.87 -20.88
N ASP C 119 -8.65 23.93 -21.70
CA ASP C 119 -10.05 23.95 -22.18
C ASP C 119 -11.00 23.75 -21.01
N ASN C 120 -10.66 22.83 -20.10
CA ASN C 120 -11.45 22.65 -18.90
C ASN C 120 -11.42 23.88 -17.97
N GLU C 121 -10.29 24.57 -17.92
CA GLU C 121 -10.22 25.80 -17.13
C GLU C 121 -11.11 26.87 -17.76
N MET C 122 -11.12 26.93 -19.08
CA MET C 122 -11.99 27.82 -19.84
C MET C 122 -13.46 27.62 -19.50
N SER C 123 -13.90 26.37 -19.50
CA SER C 123 -15.28 26.05 -19.15
C SER C 123 -15.58 26.43 -17.70
N LYS C 124 -14.60 26.25 -16.81
CA LYS C 124 -14.78 26.66 -15.43
C LYS C 124 -14.90 28.19 -15.36
N PHE C 125 -14.07 28.87 -16.15
CA PHE C 125 -14.15 30.32 -16.26
C PHE C 125 -15.55 30.77 -16.72
N ALA C 126 -16.11 30.08 -17.72
CA ALA C 126 -17.44 30.39 -18.23
C ALA C 126 -18.51 30.19 -17.16
N GLU C 127 -18.36 29.12 -16.40
CA GLU C 127 -19.27 28.82 -15.31
C GLU C 127 -19.24 29.93 -14.25
N LEU C 128 -18.03 30.36 -13.89
CA LEU C 128 -17.88 31.41 -12.88
C LEU C 128 -18.38 32.77 -13.37
N GLU C 129 -18.32 33.00 -14.68
CA GLU C 129 -18.82 34.25 -15.27
C GLU C 129 -20.33 34.39 -15.12
N PHE C 130 -21.04 33.27 -15.19
CA PHE C 130 -22.51 33.30 -15.28
C PHE C 130 -23.22 32.61 -14.13
N HIS C 131 -22.77 31.40 -13.78
CA HIS C 131 -23.49 30.51 -12.87
C HIS C 131 -23.38 30.94 -11.39
N GLN C 132 -23.40 32.24 -11.15
CA GLN C 132 -23.37 32.78 -9.80
C GLN C 132 -23.56 34.31 -9.78
N HIS C 133 -23.96 34.87 -10.90
CA HIS C 133 -23.98 36.32 -11.05
C HIS C 133 -25.27 36.82 -11.70
N LEU C 134 -26.26 37.10 -10.88
CA LEU C 134 -27.53 37.63 -11.35
C LEU C 134 -27.30 38.99 -12.01
N GLY C 135 -27.76 39.14 -13.24
CA GLY C 135 -27.68 40.43 -13.92
C GLY C 135 -26.47 40.62 -14.80
N VAL C 136 -25.76 39.54 -15.11
CA VAL C 136 -24.59 39.65 -15.99
C VAL C 136 -25.01 39.68 -17.46
N SER C 137 -24.38 40.56 -18.24
CA SER C 137 -24.68 40.68 -19.65
C SER C 137 -24.22 39.45 -20.43
N ASP C 138 -25.02 39.03 -21.40
CA ASP C 138 -24.64 37.93 -22.28
C ASP C 138 -23.70 38.48 -23.34
N CYS C 139 -23.02 37.58 -24.05
CA CYS C 139 -22.13 37.94 -25.15
C CYS C 139 -22.00 36.72 -26.04
N SER C 140 -21.28 36.86 -27.15
CA SER C 140 -21.05 35.70 -28.01
C SER C 140 -20.01 34.80 -27.38
N PHE C 141 -20.04 33.52 -27.74
CA PHE C 141 -19.05 32.57 -27.28
C PHE C 141 -17.64 33.03 -27.63
N PHE C 142 -17.48 33.56 -28.85
CA PHE C 142 -16.21 34.14 -29.27
C PHE C 142 -15.68 35.19 -28.29
N GLN C 143 -16.53 36.14 -27.91
CA GLN C 143 -16.16 37.21 -26.98
C GLN C 143 -15.76 36.65 -25.62
N LEU C 144 -16.44 35.59 -25.20
CA LEU C 144 -16.12 34.94 -23.94
C LEU C 144 -14.72 34.33 -23.98
N VAL C 145 -14.39 33.66 -25.08
CA VAL C 145 -13.05 33.09 -25.23
C VAL C 145 -11.99 34.19 -25.17
N MET C 146 -12.26 35.32 -25.82
CA MET C 146 -11.34 36.45 -25.83
C MET C 146 -11.14 37.04 -24.42
N LYS C 147 -12.21 37.12 -23.63
CA LYS C 147 -12.10 37.59 -22.25
C LYS C 147 -11.23 36.64 -21.43
N TYR C 148 -11.43 35.34 -21.61
CA TYR C 148 -10.63 34.34 -20.92
C TYR C 148 -9.15 34.51 -21.24
N LEU C 149 -8.84 34.70 -22.52
CA LEU C 149 -7.47 34.81 -22.99
C LEU C 149 -6.81 36.06 -22.43
N LEU C 150 -7.56 37.16 -22.40
CA LEU C 150 -7.07 38.43 -21.90
C LEU C 150 -6.82 38.37 -20.40
N GLN C 151 -7.65 37.63 -19.68
CA GLN C 151 -7.52 37.52 -18.24
C GLN C 151 -6.39 36.56 -17.84
N ARG C 152 -6.19 35.51 -18.63
CA ARG C 152 -5.29 34.44 -18.24
C ARG C 152 -4.00 34.34 -19.06
N ARG C 153 -3.74 35.34 -19.89
CA ARG C 153 -2.59 35.30 -20.81
C ARG C 153 -1.23 35.14 -20.10
N GLN C 154 -1.11 35.67 -18.88
CA GLN C 154 0.11 35.50 -18.10
C GLN C 154 0.39 34.01 -17.87
N PHE C 155 -0.67 33.23 -17.79
CA PHE C 155 -0.55 31.81 -17.45
C PHE C 155 -0.82 30.90 -18.65
N LEU C 156 -0.67 31.44 -19.85
CA LEU C 156 -0.82 30.67 -21.07
C LEU C 156 0.43 30.81 -21.93
N THR C 157 0.90 29.70 -22.51
CA THR C 157 1.98 29.78 -23.48
C THR C 157 1.44 30.36 -24.79
N ASN C 158 2.37 30.82 -25.63
CA ASN C 158 2.01 31.33 -26.96
C ASN C 158 1.21 30.32 -27.79
N ASP C 159 1.61 29.06 -27.72
CA ASP C 159 0.93 28.02 -28.50
C ASP C 159 -0.43 27.66 -27.91
N GLN C 160 -0.58 27.82 -26.61
CA GLN C 160 -1.88 27.66 -25.97
C GLN C 160 -2.84 28.76 -26.40
N ILE C 161 -2.33 30.00 -26.51
CA ILE C 161 -3.16 31.11 -26.96
C ILE C 161 -3.59 30.92 -28.43
N ARG C 162 -2.69 30.39 -29.24
CA ARG C 162 -3.00 30.16 -30.65
C ARG C 162 -4.05 29.07 -30.87
N TYR C 163 -3.87 27.93 -30.19
CA TYR C 163 -4.63 26.73 -30.53
C TYR C 163 -5.86 26.48 -29.67
N LEU C 164 -5.82 26.89 -28.41
CA LEU C 164 -6.95 26.72 -27.51
C LEU C 164 -8.29 27.28 -28.03
N PRO C 165 -8.29 28.52 -28.58
CA PRO C 165 -9.56 29.04 -29.10
C PRO C 165 -10.14 28.18 -30.22
N GLN C 166 -9.29 27.61 -31.06
CA GLN C 166 -9.78 26.77 -32.15
C GLN C 166 -10.31 25.45 -31.62
N LEU C 167 -9.71 24.98 -30.53
CA LEU C 167 -10.14 23.73 -29.92
C LEU C 167 -11.49 23.86 -29.26
N CYS C 168 -11.71 24.95 -28.52
CA CYS C 168 -12.95 25.17 -27.78
CA CYS C 168 -12.95 25.09 -27.77
C CYS C 168 -14.17 25.23 -28.69
N ARG C 169 -13.92 25.49 -29.97
CA ARG C 169 -15.00 25.69 -30.95
C ARG C 169 -15.71 24.40 -31.37
N TYR C 170 -15.40 23.28 -30.71
CA TYR C 170 -16.14 22.05 -30.94
C TYR C 170 -17.57 22.23 -30.41
N LEU C 171 -17.75 23.17 -29.50
CA LEU C 171 -19.07 23.50 -28.98
C LEU C 171 -20.00 24.02 -30.08
N GLU C 172 -19.42 24.56 -31.15
CA GLU C 172 -20.21 24.96 -32.33
C GLU C 172 -21.02 23.79 -32.88
N LEU C 173 -20.48 22.58 -32.75
CA LEU C 173 -21.16 21.41 -33.30
C LEU C 173 -22.15 20.81 -32.31
N TRP C 174 -22.26 21.41 -31.13
CA TRP C 174 -23.29 21.05 -30.17
C TRP C 174 -24.52 21.91 -30.41
N HIS C 175 -24.31 23.08 -31.01
CA HIS C 175 -25.40 24.04 -31.17
C HIS C 175 -25.76 24.29 -32.63
N GLY C 176 -24.85 23.99 -33.54
CA GLY C 176 -25.09 24.21 -34.96
C GLY C 176 -24.91 25.66 -35.33
N LEU C 177 -24.10 26.37 -34.55
CA LEU C 177 -23.85 27.80 -34.74
C LEU C 177 -22.37 28.14 -34.57
N ASP C 178 -21.86 28.99 -35.46
CA ASP C 178 -20.53 29.58 -35.35
C ASP C 178 -20.38 30.34 -34.03
N TRP C 179 -19.15 30.43 -33.52
CA TRP C 179 -18.93 31.03 -32.20
C TRP C 179 -19.27 32.52 -32.07
N LYS C 180 -19.32 33.24 -33.18
CA LYS C 180 -19.69 34.66 -33.13
C LYS C 180 -21.22 34.85 -33.13
N LEU C 181 -21.95 33.78 -33.47
CA LEU C 181 -23.41 33.84 -33.51
C LEU C 181 -24.03 33.22 -32.25
N LEU C 182 -23.21 32.52 -31.49
CA LEU C 182 -23.70 31.71 -30.37
C LEU C 182 -23.65 32.44 -29.03
N SER C 183 -24.75 32.35 -28.26
CA SER C 183 -24.82 32.91 -26.92
C SER C 183 -23.85 32.22 -25.96
N ALA C 184 -22.98 33.02 -25.32
CA ALA C 184 -22.05 32.49 -24.33
C ALA C 184 -22.80 31.92 -23.13
N LYS C 185 -23.85 32.63 -22.72
CA LYS C 185 -24.69 32.23 -21.60
C LYS C 185 -25.24 30.82 -21.76
N ASP C 186 -25.52 30.43 -23.00
CA ASP C 186 -26.15 29.14 -23.27
C ASP C 186 -25.16 28.10 -23.80
N THR C 187 -23.90 28.50 -23.96
CA THR C 187 -22.92 27.62 -24.61
C THR C 187 -22.56 26.40 -23.76
N TYR C 188 -22.25 26.65 -22.49
CA TYR C 188 -21.78 25.58 -21.61
C TYR C 188 -22.88 25.02 -20.72
N PHE C 189 -23.71 24.14 -21.28
CA PHE C 189 -24.63 23.40 -20.45
C PHE C 189 -23.96 22.12 -19.95
N GLY C 190 -24.55 21.51 -18.92
CA GLY C 190 -24.00 20.29 -18.38
C GLY C 190 -24.53 19.08 -19.12
N HIS C 191 -23.64 18.17 -19.49
CA HIS C 191 -24.07 16.90 -20.08
C HIS C 191 -24.22 15.89 -18.95
N GLN C 192 -25.37 15.24 -18.87
CA GLN C 192 -25.62 14.31 -17.78
C GLN C 192 -25.14 12.91 -18.16
N GLY C 193 -23.82 12.76 -18.25
CA GLY C 193 -23.22 11.48 -18.57
C GLY C 193 -22.89 11.33 -20.04
N ARG C 194 -22.51 10.12 -20.42
CA ARG C 194 -22.11 9.84 -21.78
C ARG C 194 -23.31 9.87 -22.71
N ALA C 195 -23.04 10.06 -24.00
CA ALA C 195 -24.05 9.89 -25.04
C ALA C 195 -23.92 8.49 -25.64
N ALA C 196 -25.05 7.91 -26.05
CA ALA C 196 -25.06 6.61 -26.71
C ALA C 196 -25.55 6.74 -28.16
N PHE C 197 -24.73 6.26 -29.10
CA PHE C 197 -25.02 6.36 -30.52
C PHE C 197 -26.15 5.41 -30.88
N ALA C 198 -27.24 5.94 -31.45
CA ALA C 198 -28.41 5.12 -31.80
C ALA C 198 -28.13 4.22 -32.99
N LEU C 199 -28.66 3.00 -32.94
CA LEU C 199 -28.45 2.03 -34.02
C LEU C 199 -29.75 1.35 -34.49
N ASN C 200 -30.62 2.06 -35.21
CA ASN C 200 -30.53 3.50 -35.41
C ASN C 200 -31.79 4.13 -34.83
N TYR C 201 -31.93 5.45 -34.96
CA TYR C 201 -33.13 6.10 -34.44
C TYR C 201 -34.44 5.66 -35.12
N ASP C 202 -34.36 5.15 -36.34
CA ASP C 202 -35.58 4.70 -37.03
C ASP C 202 -36.29 3.60 -36.26
N SER C 203 -35.52 2.73 -35.60
CA SER C 203 -36.08 1.69 -34.74
C SER C 203 -36.82 2.28 -33.55
N VAL C 204 -36.37 3.44 -33.08
CA VAL C 204 -37.10 4.13 -32.02
C VAL C 204 -38.41 4.70 -32.57
N VAL C 205 -38.34 5.38 -33.70
CA VAL C 205 -39.52 5.97 -34.34
C VAL C 205 -40.55 4.89 -34.63
N GLN C 206 -40.08 3.76 -35.14
CA GLN C 206 -40.98 2.67 -35.52
C GLN C 206 -41.67 2.04 -34.32
N ARG C 207 -40.96 1.88 -33.21
CA ARG C 207 -41.58 1.28 -32.03
C ARG C 207 -42.69 2.17 -31.47
N ILE C 208 -42.44 3.47 -31.42
CA ILE C 208 -43.44 4.40 -30.90
C ILE C 208 -44.63 4.52 -31.86
N ALA C 209 -44.35 4.62 -33.15
CA ALA C 209 -45.40 4.73 -34.17
C ALA C 209 -46.36 3.54 -34.18
N GLN C 210 -45.83 2.36 -33.88
CA GLN C 210 -46.63 1.13 -33.89
C GLN C 210 -47.40 0.91 -32.59
N SER C 211 -47.28 1.84 -31.66
CA SER C 211 -47.86 1.65 -30.33
C SER C 211 -49.24 2.30 -30.17
N PHE C 212 -49.72 2.94 -31.23
CA PHE C 212 -51.09 3.44 -31.26
C PHE C 212 -51.81 2.90 -32.51
N PRO C 213 -53.15 3.04 -32.58
CA PRO C 213 -53.90 2.55 -33.75
C PRO C 213 -53.36 3.10 -35.07
N GLN C 214 -53.03 2.20 -36.00
CA GLN C 214 -52.36 2.57 -37.24
C GLN C 214 -53.21 3.46 -38.14
N ASN C 215 -54.52 3.43 -37.96
CA ASN C 215 -55.39 4.26 -38.79
C ASN C 215 -55.49 5.71 -38.28
N TRP C 216 -54.81 6.00 -37.17
CA TRP C 216 -54.75 7.37 -36.66
C TRP C 216 -53.87 8.22 -37.55
N LEU C 217 -52.87 7.59 -38.14
CA LEU C 217 -51.84 8.28 -38.90
C LEU C 217 -52.29 8.70 -40.31
N LYS C 218 -52.12 9.99 -40.62
CA LYS C 218 -52.39 10.52 -41.94
C LYS C 218 -51.16 11.22 -42.49
N LEU C 219 -50.41 10.55 -43.36
CA LEU C 219 -49.23 11.15 -43.97
C LEU C 219 -49.61 11.99 -45.18
N SER C 220 -48.65 12.76 -45.71
CA SER C 220 -48.86 13.60 -46.88
C SER C 220 -50.04 14.54 -46.66
N CYS C 221 -50.18 15.02 -45.43
CA CYS C 221 -51.33 15.83 -45.04
C CYS C 221 -50.85 17.12 -44.36
N GLU C 222 -50.64 18.15 -45.17
CA GLU C 222 -50.16 19.44 -44.67
C GLU C 222 -51.31 20.25 -44.06
N VAL C 223 -51.16 20.58 -42.78
CA VAL C 223 -52.16 21.41 -42.10
C VAL C 223 -51.93 22.87 -42.48
N LYS C 224 -53.00 23.53 -42.89
CA LYS C 224 -52.88 24.91 -43.36
C LYS C 224 -53.49 25.94 -42.42
N SER C 225 -54.43 25.53 -41.63
CA SER C 225 -55.07 26.47 -40.72
C SER C 225 -55.68 25.78 -39.51
N ILE C 226 -55.71 26.51 -38.40
CA ILE C 226 -56.29 26.02 -37.17
C ILE C 226 -57.17 27.14 -36.59
N THR C 227 -58.42 26.80 -36.30
CA THR C 227 -59.41 27.80 -35.91
C THR C 227 -60.16 27.38 -34.65
N ARG C 228 -60.30 28.31 -33.71
CA ARG C 228 -61.03 28.05 -32.47
C ARG C 228 -62.44 28.62 -32.57
N GLU C 229 -63.42 27.82 -32.15
CA GLU C 229 -64.81 28.25 -32.14
C GLU C 229 -65.22 28.72 -30.75
N ASN C 233 -64.81 24.66 -29.73
CA ASN C 233 -63.99 23.59 -30.26
C ASN C 233 -62.97 24.05 -31.30
N VAL C 234 -62.19 23.10 -31.84
CA VAL C 234 -61.10 23.46 -32.73
C VAL C 234 -61.26 22.87 -34.12
N THR C 235 -61.15 23.72 -35.12
CA THR C 235 -61.25 23.31 -36.52
C THR C 235 -59.86 23.22 -37.16
N VAL C 236 -59.59 22.11 -37.83
CA VAL C 236 -58.30 21.91 -38.49
C VAL C 236 -58.48 21.69 -39.98
N ASN C 237 -57.98 22.63 -40.78
CA ASN C 237 -58.04 22.51 -42.24
C ASN C 237 -56.74 22.01 -42.85
N CYS C 238 -56.85 20.96 -43.66
CA CYS C 238 -55.68 20.40 -44.33
C CYS C 238 -55.58 20.87 -45.78
N GLU C 239 -54.45 20.57 -46.40
CA GLU C 239 -54.12 21.01 -47.75
C GLU C 239 -55.08 20.46 -48.80
N ASP C 240 -55.53 19.22 -48.60
CA ASP C 240 -56.36 18.56 -49.60
C ASP C 240 -57.84 18.89 -49.46
N GLY C 241 -58.14 19.96 -48.73
CA GLY C 241 -59.52 20.41 -48.56
C GLY C 241 -60.24 19.71 -47.43
N THR C 242 -59.56 18.75 -46.81
CA THR C 242 -60.14 18.02 -45.68
C THR C 242 -60.24 18.90 -44.43
N VAL C 243 -61.35 18.82 -43.73
CA VAL C 243 -61.58 19.61 -42.54
C VAL C 243 -61.91 18.69 -41.38
N TYR C 244 -61.29 18.95 -40.23
CA TYR C 244 -61.56 18.16 -39.03
C TYR C 244 -62.06 19.04 -37.90
N ASN C 245 -62.59 18.40 -36.86
CA ASN C 245 -63.01 19.10 -35.65
C ASN C 245 -62.57 18.31 -34.43
N ALA C 246 -61.86 18.97 -33.51
CA ALA C 246 -61.29 18.30 -32.36
C ALA C 246 -61.55 19.05 -31.06
N ASP C 247 -61.72 18.31 -29.98
CA ASP C 247 -61.80 18.90 -28.66
C ASP C 247 -60.43 19.48 -28.28
N TYR C 248 -59.37 18.79 -28.67
CA TYR C 248 -58.01 19.22 -28.37
C TYR C 248 -57.06 19.09 -29.56
N VAL C 249 -56.07 19.98 -29.60
CA VAL C 249 -55.08 19.99 -30.67
C VAL C 249 -53.67 20.16 -30.09
N ILE C 250 -52.76 19.26 -30.46
CA ILE C 250 -51.36 19.33 -30.05
C ILE C 250 -50.49 19.61 -31.26
N ILE C 251 -49.94 20.82 -31.33
CA ILE C 251 -49.15 21.24 -32.47
C ILE C 251 -47.68 20.97 -32.21
N THR C 252 -47.04 20.17 -33.06
CA THR C 252 -45.64 19.82 -32.84
C THR C 252 -44.70 20.28 -33.94
N VAL C 253 -45.19 21.14 -34.85
CA VAL C 253 -44.34 21.66 -35.92
C VAL C 253 -43.11 22.37 -35.33
N PRO C 254 -41.99 22.39 -36.06
CA PRO C 254 -40.78 23.01 -35.52
C PRO C 254 -40.97 24.49 -35.24
N GLN C 255 -40.16 25.01 -34.32
CA GLN C 255 -40.21 26.42 -33.93
C GLN C 255 -40.11 27.33 -35.17
N SER C 256 -39.30 26.91 -36.13
CA SER C 256 -39.03 27.67 -37.34
C SER C 256 -40.24 27.69 -38.28
N VAL C 257 -41.00 26.60 -38.28
CA VAL C 257 -42.22 26.54 -39.07
C VAL C 257 -43.31 27.34 -38.37
N LEU C 258 -43.42 27.17 -37.05
CA LEU C 258 -44.39 27.93 -36.26
C LEU C 258 -44.18 29.44 -36.44
N ASN C 259 -42.92 29.86 -36.50
CA ASN C 259 -42.57 31.28 -36.69
C ASN C 259 -43.20 31.90 -37.95
N LEU C 260 -43.47 31.07 -38.95
CA LEU C 260 -44.09 31.55 -40.18
C LEU C 260 -45.50 32.10 -39.94
N SER C 261 -46.15 31.62 -38.88
CA SER C 261 -47.50 32.04 -38.57
C SER C 261 -47.59 33.53 -38.24
N VAL C 262 -46.53 34.10 -37.71
CA VAL C 262 -46.57 35.50 -37.27
C VAL C 262 -46.19 36.50 -38.37
N GLN C 263 -46.06 36.01 -39.60
CA GLN C 263 -45.89 36.88 -40.75
C GLN C 263 -47.03 36.70 -41.75
N PRO C 264 -47.41 37.77 -42.46
CA PRO C 264 -48.62 37.81 -43.28
C PRO C 264 -48.69 36.83 -44.46
N GLU C 265 -47.57 36.65 -45.18
CA GLU C 265 -47.57 35.81 -46.38
C GLU C 265 -48.09 34.41 -46.09
N LYS C 266 -49.19 34.04 -46.75
CA LYS C 266 -49.96 32.86 -46.38
C LYS C 266 -49.48 31.56 -47.02
N ASN C 267 -49.03 31.65 -48.28
CA ASN C 267 -48.74 30.45 -49.05
C ASN C 267 -47.31 29.96 -48.94
N LEU C 268 -46.84 29.82 -47.71
CA LEU C 268 -45.53 29.23 -47.42
C LEU C 268 -45.72 27.79 -46.98
N ARG C 269 -44.95 26.88 -47.54
CA ARG C 269 -45.06 25.46 -47.19
C ARG C 269 -44.83 25.25 -45.69
N GLY C 270 -45.80 24.61 -45.04
CA GLY C 270 -45.72 24.37 -43.61
C GLY C 270 -46.45 25.38 -42.75
N ARG C 271 -46.63 26.59 -43.27
CA ARG C 271 -47.28 27.65 -42.49
C ARG C 271 -48.72 27.35 -42.10
N ILE C 272 -49.00 27.49 -40.81
CA ILE C 272 -50.35 27.29 -40.29
C ILE C 272 -50.99 28.65 -39.98
N GLU C 273 -52.18 28.88 -40.52
CA GLU C 273 -52.94 30.09 -40.23
C GLU C 273 -53.73 29.91 -38.93
N PHE C 274 -53.51 30.79 -37.97
CA PHE C 274 -54.20 30.70 -36.68
C PHE C 274 -55.35 31.70 -36.57
N GLN C 275 -56.52 31.20 -36.19
CA GLN C 275 -57.68 32.05 -35.93
C GLN C 275 -58.29 31.70 -34.57
N PRO C 276 -58.21 32.64 -33.61
CA PRO C 276 -57.53 33.94 -33.67
C PRO C 276 -56.00 33.78 -33.69
N PRO C 277 -55.26 34.85 -34.03
CA PRO C 277 -53.79 34.77 -34.11
C PRO C 277 -53.17 34.30 -32.80
N LEU C 278 -51.98 33.70 -32.88
CA LEU C 278 -51.23 33.32 -31.69
C LEU C 278 -51.10 34.52 -30.74
N LYS C 279 -51.24 34.26 -29.44
CA LYS C 279 -51.12 35.29 -28.41
C LYS C 279 -49.84 36.10 -28.56
N PRO C 280 -49.87 37.36 -28.11
CA PRO C 280 -48.69 38.23 -28.18
C PRO C 280 -47.48 37.64 -27.45
N VAL C 281 -47.71 36.95 -26.34
CA VAL C 281 -46.60 36.35 -25.59
C VAL C 281 -45.91 35.26 -26.40
N ILE C 282 -46.68 34.50 -27.17
CA ILE C 282 -46.11 33.54 -28.09
C ILE C 282 -45.38 34.28 -29.21
N GLN C 283 -46.07 35.24 -29.82
CA GLN C 283 -45.50 36.02 -30.93
C GLN C 283 -44.17 36.69 -30.54
N ASP C 284 -44.15 37.34 -29.39
CA ASP C 284 -42.95 38.06 -28.94
C ASP C 284 -41.81 37.13 -28.51
N ALA C 285 -42.14 35.91 -28.09
CA ALA C 285 -41.13 34.93 -27.71
C ALA C 285 -40.21 34.55 -28.87
N PHE C 286 -40.72 34.67 -30.10
CA PHE C 286 -39.90 34.39 -31.28
C PHE C 286 -38.74 35.37 -31.42
N ASP C 287 -38.85 36.53 -30.80
CA ASP C 287 -37.77 37.53 -30.80
C ASP C 287 -36.63 37.13 -29.89
N LYS C 288 -36.90 36.27 -28.91
CA LYS C 288 -35.91 35.97 -27.88
C LYS C 288 -35.34 34.56 -27.96
N ILE C 289 -35.56 33.88 -29.09
CA ILE C 289 -34.98 32.57 -29.32
C ILE C 289 -34.84 32.36 -30.82
N HIS C 290 -33.88 31.54 -31.23
CA HIS C 290 -33.63 31.38 -32.66
C HIS C 290 -33.46 29.91 -33.03
N PHE C 291 -32.86 29.66 -34.18
CA PHE C 291 -32.82 28.30 -34.74
C PHE C 291 -31.45 28.03 -35.37
N GLY C 292 -30.78 26.97 -34.91
CA GLY C 292 -29.45 26.66 -35.39
C GLY C 292 -29.49 25.79 -36.64
N ALA C 293 -28.36 25.67 -37.33
CA ALA C 293 -28.30 24.84 -38.52
C ALA C 293 -27.17 23.82 -38.45
N LEU C 294 -27.23 22.90 -37.49
CA LEU C 294 -26.33 21.77 -37.50
C LEU C 294 -26.63 20.95 -38.76
N GLY C 295 -25.59 20.54 -39.47
CA GLY C 295 -25.74 19.72 -40.66
C GLY C 295 -24.86 18.48 -40.63
N LYS C 296 -25.12 17.56 -41.55
CA LYS C 296 -24.35 16.33 -41.66
C LYS C 296 -23.88 16.03 -43.07
N VAL C 297 -22.65 15.54 -43.17
CA VAL C 297 -22.15 14.96 -44.40
C VAL C 297 -21.58 13.57 -44.09
N ILE C 298 -22.03 12.58 -44.85
CA ILE C 298 -21.54 11.22 -44.68
C ILE C 298 -20.59 10.89 -45.81
N PHE C 299 -19.34 10.61 -45.47
CA PHE C 299 -18.37 10.14 -46.46
C PHE C 299 -18.24 8.63 -46.36
N GLU C 300 -18.66 7.92 -47.41
CA GLU C 300 -18.61 6.47 -47.43
C GLU C 300 -17.41 5.98 -48.23
N PHE C 301 -16.56 5.20 -47.59
CA PHE C 301 -15.36 4.66 -48.24
C PHE C 301 -15.55 3.17 -48.52
N GLU C 302 -14.80 2.65 -49.49
CA GLU C 302 -14.93 1.25 -49.86
C GLU C 302 -14.64 0.33 -48.68
N GLU C 303 -13.51 0.56 -48.02
CA GLU C 303 -13.16 -0.19 -46.81
C GLU C 303 -12.24 0.62 -45.92
N CYS C 304 -12.16 0.24 -44.65
CA CYS C 304 -11.29 0.92 -43.70
C CYS C 304 -9.82 0.57 -43.87
N CYS C 305 -9.01 1.59 -44.17
CA CYS C 305 -7.57 1.42 -44.28
C CYS C 305 -6.87 2.51 -43.46
N TRP C 306 -7.51 2.89 -42.36
CA TRP C 306 -6.96 3.90 -41.46
C TRP C 306 -6.97 3.39 -40.03
N SER C 307 -6.28 4.10 -39.15
CA SER C 307 -6.23 3.76 -37.73
C SER C 307 -7.59 3.94 -37.06
N ASN C 308 -7.96 2.97 -36.21
CA ASN C 308 -9.17 3.06 -35.40
C ASN C 308 -8.88 3.39 -33.94
N GLU C 309 -7.92 4.28 -33.72
CA GLU C 309 -7.59 4.72 -32.36
C GLU C 309 -8.79 5.36 -31.68
N SER C 310 -9.53 6.18 -32.41
CA SER C 310 -10.68 6.87 -31.86
C SER C 310 -11.84 7.00 -32.85
N SER C 311 -13.06 7.11 -32.32
CA SER C 311 -14.24 7.32 -33.15
C SER C 311 -14.55 8.82 -33.26
N LYS C 312 -13.78 9.63 -32.53
CA LYS C 312 -14.05 11.07 -32.45
C LYS C 312 -12.88 11.93 -32.93
N ILE C 313 -13.10 12.65 -34.02
CA ILE C 313 -12.06 13.48 -34.62
C ILE C 313 -12.56 14.88 -34.91
N VAL C 314 -11.82 15.88 -34.46
CA VAL C 314 -12.14 17.27 -34.75
C VAL C 314 -11.00 17.95 -35.52
N THR C 315 -11.33 18.58 -36.64
CA THR C 315 -10.35 19.38 -37.35
C THR C 315 -10.47 20.83 -36.94
N LEU C 316 -9.34 21.45 -36.59
CA LEU C 316 -9.33 22.82 -36.11
C LEU C 316 -9.25 23.78 -37.28
N ALA C 317 -10.00 24.88 -37.20
CA ALA C 317 -9.86 25.96 -38.16
C ALA C 317 -8.44 26.52 -38.06
N ASN C 318 -7.92 27.05 -39.16
CA ASN C 318 -6.59 27.63 -39.15
C ASN C 318 -6.45 28.77 -38.13
N SER C 319 -5.25 28.89 -37.58
CA SER C 319 -4.92 29.95 -36.64
C SER C 319 -3.60 30.58 -37.04
N THR C 320 -3.24 31.70 -36.44
CA THR C 320 -1.99 32.37 -36.77
C THR C 320 -1.21 32.78 -35.53
N ASN C 321 0.06 33.13 -35.73
CA ASN C 321 0.87 33.69 -34.65
C ASN C 321 0.61 35.18 -34.49
N GLU C 322 0.07 35.79 -35.55
CA GLU C 322 -0.32 37.20 -35.50
C GLU C 322 -1.41 37.40 -34.46
N PHE C 323 -2.28 36.41 -34.33
CA PHE C 323 -3.34 36.44 -33.33
C PHE C 323 -2.74 36.48 -31.92
N VAL C 324 -1.69 35.68 -31.70
CA VAL C 324 -1.01 35.64 -30.40
C VAL C 324 -0.44 36.99 -30.02
N GLU C 325 0.26 37.63 -30.95
CA GLU C 325 0.82 38.95 -30.70
C GLU C 325 -0.27 39.96 -30.37
N ILE C 326 -1.42 39.82 -31.03
CA ILE C 326 -2.55 40.69 -30.77
C ILE C 326 -3.04 40.50 -29.33
N VAL C 327 -3.22 39.25 -28.93
CA VAL C 327 -3.61 38.93 -27.56
C VAL C 327 -2.59 39.47 -26.54
N ARG C 328 -1.30 39.29 -26.84
CA ARG C 328 -0.24 39.74 -25.94
C ARG C 328 -0.20 41.26 -25.81
N ASN C 329 -0.46 41.95 -26.92
CA ASN C 329 -0.30 43.41 -26.97
C ASN C 329 -1.52 44.24 -26.55
N ALA C 330 -2.69 43.62 -26.54
CA ALA C 330 -3.94 44.34 -26.25
C ALA C 330 -4.05 44.76 -24.80
N GLU C 331 -4.41 46.03 -24.57
CA GLU C 331 -4.53 46.56 -23.22
C GLU C 331 -5.86 46.15 -22.58
N ASN C 332 -6.91 46.10 -23.38
CA ASN C 332 -8.22 45.71 -22.87
C ASN C 332 -9.07 45.00 -23.91
N LEU C 333 -10.33 44.75 -23.55
CA LEU C 333 -11.25 43.99 -24.38
C LEU C 333 -11.57 44.65 -25.73
N ASP C 334 -11.95 45.93 -25.70
CA ASP C 334 -12.34 46.58 -26.96
C ASP C 334 -11.13 46.92 -27.83
N GLU C 335 -9.98 47.17 -27.21
CA GLU C 335 -8.75 47.35 -27.98
C GLU C 335 -8.41 46.05 -28.72
N LEU C 336 -8.58 44.93 -28.04
CA LEU C 336 -8.40 43.60 -28.66
C LEU C 336 -9.31 43.41 -29.88
N ASP C 337 -10.61 43.67 -29.70
CA ASP C 337 -11.56 43.54 -30.80
C ASP C 337 -11.21 44.50 -31.93
N SER C 338 -10.80 45.70 -31.58
CA SER C 338 -10.36 46.70 -32.55
C SER C 338 -9.19 46.18 -33.38
N MET C 339 -8.21 45.57 -32.70
CA MET C 339 -7.03 45.05 -33.35
C MET C 339 -7.34 43.83 -34.24
N LEU C 340 -8.29 43.01 -33.81
CA LEU C 340 -8.65 41.79 -34.54
C LEU C 340 -9.37 42.09 -35.86
N GLU C 341 -10.30 43.05 -35.85
CA GLU C 341 -11.04 43.38 -37.07
C GLU C 341 -10.13 44.05 -38.10
N ARG C 342 -9.15 44.80 -37.63
CA ARG C 342 -8.17 45.45 -38.50
C ARG C 342 -7.30 44.41 -39.21
N GLU C 343 -6.99 43.32 -38.49
CA GLU C 343 -6.22 42.21 -39.04
C GLU C 343 -7.08 41.40 -40.02
N ASP C 344 -8.37 41.29 -39.70
CA ASP C 344 -9.30 40.50 -40.51
C ASP C 344 -9.66 41.22 -41.81
N SER C 345 -9.40 42.52 -41.87
CA SER C 345 -9.71 43.30 -43.07
C SER C 345 -8.46 43.52 -43.91
N THR C 349 -10.05 36.01 -47.97
CA THR C 349 -10.13 34.78 -48.76
C THR C 349 -11.53 34.20 -48.74
N SER C 350 -11.78 33.23 -49.61
CA SER C 350 -13.04 32.53 -49.64
C SER C 350 -13.06 31.49 -48.52
N VAL C 351 -14.25 31.13 -48.07
CA VAL C 351 -14.42 30.08 -47.07
C VAL C 351 -13.89 28.75 -47.62
N THR C 352 -13.08 28.06 -46.82
CA THR C 352 -12.60 26.73 -47.19
C THR C 352 -12.96 25.75 -46.08
N CYS C 353 -12.57 24.49 -46.26
CA CYS C 353 -12.80 23.48 -45.24
C CYS C 353 -11.98 23.72 -43.96
N TRP C 354 -11.04 24.66 -44.02
CA TRP C 354 -10.22 24.99 -42.85
C TRP C 354 -10.64 26.30 -42.19
N SER C 355 -11.80 26.82 -42.58
CA SER C 355 -12.28 28.10 -42.07
C SER C 355 -13.09 27.95 -40.77
N GLN C 356 -13.36 26.72 -40.38
CA GLN C 356 -14.21 26.45 -39.22
C GLN C 356 -13.92 25.04 -38.76
N PRO C 357 -14.25 24.72 -37.50
CA PRO C 357 -14.00 23.34 -37.07
C PRO C 357 -15.03 22.39 -37.65
N LEU C 358 -14.61 21.15 -37.89
CA LEU C 358 -15.51 20.12 -38.32
C LEU C 358 -15.36 18.90 -37.41
N PHE C 359 -16.49 18.27 -37.09
CA PHE C 359 -16.51 17.11 -36.22
C PHE C 359 -16.79 15.83 -37.02
N PHE C 360 -15.77 14.97 -37.10
CA PHE C 360 -15.88 13.72 -37.83
C PHE C 360 -16.03 12.54 -36.88
N VAL C 361 -17.07 11.73 -37.10
CA VAL C 361 -17.25 10.52 -36.34
C VAL C 361 -16.73 9.35 -37.16
N ASN C 362 -15.73 8.67 -36.63
CA ASN C 362 -15.15 7.49 -37.28
C ASN C 362 -15.98 6.27 -36.94
N LEU C 363 -16.90 5.93 -37.84
CA LEU C 363 -17.87 4.87 -37.60
C LEU C 363 -17.24 3.48 -37.61
N SER C 364 -16.07 3.36 -38.24
CA SER C 364 -15.37 2.07 -38.30
C SER C 364 -15.09 1.50 -36.92
N LYS C 365 -14.61 2.35 -36.00
CA LYS C 365 -14.27 1.89 -34.66
C LYS C 365 -15.49 1.38 -33.90
N SER C 366 -16.58 2.13 -33.96
CA SER C 366 -17.74 1.84 -33.13
C SER C 366 -18.81 0.97 -33.81
N THR C 367 -18.99 1.13 -35.12
CA THR C 367 -20.02 0.37 -35.81
C THR C 367 -19.48 -0.64 -36.84
N GLY C 368 -18.18 -0.55 -37.13
CA GLY C 368 -17.57 -1.45 -38.08
C GLY C 368 -17.81 -1.06 -39.52
N VAL C 369 -18.54 0.04 -39.72
CA VAL C 369 -18.84 0.55 -41.05
C VAL C 369 -17.78 1.55 -41.52
N ALA C 370 -17.29 1.36 -42.75
CA ALA C 370 -16.21 2.18 -43.30
C ALA C 370 -16.65 3.57 -43.78
N SER C 371 -17.29 4.34 -42.90
CA SER C 371 -17.73 5.68 -43.24
C SER C 371 -17.39 6.72 -42.15
N PHE C 372 -17.37 7.98 -42.55
CA PHE C 372 -17.22 9.09 -41.62
C PHE C 372 -18.51 9.93 -41.60
N MET C 373 -19.07 10.12 -40.40
CA MET C 373 -20.20 11.05 -40.21
C MET C 373 -19.71 12.41 -39.72
N MET C 374 -19.81 13.42 -40.57
CA MET C 374 -19.27 14.74 -40.27
C MET C 374 -20.38 15.73 -39.92
N LEU C 375 -20.19 16.45 -38.82
CA LEU C 375 -21.10 17.51 -38.41
C LEU C 375 -20.51 18.87 -38.77
N MET C 376 -21.38 19.74 -39.27
CA MET C 376 -21.00 21.11 -39.61
C MET C 376 -22.02 22.06 -39.00
N GLN C 377 -21.72 23.36 -39.05
CA GLN C 377 -22.56 24.37 -38.40
C GLN C 377 -22.83 25.52 -39.35
N ALA C 378 -23.82 26.35 -39.01
CA ALA C 378 -24.07 27.60 -39.72
C ALA C 378 -22.90 28.53 -39.49
N PRO C 379 -22.51 29.30 -40.51
CA PRO C 379 -23.16 29.42 -41.83
C PRO C 379 -22.73 28.38 -42.86
N LEU C 380 -21.77 27.53 -42.51
CA LEU C 380 -21.28 26.54 -43.46
C LEU C 380 -22.38 25.59 -43.93
N THR C 381 -23.21 25.15 -42.99
CA THR C 381 -24.26 24.18 -43.28
C THR C 381 -25.17 24.65 -44.41
N ASN C 382 -25.53 25.92 -44.38
CA ASN C 382 -26.41 26.48 -45.40
C ASN C 382 -25.79 26.42 -46.79
N HIS C 383 -24.53 26.83 -46.91
CA HIS C 383 -23.84 26.83 -48.19
C HIS C 383 -23.60 25.42 -48.71
N ILE C 384 -23.35 24.48 -47.82
CA ILE C 384 -23.09 23.10 -48.21
C ILE C 384 -24.36 22.37 -48.65
N GLU C 385 -25.42 22.51 -47.86
CA GLU C 385 -26.70 21.89 -48.22
C GLU C 385 -27.22 22.42 -49.55
N SER C 386 -26.84 23.65 -49.89
CA SER C 386 -27.26 24.26 -51.15
C SER C 386 -26.55 23.66 -52.36
N ILE C 387 -25.47 22.91 -52.13
CA ILE C 387 -24.77 22.24 -53.22
C ILE C 387 -24.71 20.73 -53.01
N ARG C 388 -25.68 20.20 -52.27
CA ARG C 388 -25.66 18.79 -51.89
C ARG C 388 -25.68 17.80 -53.06
N GLU C 389 -26.10 18.25 -54.23
CA GLU C 389 -26.15 17.34 -55.38
C GLU C 389 -24.96 17.49 -56.31
N ASP C 390 -24.07 18.42 -56.00
CA ASP C 390 -22.84 18.60 -56.77
C ASP C 390 -21.70 17.85 -56.07
N LYS C 391 -21.67 16.54 -56.25
CA LYS C 391 -20.74 15.67 -55.53
C LYS C 391 -19.26 15.97 -55.81
N GLU C 392 -18.96 16.39 -57.03
CA GLU C 392 -17.59 16.73 -57.39
C GLU C 392 -17.12 17.99 -56.69
N ARG C 393 -18.02 18.95 -56.53
CA ARG C 393 -17.70 20.20 -55.85
C ARG C 393 -17.59 19.94 -54.35
N LEU C 394 -18.40 19.02 -53.85
CA LEU C 394 -18.31 18.59 -52.46
C LEU C 394 -16.97 17.96 -52.17
N PHE C 395 -16.52 17.07 -53.06
CA PHE C 395 -15.22 16.42 -52.91
C PHE C 395 -14.09 17.45 -52.84
N SER C 396 -14.05 18.35 -53.81
CA SER C 396 -12.99 19.36 -53.87
C SER C 396 -12.93 20.27 -52.64
N PHE C 397 -14.08 20.48 -52.00
CA PHE C 397 -14.14 21.33 -50.83
C PHE C 397 -13.60 20.60 -49.59
N PHE C 398 -13.99 19.35 -49.42
CA PHE C 398 -13.60 18.58 -48.24
C PHE C 398 -12.29 17.80 -48.40
N GLN C 399 -11.77 17.75 -49.63
CA GLN C 399 -10.53 17.00 -49.91
C GLN C 399 -9.35 17.30 -48.98
N PRO C 400 -9.04 18.58 -48.71
CA PRO C 400 -7.88 18.83 -47.84
C PRO C 400 -8.02 18.28 -46.41
N VAL C 401 -9.18 18.43 -45.79
CA VAL C 401 -9.37 17.95 -44.42
C VAL C 401 -9.44 16.43 -44.39
N LEU C 402 -10.04 15.83 -45.42
CA LEU C 402 -10.07 14.39 -45.56
C LEU C 402 -8.66 13.78 -45.69
N ASN C 403 -7.79 14.50 -46.41
CA ASN C 403 -6.41 14.03 -46.62
C ASN C 403 -5.53 14.24 -45.39
N LYS C 404 -5.84 15.29 -44.63
CA LYS C 404 -5.13 15.57 -43.39
C LYS C 404 -5.49 14.52 -42.33
N ILE C 405 -6.78 14.23 -42.20
CA ILE C 405 -7.23 13.15 -41.32
C ILE C 405 -6.57 11.81 -41.65
N MET C 406 -6.59 11.43 -42.92
CA MET C 406 -6.01 10.16 -43.34
C MET C 406 -4.53 10.07 -43.01
N LYS C 407 -3.80 11.16 -43.27
CA LYS C 407 -2.39 11.25 -42.94
C LYS C 407 -2.16 11.07 -41.44
N CYS C 408 -2.99 11.71 -40.62
CA CYS C 408 -2.87 11.61 -39.17
C CYS C 408 -3.36 10.25 -38.67
N LEU C 409 -4.16 9.58 -39.47
CA LEU C 409 -4.65 8.24 -39.13
C LEU C 409 -3.80 7.15 -39.81
N ASP C 410 -2.55 7.51 -40.14
CA ASP C 410 -1.58 6.59 -40.71
C ASP C 410 -2.04 5.97 -42.03
N SER C 411 -2.55 6.82 -42.91
CA SER C 411 -3.04 6.37 -44.21
C SER C 411 -2.54 7.30 -45.31
N GLU C 412 -3.19 7.26 -46.46
CA GLU C 412 -2.74 8.03 -47.62
C GLU C 412 -3.93 8.81 -48.19
N ASP C 413 -3.65 9.76 -49.08
CA ASP C 413 -4.67 10.62 -49.67
C ASP C 413 -5.90 9.88 -50.17
N VAL C 414 -7.02 10.59 -50.23
CA VAL C 414 -8.28 10.00 -50.67
C VAL C 414 -8.33 9.87 -52.20
N ILE C 415 -8.81 8.73 -52.68
CA ILE C 415 -9.10 8.54 -54.10
C ILE C 415 -10.58 8.71 -54.38
N ASP C 416 -10.91 9.53 -55.36
CA ASP C 416 -12.30 9.73 -55.78
C ASP C 416 -12.81 8.53 -56.56
N GLY C 417 -13.50 7.62 -55.88
CA GLY C 417 -14.09 6.46 -56.54
C GLY C 417 -15.61 6.49 -56.57
N MET C 418 -16.19 7.68 -56.71
CA MET C 418 -17.64 7.84 -56.67
C MET C 418 -18.32 7.49 -57.99
N ARG C 419 -17.55 7.57 -59.08
CA ARG C 419 -18.09 7.27 -60.41
C ARG C 419 -17.45 6.01 -61.00
N ASN C 428 -3.81 0.07 -50.65
CA ASN C 428 -4.31 0.58 -49.36
C ASN C 428 -4.52 2.09 -49.37
N LYS C 429 -5.14 2.60 -50.43
CA LYS C 429 -5.57 3.99 -50.45
C LYS C 429 -7.07 4.07 -50.19
N PRO C 430 -7.48 5.01 -49.33
CA PRO C 430 -8.90 5.23 -49.03
C PRO C 430 -9.65 5.61 -50.30
N VAL C 431 -10.64 4.80 -50.66
CA VAL C 431 -11.43 5.07 -51.86
C VAL C 431 -12.83 5.54 -51.47
N LEU C 432 -13.10 6.81 -51.76
CA LEU C 432 -14.40 7.39 -51.46
C LEU C 432 -15.44 6.90 -52.46
N ARG C 433 -16.48 6.24 -51.95
CA ARG C 433 -17.51 5.67 -52.81
C ARG C 433 -18.77 6.54 -52.95
N ASN C 434 -19.08 7.33 -51.92
CA ASN C 434 -20.32 8.11 -51.92
C ASN C 434 -20.33 9.21 -50.86
N ILE C 435 -21.03 10.30 -51.14
CA ILE C 435 -21.21 11.39 -50.19
C ILE C 435 -22.71 11.67 -49.98
N ILE C 436 -23.13 11.66 -48.72
CA ILE C 436 -24.51 11.97 -48.36
C ILE C 436 -24.56 13.28 -47.57
N VAL C 437 -25.44 14.20 -47.98
CA VAL C 437 -25.60 15.46 -47.30
C VAL C 437 -27.02 15.61 -46.76
N SER C 438 -27.13 16.16 -45.56
CA SER C 438 -28.44 16.48 -44.99
C SER C 438 -29.14 17.59 -45.79
N ASN C 439 -30.42 17.83 -45.51
CA ASN C 439 -31.20 18.84 -46.25
C ASN C 439 -32.08 19.69 -45.32
N TRP C 440 -31.75 19.73 -44.04
CA TRP C 440 -32.66 20.32 -43.05
C TRP C 440 -32.90 21.83 -43.25
N THR C 441 -31.90 22.55 -43.75
CA THR C 441 -32.08 23.99 -43.98
C THR C 441 -32.99 24.31 -45.16
N ARG C 442 -33.13 23.38 -46.11
CA ARG C 442 -33.93 23.63 -47.31
C ARG C 442 -35.30 22.94 -47.29
N ASP C 443 -35.46 21.96 -46.40
CA ASP C 443 -36.73 21.28 -46.20
C ASP C 443 -37.73 22.25 -45.55
N PRO C 444 -38.89 22.47 -46.20
CA PRO C 444 -39.84 23.48 -45.69
C PRO C 444 -40.48 23.06 -44.38
N TYR C 445 -40.47 21.76 -44.07
CA TYR C 445 -41.03 21.29 -42.82
C TYR C 445 -40.05 21.18 -41.63
N SER C 446 -38.80 21.58 -41.83
CA SER C 446 -37.84 21.69 -40.71
C SER C 446 -37.19 23.07 -40.64
N ARG C 447 -36.77 23.58 -41.79
CA ARG C 447 -36.20 24.94 -41.91
C ARG C 447 -35.10 25.23 -40.89
N GLY C 448 -34.11 24.33 -40.84
CA GLY C 448 -33.02 24.42 -39.87
C GLY C 448 -32.95 23.13 -39.09
N ALA C 449 -32.12 23.11 -38.04
CA ALA C 449 -31.90 21.88 -37.28
C ALA C 449 -32.70 21.82 -35.97
N TYR C 450 -32.49 22.79 -35.09
CA TYR C 450 -33.24 22.86 -33.83
C TYR C 450 -32.99 24.21 -33.15
N SER C 451 -33.77 24.48 -32.11
CA SER C 451 -33.70 25.77 -31.41
C SER C 451 -32.32 26.05 -30.86
N ALA C 452 -31.91 27.32 -30.94
CA ALA C 452 -30.57 27.73 -30.56
C ALA C 452 -30.55 29.18 -30.10
N CYS C 453 -29.56 29.55 -29.29
CA CYS C 453 -29.50 30.89 -28.71
C CYS C 453 -28.44 31.81 -29.35
N PHE C 454 -28.90 32.96 -29.82
CA PHE C 454 -28.01 34.05 -30.20
C PHE C 454 -27.72 34.82 -28.92
N PRO C 455 -26.66 35.66 -28.92
CA PRO C 455 -26.40 36.46 -27.72
C PRO C 455 -27.61 37.30 -27.36
N GLY C 456 -27.98 37.30 -26.07
CA GLY C 456 -29.14 38.05 -25.63
C GLY C 456 -30.46 37.30 -25.67
N ASP C 457 -30.45 36.08 -26.20
CA ASP C 457 -31.67 35.28 -26.25
C ASP C 457 -32.08 34.77 -24.86
N ASP C 458 -33.38 34.55 -24.69
CA ASP C 458 -33.90 33.91 -23.48
C ASP C 458 -34.86 32.79 -23.85
N PRO C 459 -34.36 31.55 -23.88
CA PRO C 459 -35.17 30.38 -24.25
C PRO C 459 -36.37 30.16 -23.33
N VAL C 460 -36.23 30.55 -22.07
CA VAL C 460 -37.27 30.37 -21.06
C VAL C 460 -38.59 31.00 -21.49
N ASP C 461 -38.52 32.15 -22.15
CA ASP C 461 -39.69 32.81 -22.71
C ASP C 461 -40.50 31.93 -23.67
N MET C 462 -39.82 31.29 -24.62
CA MET C 462 -40.53 30.40 -25.55
C MET C 462 -41.07 29.16 -24.84
N VAL C 463 -40.26 28.56 -23.98
CA VAL C 463 -40.66 27.35 -23.26
C VAL C 463 -41.90 27.62 -22.40
N VAL C 464 -41.92 28.77 -21.75
CA VAL C 464 -43.10 29.19 -20.97
C VAL C 464 -44.31 29.44 -21.87
N ALA C 465 -44.10 30.17 -22.96
CA ALA C 465 -45.18 30.48 -23.89
C ALA C 465 -45.79 29.21 -24.48
N MET C 466 -44.92 28.31 -24.92
CA MET C 466 -45.35 27.06 -25.54
C MET C 466 -46.05 26.15 -24.54
N SER C 467 -45.45 25.96 -23.38
CA SER C 467 -45.99 25.01 -22.41
C SER C 467 -47.28 25.52 -21.75
N ASN C 468 -47.56 26.81 -21.86
CA ASN C 468 -48.81 27.37 -21.36
C ASN C 468 -49.94 27.22 -22.38
N GLY C 469 -49.58 26.99 -23.65
CA GLY C 469 -50.56 26.83 -24.70
C GLY C 469 -51.10 28.14 -25.23
N GLN C 470 -51.65 28.10 -26.45
CA GLN C 470 -52.36 29.23 -27.03
C GLN C 470 -53.67 29.46 -26.28
N ASP C 471 -54.34 28.36 -25.96
CA ASP C 471 -55.43 28.35 -24.98
C ASP C 471 -55.54 26.94 -24.41
N SER C 472 -56.59 26.69 -23.64
CA SER C 472 -56.78 25.38 -23.02
C SER C 472 -57.01 24.24 -24.03
N ARG C 473 -57.30 24.59 -25.27
CA ARG C 473 -57.59 23.58 -26.31
C ARG C 473 -56.44 23.44 -27.30
N ILE C 474 -55.68 24.51 -27.48
CA ILE C 474 -54.62 24.51 -28.48
C ILE C 474 -53.26 24.50 -27.80
N ARG C 475 -52.57 23.36 -27.92
CA ARG C 475 -51.34 23.12 -27.18
C ARG C 475 -50.15 22.93 -28.11
N PHE C 476 -48.97 22.93 -27.51
CA PHE C 476 -47.73 22.75 -28.25
C PHE C 476 -46.84 21.72 -27.59
N ALA C 477 -46.14 20.95 -28.41
CA ALA C 477 -45.04 20.11 -27.95
C ALA C 477 -43.93 20.19 -28.99
N GLY C 478 -42.83 19.49 -28.75
CA GLY C 478 -41.65 19.63 -29.58
C GLY C 478 -40.42 20.01 -28.77
N GLU C 479 -39.24 19.89 -29.39
CA GLU C 479 -37.97 20.14 -28.72
C GLU C 479 -37.81 21.57 -28.20
N HIS C 480 -38.63 22.47 -28.72
CA HIS C 480 -38.56 23.89 -28.41
C HIS C 480 -39.54 24.29 -27.32
N THR C 481 -40.20 23.31 -26.70
CA THR C 481 -41.27 23.61 -25.76
C THR C 481 -41.00 23.14 -24.33
N ILE C 482 -39.74 22.81 -24.04
CA ILE C 482 -39.42 22.17 -22.77
C ILE C 482 -38.00 22.52 -22.29
N MET C 483 -37.81 22.56 -20.98
CA MET C 483 -36.51 22.90 -20.38
C MET C 483 -35.51 21.74 -20.45
N ASP C 484 -35.82 20.64 -19.76
CA ASP C 484 -34.95 19.47 -19.78
C ASP C 484 -34.92 18.83 -21.17
N GLY C 485 -33.72 18.66 -21.71
CA GLY C 485 -33.55 18.06 -23.01
C GLY C 485 -34.00 18.98 -24.15
N ALA C 486 -34.08 20.27 -23.86
CA ALA C 486 -34.36 21.27 -24.89
C ALA C 486 -33.45 21.04 -26.10
N GLY C 487 -34.05 20.99 -27.28
CA GLY C 487 -33.29 20.76 -28.50
C GLY C 487 -33.10 19.28 -28.80
N CYS C 488 -33.30 18.43 -27.81
CA CYS C 488 -32.97 17.01 -27.95
C CYS C 488 -34.20 16.16 -28.25
N ALA C 489 -33.95 14.97 -28.80
CA ALA C 489 -35.02 14.04 -29.12
C ALA C 489 -35.79 13.66 -27.86
N TYR C 490 -35.09 13.48 -26.75
CA TYR C 490 -35.78 13.10 -25.51
C TYR C 490 -36.62 14.23 -24.92
N GLY C 491 -36.19 15.46 -25.12
CA GLY C 491 -37.01 16.61 -24.73
C GLY C 491 -38.29 16.70 -25.56
N ALA C 492 -38.16 16.45 -26.86
CA ALA C 492 -39.33 16.40 -27.74
C ALA C 492 -40.28 15.29 -27.30
N TRP C 493 -39.71 14.10 -27.07
CA TRP C 493 -40.43 12.92 -26.61
C TRP C 493 -41.18 13.22 -25.30
N GLU C 494 -40.46 13.81 -24.35
CA GLU C 494 -41.06 14.16 -23.07
C GLU C 494 -42.17 15.20 -23.19
N SER C 495 -41.96 16.21 -24.03
CA SER C 495 -42.98 17.24 -24.25
C SER C 495 -44.28 16.67 -24.83
N GLY C 496 -44.16 15.66 -25.68
CA GLY C 496 -45.32 15.02 -26.27
C GLY C 496 -46.10 14.28 -25.20
N ARG C 497 -45.36 13.59 -24.34
CA ARG C 497 -45.93 12.84 -23.24
C ARG C 497 -46.62 13.77 -22.25
N ARG C 498 -45.99 14.93 -22.02
CA ARG C 498 -46.54 15.95 -21.13
C ARG C 498 -47.94 16.38 -21.57
N GLU C 499 -48.03 16.90 -22.79
CA GLU C 499 -49.28 17.46 -23.29
C GLU C 499 -50.38 16.41 -23.39
N ALA C 500 -49.98 15.20 -23.75
CA ALA C 500 -50.92 14.09 -23.89
C ALA C 500 -51.48 13.70 -22.52
N THR C 501 -50.61 13.66 -21.51
CA THR C 501 -51.01 13.33 -20.15
C THR C 501 -52.06 14.32 -19.62
N ARG C 502 -51.80 15.60 -19.84
CA ARG C 502 -52.72 16.65 -19.42
C ARG C 502 -54.08 16.48 -20.10
N ILE C 503 -54.06 16.28 -21.41
CA ILE C 503 -55.30 16.14 -22.18
C ILE C 503 -56.06 14.88 -21.80
N SER C 504 -55.33 13.78 -21.65
CA SER C 504 -55.94 12.50 -21.27
C SER C 504 -56.73 12.65 -19.97
N ASP C 505 -56.17 13.36 -19.01
CA ASP C 505 -56.83 13.57 -17.72
C ASP C 505 -58.09 14.41 -17.89
N LEU C 506 -57.99 15.49 -18.65
CA LEU C 506 -59.13 16.37 -18.89
C LEU C 506 -60.28 15.60 -19.55
N LEU C 507 -59.93 14.74 -20.51
CA LEU C 507 -60.93 13.94 -21.20
C LEU C 507 -61.58 12.93 -20.27
N LYS C 508 -60.78 12.35 -19.39
CA LYS C 508 -61.27 11.37 -18.43
C LYS C 508 -62.12 12.03 -17.35
N LEU C 509 -62.23 13.36 -17.44
CA LEU C 509 -63.01 14.12 -16.48
C LEU C 509 -62.26 14.29 -15.16
N LYS D 9 -0.22 45.56 23.16
CA LYS D 9 -1.28 44.72 23.72
C LYS D 9 -2.64 45.01 23.11
N LYS D 10 -2.63 45.63 21.94
CA LYS D 10 -3.87 45.83 21.20
C LYS D 10 -4.40 44.47 20.74
N VAL D 11 -3.55 43.71 20.05
CA VAL D 11 -3.95 42.38 19.57
C VAL D 11 -2.89 41.33 19.89
N ILE D 12 -3.33 40.18 20.36
CA ILE D 12 -2.47 39.01 20.47
C ILE D 12 -2.95 37.92 19.50
N ILE D 13 -2.06 37.50 18.61
CA ILE D 13 -2.36 36.42 17.66
C ILE D 13 -1.70 35.13 18.14
N ILE D 14 -2.48 34.06 18.21
CA ILE D 14 -1.95 32.78 18.65
C ILE D 14 -1.73 31.87 17.45
N GLY D 15 -0.47 31.55 17.20
CA GLY D 15 -0.08 30.75 16.05
C GLY D 15 0.52 31.63 14.98
N ALA D 16 1.62 31.18 14.38
CA ALA D 16 2.23 31.90 13.26
C ALA D 16 2.26 31.08 11.97
N GLY D 17 1.14 30.40 11.68
CA GLY D 17 0.94 29.82 10.36
C GLY D 17 0.58 30.94 9.41
N ILE D 18 0.17 30.63 8.18
CA ILE D 18 -0.14 31.69 7.24
C ILE D 18 -1.29 32.57 7.70
N ALA D 19 -2.26 31.99 8.43
CA ALA D 19 -3.37 32.78 8.95
C ALA D 19 -2.89 33.82 9.98
N GLY D 20 -2.06 33.37 10.92
CA GLY D 20 -1.51 34.26 11.93
C GLY D 20 -0.55 35.30 11.38
N LEU D 21 0.32 34.88 10.48
CA LEU D 21 1.25 35.83 9.85
C LEU D 21 0.51 36.92 9.06
N LYS D 22 -0.53 36.52 8.33
CA LYS D 22 -1.26 37.48 7.50
C LYS D 22 -2.03 38.47 8.38
N ALA D 23 -2.59 37.96 9.47
CA ALA D 23 -3.28 38.82 10.43
C ALA D 23 -2.32 39.87 10.96
N ALA D 24 -1.12 39.46 11.37
CA ALA D 24 -0.12 40.39 11.87
C ALA D 24 0.31 41.37 10.79
N SER D 25 0.55 40.86 9.59
CA SER D 25 0.92 41.69 8.45
C SER D 25 -0.14 42.77 8.23
N THR D 26 -1.41 42.36 8.34
CA THR D 26 -2.53 43.25 8.07
C THR D 26 -2.65 44.31 9.16
N LEU D 27 -2.46 43.90 10.40
CA LEU D 27 -2.47 44.85 11.52
C LEU D 27 -1.44 45.94 11.32
N HIS D 28 -0.24 45.56 10.91
CA HIS D 28 0.85 46.53 10.72
C HIS D 28 0.58 47.43 9.53
N GLN D 29 0.01 46.86 8.47
CA GLN D 29 -0.29 47.62 7.27
C GLN D 29 -1.31 48.73 7.56
N ASN D 30 -2.21 48.46 8.50
CA ASN D 30 -3.23 49.42 8.88
C ASN D 30 -2.87 50.26 10.11
N GLY D 31 -1.59 50.22 10.50
CA GLY D 31 -1.06 51.12 11.51
C GLY D 31 -1.31 50.74 12.96
N ILE D 32 -1.68 49.49 13.20
CA ILE D 32 -1.90 49.02 14.56
C ILE D 32 -0.57 48.65 15.21
N GLN D 33 -0.34 49.17 16.41
CA GLN D 33 0.92 48.94 17.11
C GLN D 33 0.75 48.02 18.31
N ASP D 34 1.87 47.62 18.91
CA ASP D 34 1.87 46.88 20.17
C ASP D 34 1.08 45.57 20.11
N CYS D 35 1.36 44.75 19.11
CA CYS D 35 0.71 43.44 19.00
C CYS D 35 1.71 42.32 19.30
N LEU D 36 1.20 41.09 19.38
CA LEU D 36 2.03 39.92 19.64
C LEU D 36 1.59 38.77 18.75
N VAL D 37 2.57 37.95 18.36
CA VAL D 37 2.27 36.68 17.71
C VAL D 37 2.92 35.57 18.53
N LEU D 38 2.09 34.77 19.19
CA LEU D 38 2.59 33.72 20.05
C LEU D 38 2.53 32.38 19.33
N GLU D 39 3.69 31.76 19.15
CA GLU D 39 3.81 30.53 18.38
C GLU D 39 4.53 29.42 19.17
N ALA D 40 3.90 28.25 19.23
CA ALA D 40 4.41 27.15 20.05
C ALA D 40 5.66 26.49 19.48
N ARG D 41 5.79 26.47 18.15
CA ARG D 41 6.96 25.86 17.52
C ARG D 41 8.15 26.83 17.53
N ASP D 42 9.32 26.33 17.17
CA ASP D 42 10.52 27.16 17.12
C ASP D 42 10.72 27.80 15.75
N ARG D 43 9.64 27.80 14.95
CA ARG D 43 9.67 28.34 13.60
C ARG D 43 8.28 28.86 13.25
N VAL D 44 8.20 29.72 12.25
CA VAL D 44 6.90 30.15 11.74
C VAL D 44 6.50 29.29 10.55
N GLY D 45 5.28 29.49 10.05
CA GLY D 45 4.83 28.80 8.86
C GLY D 45 3.75 27.77 9.08
N GLY D 46 3.75 27.16 10.26
CA GLY D 46 2.79 26.12 10.59
C GLY D 46 2.85 24.95 9.62
N ARG D 47 1.71 24.68 8.98
CA ARG D 47 1.61 23.59 8.02
C ARG D 47 2.17 23.96 6.65
N LEU D 48 2.77 25.13 6.56
CA LEU D 48 3.68 25.46 5.47
C LEU D 48 5.10 25.27 5.97
N GLN D 49 5.80 24.28 5.42
CA GLN D 49 7.19 24.03 5.82
C GLN D 49 8.01 23.53 4.66
N THR D 50 9.09 24.24 4.35
CA THR D 50 9.95 23.85 3.24
C THR D 50 11.21 23.22 3.82
N VAL D 51 11.46 21.95 3.50
CA VAL D 51 12.61 21.22 4.03
C VAL D 51 13.71 20.97 3.00
N THR D 52 14.90 20.72 3.50
CA THR D 52 16.08 20.56 2.65
C THR D 52 16.52 19.10 2.65
N GLY D 53 16.72 18.55 1.45
CA GLY D 53 17.13 17.17 1.33
C GLY D 53 18.51 16.99 0.72
N TYR D 54 18.62 16.00 -0.15
CA TYR D 54 19.88 15.62 -0.77
C TYR D 54 20.49 16.75 -1.60
N GLN D 55 21.71 17.13 -1.24
CA GLN D 55 22.49 18.12 -1.99
C GLN D 55 21.81 19.49 -2.13
N GLY D 56 21.07 19.88 -1.10
CA GLY D 56 20.46 21.21 -1.07
C GLY D 56 19.12 21.31 -1.78
N ARG D 57 18.61 20.18 -2.28
CA ARG D 57 17.28 20.18 -2.88
C ARG D 57 16.23 20.56 -1.83
N LYS D 58 15.23 21.36 -2.23
CA LYS D 58 14.21 21.83 -1.29
C LYS D 58 12.81 21.35 -1.68
N TYR D 59 12.01 21.02 -0.66
CA TYR D 59 10.66 20.49 -0.89
C TYR D 59 9.68 20.99 0.14
N ASP D 60 8.48 21.33 -0.30
CA ASP D 60 7.41 21.64 0.62
C ASP D 60 6.87 20.34 1.21
N ILE D 61 6.96 20.20 2.53
CA ILE D 61 6.51 18.97 3.16
C ILE D 61 5.09 19.14 3.69
N GLY D 62 4.63 20.39 3.75
CA GLY D 62 3.24 20.70 4.03
C GLY D 62 2.59 21.07 2.70
N ALA D 63 1.92 22.21 2.63
CA ALA D 63 1.28 22.65 1.37
C ALA D 63 2.27 22.89 0.25
N SER D 64 1.87 22.48 -0.95
CA SER D 64 2.67 22.58 -2.18
C SER D 64 2.03 23.40 -3.29
N TRP D 65 0.71 23.31 -3.42
CA TRP D 65 -0.01 23.97 -4.52
C TRP D 65 -0.77 25.24 -4.16
N HIS D 66 -0.74 26.21 -5.06
CA HIS D 66 -1.76 27.26 -5.09
C HIS D 66 -2.99 26.69 -5.81
N HIS D 67 -4.05 26.43 -5.06
CA HIS D 67 -5.26 25.85 -5.64
C HIS D 67 -6.18 26.95 -6.20
N ASP D 68 -7.07 26.55 -7.10
CA ASP D 68 -8.13 27.44 -7.59
C ASP D 68 -7.60 28.75 -8.14
N THR D 69 -6.61 28.68 -9.03
CA THR D 69 -5.92 29.89 -9.47
C THR D 69 -6.77 30.90 -10.27
N LEU D 70 -7.99 30.50 -10.65
CA LEU D 70 -8.92 31.46 -11.24
C LEU D 70 -9.42 32.49 -10.22
N THR D 71 -9.55 32.07 -8.96
CA THR D 71 -10.15 32.92 -7.95
C THR D 71 -9.24 33.18 -6.73
N ASN D 72 -8.20 32.36 -6.59
CA ASN D 72 -7.30 32.41 -5.43
C ASN D 72 -6.59 33.77 -5.26
N PRO D 73 -7.01 34.57 -4.27
CA PRO D 73 -6.44 35.91 -4.06
C PRO D 73 -4.96 35.89 -3.66
N LEU D 74 -4.54 34.88 -2.90
CA LEU D 74 -3.13 34.78 -2.54
C LEU D 74 -2.31 34.53 -3.79
N PHE D 75 -2.80 33.64 -4.66
CA PHE D 75 -2.11 33.38 -5.91
C PHE D 75 -2.00 34.62 -6.78
N LEU D 76 -3.05 35.44 -6.82
CA LEU D 76 -3.01 36.66 -7.62
C LEU D 76 -1.87 37.58 -7.17
N GLU D 77 -1.64 37.67 -5.85
CA GLU D 77 -0.49 38.41 -5.33
C GLU D 77 0.84 37.82 -5.81
N GLU D 78 0.96 36.49 -5.71
CA GLU D 78 2.17 35.80 -6.15
C GLU D 78 2.44 35.99 -7.64
N ALA D 79 1.37 36.01 -8.43
CA ALA D 79 1.48 36.23 -9.87
C ALA D 79 2.07 37.61 -10.19
N GLN D 80 1.63 38.63 -9.45
CA GLN D 80 2.19 39.97 -9.58
C GLN D 80 3.69 39.95 -9.26
N LEU D 81 4.05 39.24 -8.20
CA LEU D 81 5.44 39.17 -7.78
C LEU D 81 6.30 38.38 -8.76
N SER D 82 5.71 37.40 -9.42
CA SER D 82 6.48 36.52 -10.30
C SER D 82 7.01 37.28 -11.51
N LEU D 83 6.36 38.38 -11.85
CA LEU D 83 6.78 39.19 -13.00
C LEU D 83 8.19 39.76 -12.81
N ASN D 84 8.56 40.02 -11.56
CA ASN D 84 9.87 40.60 -11.27
C ASN D 84 10.79 39.67 -10.50
N ASP D 85 10.45 38.38 -10.46
CA ASP D 85 11.25 37.42 -9.72
C ASP D 85 12.06 36.55 -10.69
N GLY D 86 13.38 36.60 -10.56
CA GLY D 86 14.27 35.87 -11.44
C GLY D 86 14.31 34.39 -11.13
N ARG D 87 13.72 34.02 -10.01
CA ARG D 87 13.53 32.61 -9.69
C ARG D 87 12.05 32.30 -9.83
N THR D 88 11.74 31.23 -10.57
CA THR D 88 10.36 30.86 -10.84
C THR D 88 9.61 30.66 -9.53
N ARG D 89 8.50 31.38 -9.37
CA ARG D 89 7.76 31.36 -8.11
C ARG D 89 6.81 30.17 -8.04
N PHE D 90 6.29 29.77 -9.19
CA PHE D 90 5.36 28.65 -9.26
C PHE D 90 5.38 28.07 -10.66
N VAL D 91 4.92 26.84 -10.80
CA VAL D 91 4.76 26.22 -12.11
C VAL D 91 3.37 25.62 -12.24
N PHE D 92 2.76 25.86 -13.40
CA PHE D 92 1.50 25.22 -13.72
C PHE D 92 1.77 23.78 -14.13
N ASP D 93 1.59 22.87 -13.17
CA ASP D 93 2.02 21.48 -13.35
C ASP D 93 0.86 20.51 -13.56
N ASP D 94 -0.34 21.04 -13.79
CA ASP D 94 -1.45 20.18 -14.19
C ASP D 94 -1.03 19.42 -15.45
N ASP D 95 -1.38 18.14 -15.51
CA ASP D 95 -0.88 17.28 -16.57
C ASP D 95 -1.85 16.15 -16.81
N ASN D 96 -1.69 15.47 -17.93
CA ASN D 96 -2.44 14.24 -18.17
C ASN D 96 -1.93 13.15 -17.24
N PHE D 97 -2.81 12.60 -16.43
CA PHE D 97 -2.42 11.61 -15.43
C PHE D 97 -2.01 10.26 -16.04
N ILE D 98 -0.84 9.77 -15.64
CA ILE D 98 -0.45 8.40 -15.92
C ILE D 98 -0.94 7.52 -14.77
N TYR D 99 -1.80 6.56 -15.11
CA TYR D 99 -2.35 5.64 -14.12
C TYR D 99 -1.71 4.27 -14.31
N ILE D 100 -1.22 3.69 -13.22
CA ILE D 100 -0.50 2.43 -13.26
C ILE D 100 -1.09 1.38 -12.33
N ASP D 101 -1.47 0.23 -12.87
CA ASP D 101 -1.90 -0.90 -12.07
C ASP D 101 -0.76 -1.94 -12.09
N GLU D 102 -0.66 -2.73 -11.04
CA GLU D 102 0.53 -3.56 -10.83
C GLU D 102 0.76 -4.60 -11.94
N GLU D 103 -0.32 -5.14 -12.49
CA GLU D 103 -0.20 -6.19 -13.52
C GLU D 103 -0.25 -5.63 -14.93
N ARG D 104 -1.26 -4.82 -15.20
CA ARG D 104 -1.53 -4.34 -16.55
C ARG D 104 -0.56 -3.26 -17.03
N GLY D 105 0.00 -2.49 -16.11
CA GLY D 105 0.92 -1.43 -16.51
C GLY D 105 0.11 -0.18 -16.71
N ARG D 106 0.49 0.66 -17.66
CA ARG D 106 -0.26 1.89 -17.89
C ARG D 106 -1.70 1.60 -18.32
N VAL D 107 -2.61 2.37 -17.74
CA VAL D 107 -4.05 2.12 -17.83
C VAL D 107 -4.75 3.44 -18.26
N ASP D 108 -3.95 4.50 -18.32
CA ASP D 108 -4.45 5.82 -18.73
C ASP D 108 -4.61 5.96 -20.24
N HIS D 109 -5.51 6.86 -20.64
CA HIS D 109 -5.72 7.20 -22.05
C HIS D 109 -5.77 5.97 -22.95
N ASP D 110 -6.50 4.95 -22.51
CA ASP D 110 -6.55 3.69 -23.21
C ASP D 110 -7.77 3.59 -24.13
N LYS D 111 -7.53 3.24 -25.39
CA LYS D 111 -8.59 3.28 -26.39
C LYS D 111 -9.72 2.28 -26.14
N GLU D 112 -9.44 1.28 -25.30
CA GLU D 112 -10.46 0.29 -24.94
C GLU D 112 -11.08 0.61 -23.60
N LEU D 113 -10.23 0.96 -22.64
CA LEU D 113 -10.66 1.20 -21.27
C LEU D 113 -11.44 2.49 -21.09
N LEU D 114 -10.93 3.58 -21.66
CA LEU D 114 -11.58 4.89 -21.57
C LEU D 114 -11.99 5.22 -20.14
N LEU D 115 -11.11 4.94 -19.18
CA LEU D 115 -11.44 5.11 -17.77
C LEU D 115 -11.75 6.56 -17.40
N GLU D 116 -11.05 7.50 -18.02
CA GLU D 116 -11.25 8.92 -17.72
C GLU D 116 -12.64 9.40 -18.13
N ILE D 117 -13.17 8.80 -19.20
CA ILE D 117 -14.50 9.15 -19.66
C ILE D 117 -15.57 8.68 -18.67
N VAL D 118 -15.46 7.45 -18.19
CA VAL D 118 -16.44 6.97 -17.21
C VAL D 118 -16.22 7.55 -15.81
N ASP D 119 -14.98 7.96 -15.53
CA ASP D 119 -14.71 8.73 -14.32
C ASP D 119 -15.50 10.03 -14.34
N ASN D 120 -15.49 10.69 -15.49
CA ASN D 120 -16.27 11.91 -15.71
CA ASN D 120 -16.27 11.91 -15.70
C ASN D 120 -17.77 11.66 -15.47
N GLU D 121 -18.27 10.53 -15.98
CA GLU D 121 -19.67 10.19 -15.77
C GLU D 121 -19.99 9.95 -14.30
N MET D 122 -19.06 9.29 -13.62
CA MET D 122 -19.18 9.04 -12.18
C MET D 122 -19.34 10.33 -11.39
N SER D 123 -18.52 11.34 -11.70
CA SER D 123 -18.61 12.62 -11.02
C SER D 123 -19.95 13.32 -11.28
N LYS D 124 -20.46 13.21 -12.50
CA LYS D 124 -21.78 13.75 -12.83
CA LYS D 124 -21.77 13.77 -12.81
C LYS D 124 -22.86 13.03 -12.04
N PHE D 125 -22.72 11.70 -11.96
CA PHE D 125 -23.63 10.88 -11.18
C PHE D 125 -23.65 11.38 -9.73
N ALA D 126 -22.46 11.73 -9.22
CA ALA D 126 -22.34 12.27 -7.87
C ALA D 126 -23.12 13.58 -7.69
N GLU D 127 -22.93 14.52 -8.62
CA GLU D 127 -23.67 15.79 -8.56
C GLU D 127 -25.18 15.57 -8.52
N LEU D 128 -25.67 14.68 -9.39
CA LEU D 128 -27.09 14.38 -9.47
C LEU D 128 -27.64 13.80 -8.16
N GLU D 129 -26.90 12.85 -7.57
CA GLU D 129 -27.32 12.21 -6.33
C GLU D 129 -27.63 13.21 -5.23
N PHE D 130 -26.80 14.25 -5.13
CA PHE D 130 -26.90 15.19 -4.01
C PHE D 130 -27.47 16.56 -4.37
N HIS D 131 -27.74 16.81 -5.65
CA HIS D 131 -28.36 18.08 -6.06
C HIS D 131 -29.77 17.87 -6.63
N GLN D 132 -30.47 16.85 -6.18
CA GLN D 132 -31.88 16.76 -6.49
C GLN D 132 -32.60 17.61 -5.46
N HIS D 133 -33.82 18.06 -5.77
CA HIS D 133 -34.56 18.89 -4.84
C HIS D 133 -34.79 18.12 -3.55
N LEU D 134 -35.06 16.83 -3.68
CA LEU D 134 -35.17 15.95 -2.52
C LEU D 134 -33.78 15.59 -2.01
N GLY D 135 -33.53 15.93 -0.75
CA GLY D 135 -32.26 15.60 -0.12
C GLY D 135 -32.16 14.12 0.17
N VAL D 136 -30.94 13.61 0.20
CA VAL D 136 -30.71 12.21 0.50
C VAL D 136 -29.58 12.11 1.53
N SER D 137 -29.54 10.98 2.23
CA SER D 137 -28.52 10.76 3.25
C SER D 137 -27.12 10.75 2.65
N ASP D 138 -26.14 11.20 3.43
CA ASP D 138 -24.75 11.12 3.04
C ASP D 138 -24.31 9.67 3.20
N CYS D 139 -23.27 9.29 2.48
CA CYS D 139 -22.71 7.95 2.61
C CYS D 139 -21.23 8.08 2.40
N SER D 140 -20.51 6.96 2.39
CA SER D 140 -19.08 7.03 2.12
C SER D 140 -18.88 7.08 0.61
N PHE D 141 -17.74 7.64 0.19
CA PHE D 141 -17.41 7.71 -1.22
C PHE D 141 -17.40 6.30 -1.82
N PHE D 142 -16.90 5.34 -1.05
CA PHE D 142 -16.95 3.93 -1.43
C PHE D 142 -18.37 3.49 -1.80
N GLN D 143 -19.32 3.77 -0.91
CA GLN D 143 -20.71 3.38 -1.12
C GLN D 143 -21.30 4.02 -2.37
N LEU D 144 -20.94 5.28 -2.60
CA LEU D 144 -21.38 6.01 -3.77
C LEU D 144 -20.85 5.39 -5.07
N VAL D 145 -19.60 4.98 -5.07
CA VAL D 145 -19.00 4.36 -6.25
C VAL D 145 -19.66 3.02 -6.56
N MET D 146 -19.98 2.27 -5.50
CA MET D 146 -20.66 0.99 -5.66
C MET D 146 -22.04 1.19 -6.28
N LYS D 147 -22.76 2.23 -5.84
CA LYS D 147 -24.06 2.56 -6.39
C LYS D 147 -23.97 2.85 -7.89
N TYR D 148 -22.97 3.65 -8.27
CA TYR D 148 -22.74 3.94 -9.67
C TYR D 148 -22.59 2.68 -10.51
N LEU D 149 -21.70 1.79 -10.08
CA LEU D 149 -21.41 0.54 -10.79
C LEU D 149 -22.66 -0.33 -10.91
N LEU D 150 -23.44 -0.39 -9.83
CA LEU D 150 -24.69 -1.11 -9.81
C LEU D 150 -25.68 -0.52 -10.82
N GLN D 151 -25.87 0.79 -10.73
CA GLN D 151 -26.83 1.47 -11.61
C GLN D 151 -26.42 1.41 -13.07
N ARG D 152 -25.12 1.43 -13.32
CA ARG D 152 -24.62 1.65 -14.67
C ARG D 152 -23.91 0.46 -15.31
N ARG D 153 -24.04 -0.72 -14.70
CA ARG D 153 -23.31 -1.91 -15.15
C ARG D 153 -23.62 -2.36 -16.57
N GLN D 154 -24.85 -2.11 -17.02
CA GLN D 154 -25.25 -2.50 -18.37
C GLN D 154 -24.42 -1.70 -19.37
N PHE D 155 -23.92 -0.56 -18.91
CA PHE D 155 -23.23 0.37 -19.79
C PHE D 155 -21.72 0.43 -19.51
N LEU D 156 -21.21 -0.60 -18.83
CA LEU D 156 -19.78 -0.66 -18.46
C LEU D 156 -19.18 -2.02 -18.88
N THR D 157 -18.01 -1.98 -19.52
CA THR D 157 -17.27 -3.20 -19.83
C THR D 157 -16.76 -3.83 -18.54
N ASN D 158 -16.25 -5.05 -18.65
CA ASN D 158 -15.69 -5.74 -17.49
C ASN D 158 -14.50 -4.99 -16.89
N ASP D 159 -13.55 -4.63 -17.76
CA ASP D 159 -12.37 -3.91 -17.34
C ASP D 159 -12.73 -2.55 -16.72
N GLN D 160 -13.71 -1.86 -17.31
CA GLN D 160 -14.17 -0.61 -16.74
C GLN D 160 -14.64 -0.77 -15.30
N ILE D 161 -15.43 -1.81 -15.04
CA ILE D 161 -15.93 -2.08 -13.70
C ILE D 161 -14.78 -2.45 -12.76
N ARG D 162 -13.74 -3.04 -13.30
CA ARG D 162 -12.58 -3.41 -12.50
C ARG D 162 -11.73 -2.20 -12.10
N TYR D 163 -11.29 -1.43 -13.09
CA TYR D 163 -10.29 -0.39 -12.86
C TYR D 163 -10.83 0.99 -12.47
N LEU D 164 -12.02 1.34 -12.96
CA LEU D 164 -12.61 2.64 -12.65
C LEU D 164 -12.68 2.98 -11.15
N PRO D 165 -13.23 2.06 -10.32
CA PRO D 165 -13.28 2.40 -8.90
C PRO D 165 -11.91 2.60 -8.24
N GLN D 166 -10.87 1.98 -8.79
CA GLN D 166 -9.51 2.17 -8.28
C GLN D 166 -8.93 3.49 -8.76
N LEU D 167 -9.28 3.87 -9.98
CA LEU D 167 -8.82 5.12 -10.56
C LEU D 167 -9.43 6.32 -9.85
N CYS D 168 -10.72 6.24 -9.56
CA CYS D 168 -11.44 7.38 -8.97
C CYS D 168 -10.98 7.67 -7.54
N ARG D 169 -10.33 6.70 -6.91
CA ARG D 169 -9.84 6.88 -5.55
C ARG D 169 -8.66 7.85 -5.48
N TYR D 170 -8.27 8.41 -6.62
CA TYR D 170 -7.28 9.49 -6.60
C TYR D 170 -7.81 10.64 -5.75
N LEU D 171 -9.13 10.74 -5.65
CA LEU D 171 -9.77 11.75 -4.82
C LEU D 171 -9.42 11.61 -3.34
N GLU D 172 -8.95 10.43 -2.94
CA GLU D 172 -8.47 10.22 -1.58
C GLU D 172 -7.28 11.11 -1.25
N LEU D 173 -6.48 11.44 -2.26
CA LEU D 173 -5.32 12.29 -2.04
C LEU D 173 -5.67 13.78 -2.13
N TRP D 174 -6.95 14.08 -2.34
CA TRP D 174 -7.41 15.46 -2.20
C TRP D 174 -7.87 15.70 -0.77
N HIS D 175 -8.32 14.63 -0.12
CA HIS D 175 -8.92 14.74 1.21
C HIS D 175 -8.04 14.20 2.34
N GLY D 176 -7.08 13.35 1.98
CA GLY D 176 -6.24 12.70 2.97
C GLY D 176 -6.99 11.60 3.71
N LEU D 177 -7.99 11.01 3.05
CA LEU D 177 -8.88 10.06 3.69
C LEU D 177 -9.22 8.89 2.77
N ASP D 178 -9.17 7.68 3.30
CA ASP D 178 -9.59 6.47 2.58
C ASP D 178 -11.06 6.62 2.14
N TRP D 179 -11.43 5.98 1.03
CA TRP D 179 -12.77 6.18 0.46
C TRP D 179 -13.90 5.68 1.36
N LYS D 180 -13.59 4.79 2.29
CA LYS D 180 -14.60 4.32 3.22
C LYS D 180 -14.76 5.29 4.39
N LEU D 181 -13.79 6.18 4.56
CA LEU D 181 -13.84 7.16 5.64
C LEU D 181 -14.33 8.53 5.16
N LEU D 182 -14.31 8.73 3.85
CA LEU D 182 -14.60 10.04 3.27
C LEU D 182 -16.08 10.25 2.94
N SER D 183 -16.58 11.43 3.25
CA SER D 183 -17.96 11.82 2.94
C SER D 183 -18.18 11.93 1.43
N ALA D 184 -19.20 11.24 0.93
CA ALA D 184 -19.53 11.27 -0.50
C ALA D 184 -19.96 12.67 -0.95
N LYS D 185 -20.73 13.35 -0.13
CA LYS D 185 -21.19 14.71 -0.45
C LYS D 185 -20.05 15.69 -0.69
N ASP D 186 -18.99 15.57 0.11
CA ASP D 186 -17.89 16.53 0.04
C ASP D 186 -16.77 16.05 -0.88
N THR D 187 -16.90 14.82 -1.38
CA THR D 187 -15.86 14.23 -2.21
C THR D 187 -15.57 15.04 -3.47
N TYR D 188 -16.62 15.35 -4.20
CA TYR D 188 -16.48 16.09 -5.46
C TYR D 188 -16.83 17.56 -5.29
N PHE D 189 -15.83 18.38 -4.96
CA PHE D 189 -16.05 19.81 -5.00
C PHE D 189 -15.53 20.37 -6.32
N GLY D 190 -15.79 21.66 -6.55
CA GLY D 190 -15.35 22.29 -7.78
C GLY D 190 -13.95 22.85 -7.66
N HIS D 191 -13.10 22.56 -8.65
CA HIS D 191 -11.78 23.15 -8.72
C HIS D 191 -11.82 24.36 -9.65
N GLN D 192 -11.48 25.52 -9.11
CA GLN D 192 -11.58 26.77 -9.87
C GLN D 192 -10.35 26.98 -10.73
N GLY D 193 -10.16 26.12 -11.73
CA GLY D 193 -9.06 26.28 -12.64
C GLY D 193 -7.87 25.43 -12.27
N ARG D 194 -6.75 25.68 -12.93
CA ARG D 194 -5.53 24.91 -12.68
C ARG D 194 -4.93 25.25 -11.32
N ALA D 195 -4.12 24.33 -10.80
CA ALA D 195 -3.32 24.60 -9.62
C ALA D 195 -1.92 24.99 -10.07
N ALA D 196 -1.23 25.78 -9.26
CA ALA D 196 0.16 26.13 -9.52
C ALA D 196 1.02 25.61 -8.38
N PHE D 197 2.02 24.81 -8.72
CA PHE D 197 2.96 24.24 -7.77
C PHE D 197 3.93 25.33 -7.28
N ALA D 198 3.92 25.62 -5.98
CA ALA D 198 4.76 26.69 -5.43
C ALA D 198 6.24 26.31 -5.34
N LEU D 199 7.12 27.27 -5.64
CA LEU D 199 8.57 27.02 -5.59
C LEU D 199 9.33 28.07 -4.78
N ASN D 200 9.20 28.08 -3.47
CA ASN D 200 8.34 27.18 -2.70
C ASN D 200 7.49 28.04 -1.77
N TYR D 201 6.63 27.42 -0.97
CA TYR D 201 5.79 28.18 -0.04
C TYR D 201 6.59 28.95 1.03
N ASP D 202 7.88 28.65 1.18
CA ASP D 202 8.68 29.36 2.18
C ASP D 202 8.92 30.82 1.82
N SER D 203 8.90 31.15 0.53
CA SER D 203 9.04 32.54 0.11
C SER D 203 7.77 33.32 0.43
N VAL D 204 6.63 32.65 0.32
CA VAL D 204 5.35 33.23 0.72
C VAL D 204 5.38 33.50 2.22
N VAL D 205 5.72 32.48 3.00
CA VAL D 205 5.84 32.62 4.45
C VAL D 205 6.79 33.78 4.77
N GLN D 206 7.97 33.77 4.15
CA GLN D 206 8.98 34.79 4.43
C GLN D 206 8.53 36.23 4.13
N ARG D 207 7.88 36.43 2.99
CA ARG D 207 7.51 37.79 2.60
C ARG D 207 6.43 38.35 3.53
N ILE D 208 5.56 37.48 4.01
CA ILE D 208 4.53 37.91 4.95
C ILE D 208 5.11 38.07 6.36
N ALA D 209 5.93 37.11 6.79
CA ALA D 209 6.55 37.14 8.11
C ALA D 209 7.40 38.38 8.34
N GLN D 210 8.04 38.88 7.29
CA GLN D 210 8.93 40.02 7.42
C GLN D 210 8.23 41.37 7.21
N SER D 211 6.90 41.33 7.08
CA SER D 211 6.14 42.56 6.80
C SER D 211 5.52 43.19 8.04
N PHE D 212 5.88 42.69 9.21
CA PHE D 212 5.47 43.32 10.47
C PHE D 212 6.67 43.35 11.43
N PRO D 213 6.57 44.07 12.56
CA PRO D 213 7.71 44.12 13.48
C PRO D 213 8.11 42.77 14.06
N GLN D 214 9.40 42.46 14.00
CA GLN D 214 9.89 41.16 14.44
C GLN D 214 9.79 40.96 15.94
N ASN D 215 9.86 42.06 16.70
CA ASN D 215 9.70 41.97 18.14
C ASN D 215 8.27 41.54 18.56
N TRP D 216 7.34 41.55 17.61
CA TRP D 216 6.02 40.99 17.87
C TRP D 216 6.07 39.46 18.05
N LEU D 217 7.00 38.82 17.36
CA LEU D 217 7.04 37.36 17.28
C LEU D 217 7.66 36.69 18.50
N LYS D 218 6.90 35.82 19.14
CA LYS D 218 7.42 35.01 20.24
C LYS D 218 7.33 33.52 19.87
N LEU D 219 8.47 32.90 19.60
CA LEU D 219 8.54 31.48 19.23
C LEU D 219 8.71 30.60 20.46
N SER D 220 8.54 29.29 20.29
CA SER D 220 8.56 28.32 21.39
C SER D 220 7.68 28.78 22.55
N CYS D 221 6.55 29.39 22.21
CA CYS D 221 5.65 29.96 23.20
C CYS D 221 4.28 29.30 23.09
N GLU D 222 4.07 28.23 23.85
CA GLU D 222 2.81 27.50 23.83
C GLU D 222 1.78 28.16 24.72
N VAL D 223 0.67 28.61 24.13
CA VAL D 223 -0.40 29.23 24.90
C VAL D 223 -1.23 28.14 25.58
N LYS D 224 -1.54 28.33 26.86
CA LYS D 224 -2.24 27.29 27.62
C LYS D 224 -3.62 27.71 28.13
N SER D 225 -3.84 29.01 28.26
CA SER D 225 -5.10 29.52 28.79
C SER D 225 -5.50 30.82 28.11
N ILE D 226 -6.80 31.00 27.91
CA ILE D 226 -7.33 32.26 27.43
C ILE D 226 -8.58 32.61 28.22
N THR D 227 -8.49 33.71 28.96
CA THR D 227 -9.54 34.10 29.89
C THR D 227 -10.09 35.48 29.53
N ARG D 228 -11.39 35.53 29.30
CA ARG D 228 -12.06 36.82 29.16
C ARG D 228 -12.46 37.29 30.54
N GLU D 229 -11.76 38.29 31.05
CA GLU D 229 -12.07 38.84 32.35
C GLU D 229 -13.49 39.39 32.33
N PRO D 230 -14.39 38.75 33.11
CA PRO D 230 -15.85 38.88 33.07
C PRO D 230 -16.35 40.33 33.05
N SER D 231 -15.78 41.16 32.18
CA SER D 231 -16.08 42.58 32.11
C SER D 231 -15.32 43.23 30.96
N LYS D 232 -14.02 43.00 30.89
CA LYS D 232 -13.17 43.76 29.98
C LYS D 232 -12.24 42.93 29.07
N ASN D 233 -10.94 43.07 29.28
CA ASN D 233 -9.96 42.55 28.31
C ASN D 233 -9.66 41.05 28.40
N VAL D 234 -8.70 40.59 27.60
CA VAL D 234 -8.39 39.17 27.50
C VAL D 234 -7.03 38.85 28.10
N THR D 235 -7.00 37.84 28.97
CA THR D 235 -5.76 37.40 29.59
C THR D 235 -5.23 36.14 28.91
N VAL D 236 -3.99 36.21 28.45
CA VAL D 236 -3.37 35.08 27.77
C VAL D 236 -2.20 34.53 28.58
N ASN D 237 -2.29 33.25 28.93
CA ASN D 237 -1.27 32.61 29.76
C ASN D 237 -0.45 31.60 28.97
N CYS D 238 0.87 31.74 29.02
CA CYS D 238 1.77 30.86 28.31
C CYS D 238 2.25 29.72 29.20
N GLU D 239 2.75 28.65 28.58
CA GLU D 239 3.19 27.48 29.30
C GLU D 239 4.33 27.79 30.26
N ASP D 240 5.17 28.76 29.90
CA ASP D 240 6.33 29.15 30.70
C ASP D 240 5.95 30.04 31.88
N GLY D 241 4.70 30.48 31.92
CA GLY D 241 4.22 31.27 33.04
C GLY D 241 3.97 32.73 32.71
N THR D 242 4.51 33.18 31.60
CA THR D 242 4.31 34.56 31.15
C THR D 242 2.83 34.85 30.93
N VAL D 243 2.38 36.02 31.40
CA VAL D 243 0.99 36.42 31.29
C VAL D 243 0.87 37.69 30.45
N TYR D 244 -0.06 37.69 29.51
CA TYR D 244 -0.30 38.85 28.67
C TYR D 244 -1.74 39.32 28.78
N ASN D 245 -1.95 40.61 28.55
CA ASN D 245 -3.30 41.18 28.52
C ASN D 245 -3.51 41.89 27.20
N ALA D 246 -4.64 41.60 26.55
CA ALA D 246 -4.91 42.22 25.25
C ALA D 246 -6.36 42.69 25.13
N ASP D 247 -6.58 43.63 24.23
CA ASP D 247 -7.93 44.05 23.87
C ASP D 247 -8.59 42.99 23.01
N TYR D 248 -7.83 42.45 22.05
CA TYR D 248 -8.33 41.43 21.14
C TYR D 248 -7.36 40.26 21.00
N VAL D 249 -7.92 39.08 20.76
CA VAL D 249 -7.13 37.87 20.54
C VAL D 249 -7.63 37.12 19.28
N ILE D 250 -6.71 36.79 18.39
CA ILE D 250 -7.01 35.99 17.20
C ILE D 250 -6.38 34.62 17.33
N ILE D 251 -7.22 33.60 17.47
CA ILE D 251 -6.75 32.23 17.68
C ILE D 251 -6.69 31.49 16.35
N THR D 252 -5.49 31.10 15.93
CA THR D 252 -5.32 30.43 14.64
C THR D 252 -4.86 28.98 14.72
N VAL D 253 -4.87 28.39 15.91
CA VAL D 253 -4.45 26.99 16.08
C VAL D 253 -5.36 26.07 15.26
N PRO D 254 -4.82 24.93 14.79
CA PRO D 254 -5.60 24.03 13.95
C PRO D 254 -6.86 23.52 14.66
N GLN D 255 -7.88 23.21 13.87
CA GLN D 255 -9.15 22.67 14.36
C GLN D 255 -8.94 21.46 15.29
N SER D 256 -7.97 20.63 14.94
CA SER D 256 -7.66 19.43 15.71
C SER D 256 -7.14 19.80 17.09
N VAL D 257 -6.39 20.89 17.17
CA VAL D 257 -5.85 21.37 18.43
C VAL D 257 -6.94 22.09 19.24
N LEU D 258 -7.72 22.91 18.55
CA LEU D 258 -8.81 23.63 19.20
C LEU D 258 -9.82 22.64 19.80
N ASN D 259 -9.97 21.50 19.14
CA ASN D 259 -10.88 20.45 19.58
C ASN D 259 -10.53 19.92 20.97
N LEU D 260 -9.26 20.02 21.35
CA LEU D 260 -8.80 19.54 22.66
C LEU D 260 -9.44 20.33 23.80
N SER D 261 -9.92 21.53 23.50
CA SER D 261 -10.48 22.42 24.51
C SER D 261 -11.80 21.90 25.10
N VAL D 262 -12.45 20.98 24.41
CA VAL D 262 -13.70 20.43 24.91
C VAL D 262 -13.46 19.16 25.74
N GLN D 263 -12.19 18.79 25.86
CA GLN D 263 -11.78 17.71 26.74
C GLN D 263 -11.14 18.30 27.99
N PRO D 264 -11.39 17.70 29.16
CA PRO D 264 -11.06 18.32 30.46
C PRO D 264 -9.58 18.45 30.77
N GLU D 265 -8.78 17.41 30.53
CA GLU D 265 -7.38 17.39 30.95
C GLU D 265 -6.51 18.42 30.24
N LYS D 266 -5.98 19.36 31.02
CA LYS D 266 -5.17 20.46 30.49
C LYS D 266 -3.78 20.01 30.01
N ASN D 267 -3.37 18.81 30.42
CA ASN D 267 -2.02 18.31 30.13
C ASN D 267 -1.75 18.01 28.66
N LEU D 268 -2.81 17.92 27.85
CA LEU D 268 -2.67 17.69 26.42
C LEU D 268 -1.86 18.80 25.77
N ARG D 269 -0.82 18.42 25.05
CA ARG D 269 0.09 19.38 24.43
C ARG D 269 -0.62 20.22 23.37
N GLY D 270 -0.53 21.53 23.50
CA GLY D 270 -1.18 22.44 22.57
C GLY D 270 -2.56 22.90 22.99
N ARG D 271 -3.19 22.15 23.90
CA ARG D 271 -4.55 22.46 24.35
C ARG D 271 -4.64 23.82 25.05
N ILE D 272 -5.67 24.58 24.69
CA ILE D 272 -5.96 25.86 25.33
C ILE D 272 -7.18 25.75 26.23
N GLU D 273 -7.01 26.12 27.49
CA GLU D 273 -8.13 26.20 28.43
C GLU D 273 -8.87 27.52 28.24
N PHE D 274 -10.17 27.44 27.99
CA PHE D 274 -10.98 28.64 27.78
C PHE D 274 -11.83 28.98 28.99
N GLN D 275 -11.80 30.25 29.39
CA GLN D 275 -12.66 30.75 30.47
C GLN D 275 -13.28 32.09 30.08
N PRO D 276 -14.61 32.14 29.93
CA PRO D 276 -15.56 31.01 30.00
C PRO D 276 -15.35 30.01 28.86
N PRO D 277 -15.88 28.78 28.99
CA PRO D 277 -15.67 27.77 27.96
C PRO D 277 -16.17 28.19 26.58
N LEU D 278 -15.73 27.51 25.54
CA LEU D 278 -16.17 27.78 24.19
C LEU D 278 -17.68 27.65 24.11
N LYS D 279 -18.32 28.58 23.40
CA LYS D 279 -19.77 28.58 23.23
C LYS D 279 -20.27 27.25 22.69
N PRO D 280 -21.46 26.82 23.15
CA PRO D 280 -22.10 25.57 22.70
C PRO D 280 -22.13 25.39 21.18
N VAL D 281 -22.40 26.46 20.42
CA VAL D 281 -22.41 26.36 18.97
C VAL D 281 -21.04 25.98 18.42
N ILE D 282 -19.98 26.42 19.09
CA ILE D 282 -18.63 26.06 18.70
C ILE D 282 -18.34 24.59 19.05
N GLN D 283 -18.67 24.21 20.28
CA GLN D 283 -18.39 22.85 20.76
C GLN D 283 -19.17 21.79 19.98
N ASP D 284 -20.40 22.12 19.58
CA ASP D 284 -21.24 21.20 18.83
C ASP D 284 -20.77 21.02 17.40
N ALA D 285 -20.17 22.06 16.83
CA ALA D 285 -19.69 22.01 15.45
C ALA D 285 -18.54 21.01 15.27
N PHE D 286 -17.85 20.69 16.36
CA PHE D 286 -16.78 19.70 16.32
C PHE D 286 -17.32 18.30 16.05
N ASP D 287 -18.61 18.11 16.29
CA ASP D 287 -19.28 16.85 16.00
C ASP D 287 -19.58 16.69 14.51
N LYS D 288 -19.60 17.81 13.79
CA LYS D 288 -20.05 17.82 12.39
C LYS D 288 -18.91 18.11 11.42
N ILE D 289 -17.68 18.09 11.92
CA ILE D 289 -16.51 18.27 11.06
C ILE D 289 -15.33 17.52 11.70
N HIS D 290 -14.42 17.02 10.87
CA HIS D 290 -13.26 16.28 11.38
C HIS D 290 -11.98 16.69 10.67
N PHE D 291 -11.01 15.80 10.62
CA PHE D 291 -9.66 16.18 10.21
C PHE D 291 -9.02 15.03 9.43
N GLY D 292 -8.51 15.35 8.24
CA GLY D 292 -7.89 14.34 7.39
C GLY D 292 -6.42 14.17 7.69
N ALA D 293 -5.79 13.21 7.02
CA ALA D 293 -4.37 12.94 7.25
C ALA D 293 -3.59 12.71 5.95
N LEU D 294 -3.60 13.70 5.08
CA LEU D 294 -2.68 13.69 3.95
C LEU D 294 -1.23 13.68 4.47
N GLY D 295 -0.42 12.77 3.94
CA GLY D 295 0.98 12.71 4.27
C GLY D 295 1.83 12.78 3.03
N LYS D 296 3.13 13.01 3.19
CA LYS D 296 4.03 13.09 2.06
C LYS D 296 5.30 12.27 2.26
N VAL D 297 5.75 11.62 1.19
CA VAL D 297 7.07 11.01 1.15
C VAL D 297 7.81 11.56 -0.06
N ILE D 298 9.01 12.07 0.16
CA ILE D 298 9.84 12.53 -0.94
C ILE D 298 10.88 11.46 -1.28
N PHE D 299 10.94 11.06 -2.55
CA PHE D 299 11.98 10.15 -3.02
C PHE D 299 12.96 10.91 -3.91
N GLU D 300 14.21 11.00 -3.46
CA GLU D 300 15.25 11.76 -4.15
C GLU D 300 16.24 10.84 -4.87
N PHE D 301 16.34 11.00 -6.19
CA PHE D 301 17.24 10.21 -7.00
C PHE D 301 18.46 11.02 -7.41
N GLU D 302 19.53 10.34 -7.81
CA GLU D 302 20.77 10.99 -8.23
C GLU D 302 20.51 11.87 -9.46
N GLU D 303 19.93 11.26 -10.48
CA GLU D 303 19.59 11.96 -11.71
C GLU D 303 18.33 11.37 -12.32
N CYS D 304 17.70 12.10 -13.22
CA CYS D 304 16.52 11.60 -13.92
C CYS D 304 16.95 10.65 -15.03
N CYS D 305 16.48 9.42 -14.97
CA CYS D 305 16.68 8.49 -16.08
C CYS D 305 15.35 7.85 -16.47
N TRP D 306 14.27 8.57 -16.24
CA TRP D 306 12.94 8.09 -16.59
C TRP D 306 12.29 9.06 -17.56
N SER D 307 11.21 8.61 -18.20
CA SER D 307 10.48 9.45 -19.14
C SER D 307 9.79 10.61 -18.44
N ASN D 308 9.89 11.81 -19.01
CA ASN D 308 9.21 12.98 -18.48
C ASN D 308 7.98 13.37 -19.30
N GLU D 309 7.22 12.35 -19.71
CA GLU D 309 5.96 12.57 -20.41
C GLU D 309 4.99 13.35 -19.54
N SER D 310 4.95 13.03 -18.25
CA SER D 310 3.99 13.64 -17.34
C SER D 310 4.57 13.88 -15.95
N SER D 311 4.00 14.86 -15.25
CA SER D 311 4.41 15.18 -13.89
C SER D 311 3.47 14.55 -12.87
N LYS D 312 2.42 13.89 -13.35
CA LYS D 312 1.41 13.31 -12.48
C LYS D 312 1.25 11.81 -12.70
N ILE D 313 1.54 11.04 -11.67
CA ILE D 313 1.44 9.58 -11.73
C ILE D 313 0.61 9.09 -10.55
N VAL D 314 -0.32 8.19 -10.83
CA VAL D 314 -1.09 7.56 -9.76
C VAL D 314 -0.98 6.05 -9.88
N THR D 315 -0.59 5.39 -8.80
CA THR D 315 -0.64 3.94 -8.77
C THR D 315 -1.97 3.52 -8.17
N LEU D 316 -2.68 2.64 -8.89
CA LEU D 316 -3.98 2.12 -8.46
C LEU D 316 -3.79 0.98 -7.47
N ALA D 317 -4.66 0.91 -6.47
CA ALA D 317 -4.68 -0.25 -5.60
C ALA D 317 -5.05 -1.47 -6.44
N ASN D 318 -4.50 -2.62 -6.06
CA ASN D 318 -4.81 -3.89 -6.73
C ASN D 318 -6.31 -4.12 -6.83
N SER D 319 -6.74 -4.57 -8.01
CA SER D 319 -8.12 -4.93 -8.25
C SER D 319 -8.22 -6.40 -8.68
N THR D 320 -9.43 -6.95 -8.66
CA THR D 320 -9.64 -8.35 -9.07
C THR D 320 -10.76 -8.49 -10.09
N ASN D 321 -10.63 -9.49 -10.96
CA ASN D 321 -11.69 -9.87 -11.87
C ASN D 321 -12.87 -10.47 -11.11
N GLU D 322 -12.62 -10.90 -9.88
CA GLU D 322 -13.67 -11.44 -9.06
C GLU D 322 -14.68 -10.36 -8.69
N PHE D 323 -14.15 -9.16 -8.40
CA PHE D 323 -15.00 -8.01 -8.10
C PHE D 323 -15.97 -7.75 -9.25
N VAL D 324 -15.48 -7.83 -10.48
CA VAL D 324 -16.30 -7.63 -11.68
C VAL D 324 -17.45 -8.61 -11.71
N GLU D 325 -17.14 -9.87 -11.42
CA GLU D 325 -18.13 -10.94 -11.36
C GLU D 325 -19.17 -10.65 -10.30
N ILE D 326 -18.72 -10.13 -9.17
CA ILE D 326 -19.61 -9.78 -8.06
C ILE D 326 -20.57 -8.65 -8.43
N VAL D 327 -20.08 -7.66 -9.18
CA VAL D 327 -20.92 -6.53 -9.59
C VAL D 327 -22.03 -6.99 -10.54
N ARG D 328 -21.65 -7.75 -11.55
CA ARG D 328 -22.59 -8.24 -12.54
C ARG D 328 -23.66 -9.14 -11.94
N ASN D 329 -23.26 -10.05 -11.05
CA ASN D 329 -24.18 -11.04 -10.52
C ASN D 329 -25.08 -10.53 -9.38
N ALA D 330 -24.76 -9.37 -8.82
CA ALA D 330 -25.54 -8.83 -7.70
C ALA D 330 -26.92 -8.35 -8.14
N GLU D 331 -27.91 -8.52 -7.27
CA GLU D 331 -29.27 -8.10 -7.59
C GLU D 331 -29.53 -6.69 -7.11
N ASN D 332 -29.05 -6.37 -5.90
CA ASN D 332 -29.27 -5.05 -5.33
C ASN D 332 -28.12 -4.59 -4.44
N LEU D 333 -28.32 -3.47 -3.74
CA LEU D 333 -27.26 -2.84 -2.96
C LEU D 333 -26.87 -3.63 -1.71
N ASP D 334 -27.84 -4.31 -1.11
CA ASP D 334 -27.59 -5.07 0.11
C ASP D 334 -26.91 -6.40 -0.23
N GLU D 335 -27.37 -7.03 -1.31
CA GLU D 335 -26.77 -8.27 -1.77
C GLU D 335 -25.33 -8.03 -2.22
N LEU D 336 -25.09 -6.87 -2.83
CA LEU D 336 -23.75 -6.49 -3.27
C LEU D 336 -22.84 -6.27 -2.07
N ASP D 337 -23.41 -5.70 -1.00
CA ASP D 337 -22.67 -5.44 0.21
C ASP D 337 -22.13 -6.72 0.84
N SER D 338 -22.99 -7.74 0.92
CA SER D 338 -22.61 -9.01 1.53
C SER D 338 -21.53 -9.73 0.71
N MET D 339 -21.70 -9.75 -0.61
CA MET D 339 -20.75 -10.42 -1.48
C MET D 339 -19.36 -9.77 -1.43
N LEU D 340 -19.35 -8.46 -1.15
CA LEU D 340 -18.09 -7.72 -1.04
C LEU D 340 -17.41 -7.95 0.30
N GLU D 341 -18.19 -7.98 1.38
CA GLU D 341 -17.65 -8.27 2.71
C GLU D 341 -17.11 -9.70 2.78
N ARG D 342 -17.90 -10.64 2.29
CA ARG D 342 -17.52 -12.05 2.27
C ARG D 342 -16.21 -12.27 1.51
N GLU D 343 -16.03 -11.52 0.43
CA GLU D 343 -14.80 -11.53 -0.34
C GLU D 343 -13.63 -11.06 0.53
N ASP D 344 -13.91 -10.13 1.43
CA ASP D 344 -12.87 -9.54 2.28
C ASP D 344 -12.57 -10.40 3.51
N SER D 345 -13.52 -11.25 3.89
CA SER D 345 -13.35 -12.12 5.04
C SER D 345 -12.35 -13.23 4.77
N SER D 350 -3.17 -7.46 5.40
CA SER D 350 -1.75 -7.18 5.25
C SER D 350 -1.52 -6.01 4.29
N VAL D 351 -1.15 -4.86 4.84
CA VAL D 351 -1.05 -3.63 4.07
C VAL D 351 0.27 -3.54 3.30
N THR D 352 0.17 -3.23 2.01
CA THR D 352 1.34 -3.01 1.17
C THR D 352 1.21 -1.69 0.43
N CYS D 353 2.20 -1.38 -0.39
CA CYS D 353 2.14 -0.20 -1.24
C CYS D 353 1.04 -0.28 -2.30
N TRP D 354 0.47 -1.48 -2.49
CA TRP D 354 -0.60 -1.67 -3.47
C TRP D 354 -2.00 -1.77 -2.84
N SER D 355 -2.09 -1.51 -1.55
CA SER D 355 -3.36 -1.67 -0.83
C SER D 355 -4.22 -0.41 -0.90
N GLN D 356 -3.68 0.64 -1.52
CA GLN D 356 -4.36 1.92 -1.60
C GLN D 356 -3.75 2.72 -2.73
N PRO D 357 -4.49 3.69 -3.28
CA PRO D 357 -3.89 4.50 -4.34
C PRO D 357 -2.78 5.40 -3.78
N LEU D 358 -1.78 5.68 -4.61
CA LEU D 358 -0.71 6.59 -4.24
C LEU D 358 -0.49 7.58 -5.37
N PHE D 359 -0.29 8.84 -5.01
CA PHE D 359 -0.18 9.92 -5.98
C PHE D 359 1.25 10.44 -6.02
N PHE D 360 1.89 10.31 -7.18
CA PHE D 360 3.29 10.70 -7.32
C PHE D 360 3.42 11.89 -8.25
N VAL D 361 4.08 12.94 -7.77
CA VAL D 361 4.45 14.06 -8.63
C VAL D 361 5.87 13.87 -9.17
N ASN D 362 6.00 13.74 -10.48
CA ASN D 362 7.31 13.66 -11.12
C ASN D 362 7.90 15.05 -11.27
N LEU D 363 8.74 15.42 -10.30
CA LEU D 363 9.29 16.77 -10.22
C LEU D 363 10.30 17.08 -11.31
N SER D 364 10.82 16.05 -11.97
CA SER D 364 11.79 16.24 -13.04
C SER D 364 11.18 17.00 -14.21
N LYS D 365 9.94 16.68 -14.56
CA LYS D 365 9.32 17.34 -15.70
C LYS D 365 9.06 18.82 -15.44
N SER D 366 8.53 19.12 -14.25
CA SER D 366 8.00 20.45 -13.97
C SER D 366 9.00 21.41 -13.31
N THR D 367 9.98 20.86 -12.61
CA THR D 367 10.94 21.70 -11.90
C THR D 367 12.39 21.37 -12.25
N GLY D 368 12.61 20.23 -12.87
CA GLY D 368 13.95 19.84 -13.28
C GLY D 368 14.73 19.08 -12.23
N VAL D 369 14.07 18.76 -11.12
CA VAL D 369 14.73 18.06 -10.00
C VAL D 369 14.43 16.56 -10.01
N ALA D 370 15.48 15.75 -9.87
CA ALA D 370 15.35 14.28 -9.97
C ALA D 370 14.72 13.65 -8.73
N SER D 371 13.51 14.06 -8.40
CA SER D 371 12.81 13.57 -7.24
C SER D 371 11.32 13.34 -7.50
N PHE D 372 10.71 12.51 -6.67
CA PHE D 372 9.27 12.30 -6.69
C PHE D 372 8.69 12.76 -5.36
N MET D 373 7.57 13.47 -5.42
CA MET D 373 6.83 13.80 -4.21
C MET D 373 5.56 12.97 -4.19
N MET D 374 5.43 12.11 -3.21
CA MET D 374 4.31 11.19 -3.14
C MET D 374 3.33 11.61 -2.06
N LEU D 375 2.04 11.59 -2.39
CA LEU D 375 0.99 11.88 -1.41
C LEU D 375 0.37 10.56 -0.93
N MET D 376 0.03 10.49 0.36
CA MET D 376 -0.63 9.31 0.91
C MET D 376 -1.77 9.76 1.81
N GLN D 377 -2.60 8.81 2.23
CA GLN D 377 -3.82 9.12 2.95
C GLN D 377 -3.99 8.25 4.19
N ALA D 378 -4.86 8.69 5.10
CA ALA D 378 -5.26 7.86 6.23
C ALA D 378 -6.00 6.63 5.71
N PRO D 379 -5.75 5.46 6.32
CA PRO D 379 -4.94 5.24 7.52
C PRO D 379 -3.46 4.94 7.25
N LEU D 380 -3.04 4.92 5.98
CA LEU D 380 -1.64 4.66 5.67
C LEU D 380 -0.70 5.71 6.26
N THR D 381 -1.13 6.97 6.23
CA THR D 381 -0.26 8.09 6.58
C THR D 381 0.40 7.95 7.96
N ASN D 382 -0.38 7.75 9.01
CA ASN D 382 0.19 7.64 10.36
C ASN D 382 1.12 6.43 10.53
N HIS D 383 0.87 5.38 9.77
CA HIS D 383 1.72 4.18 9.81
C HIS D 383 3.08 4.47 9.20
N ILE D 384 3.10 5.21 8.09
CA ILE D 384 4.35 5.55 7.42
C ILE D 384 5.12 6.61 8.20
N GLU D 385 4.40 7.60 8.75
CA GLU D 385 5.05 8.63 9.56
C GLU D 385 5.66 8.04 10.82
N SER D 386 5.03 7.01 11.37
CA SER D 386 5.56 6.35 12.57
C SER D 386 6.89 5.62 12.34
N ILE D 387 7.21 5.29 11.09
CA ILE D 387 8.50 4.64 10.78
C ILE D 387 9.39 5.54 9.93
N ARG D 388 9.18 6.85 10.05
CA ARG D 388 9.87 7.83 9.21
C ARG D 388 11.39 7.81 9.33
N GLU D 389 11.91 7.33 10.47
CA GLU D 389 13.34 7.26 10.70
C GLU D 389 13.97 5.95 10.20
N ASP D 390 13.13 4.99 9.83
CA ASP D 390 13.59 3.68 9.37
C ASP D 390 13.62 3.63 7.85
N LYS D 391 14.68 4.17 7.26
CA LYS D 391 14.76 4.31 5.80
C LYS D 391 14.74 2.97 5.06
N GLU D 392 15.39 1.96 5.62
CA GLU D 392 15.45 0.65 5.00
C GLU D 392 14.05 0.05 4.89
N ARG D 393 13.24 0.25 5.93
CA ARG D 393 11.89 -0.29 5.92
C ARG D 393 10.99 0.52 5.00
N LEU D 394 11.28 1.81 4.88
CA LEU D 394 10.53 2.67 3.98
C LEU D 394 10.78 2.23 2.55
N PHE D 395 12.05 2.07 2.20
CA PHE D 395 12.42 1.62 0.86
C PHE D 395 11.77 0.29 0.51
N SER D 396 11.87 -0.69 1.42
CA SER D 396 11.25 -2.00 1.19
C SER D 396 9.74 -1.90 1.03
N PHE D 397 9.11 -0.97 1.75
CA PHE D 397 7.68 -0.80 1.63
C PHE D 397 7.29 -0.30 0.24
N PHE D 398 8.02 0.71 -0.25
CA PHE D 398 7.65 1.38 -1.49
C PHE D 398 8.38 0.84 -2.72
N GLN D 399 9.32 -0.08 -2.51
CA GLN D 399 10.07 -0.69 -3.61
C GLN D 399 9.21 -1.21 -4.78
N PRO D 400 8.13 -1.96 -4.49
CA PRO D 400 7.34 -2.50 -5.62
C PRO D 400 6.67 -1.44 -6.50
N VAL D 401 6.13 -0.38 -5.90
CA VAL D 401 5.52 0.68 -6.71
C VAL D 401 6.59 1.52 -7.41
N LEU D 402 7.69 1.81 -6.72
CA LEU D 402 8.80 2.53 -7.34
C LEU D 402 9.28 1.82 -8.61
N ASN D 403 9.49 0.51 -8.51
CA ASN D 403 9.94 -0.29 -9.65
C ASN D 403 8.93 -0.30 -10.79
N LYS D 404 7.66 -0.45 -10.45
CA LYS D 404 6.60 -0.49 -11.45
C LYS D 404 6.54 0.83 -12.22
N ILE D 405 6.59 1.94 -11.48
CA ILE D 405 6.62 3.26 -12.10
C ILE D 405 7.79 3.39 -13.08
N MET D 406 8.99 3.03 -12.62
CA MET D 406 10.18 3.07 -13.47
C MET D 406 10.02 2.26 -14.75
N LYS D 407 9.40 1.08 -14.64
CA LYS D 407 9.19 0.24 -15.80
C LYS D 407 8.23 0.93 -16.77
N CYS D 408 7.10 1.40 -16.24
CA CYS D 408 6.11 2.10 -17.04
C CYS D 408 6.67 3.39 -17.62
N LEU D 409 7.74 3.90 -17.03
CA LEU D 409 8.39 5.12 -17.53
C LEU D 409 9.69 4.82 -18.28
N ASP D 410 9.74 3.65 -18.94
CA ASP D 410 10.88 3.27 -19.78
C ASP D 410 12.20 3.28 -19.05
N SER D 411 12.19 2.80 -17.80
CA SER D 411 13.41 2.76 -17.01
C SER D 411 13.58 1.37 -16.39
N GLU D 412 14.43 1.29 -15.37
CA GLU D 412 14.77 0.02 -14.74
C GLU D 412 14.48 0.06 -13.25
N ASP D 413 14.59 -1.10 -12.60
CA ASP D 413 14.42 -1.19 -11.16
C ASP D 413 15.34 -0.19 -10.43
N VAL D 414 14.86 0.29 -9.30
CA VAL D 414 15.62 1.26 -8.50
C VAL D 414 16.77 0.64 -7.73
N ILE D 415 17.94 1.29 -7.77
CA ILE D 415 19.08 0.92 -6.94
C ILE D 415 19.07 1.73 -5.64
N ASP D 416 19.24 1.05 -4.51
CA ASP D 416 19.38 1.72 -3.22
C ASP D 416 20.78 2.29 -3.05
N GLY D 417 20.94 3.59 -3.27
CA GLY D 417 22.20 4.24 -3.04
C GLY D 417 22.12 5.24 -1.89
N MET D 418 21.35 4.90 -0.86
CA MET D 418 21.07 5.84 0.22
C MET D 418 22.23 6.04 1.21
N ARG D 419 23.20 5.12 1.20
CA ARG D 419 24.36 5.22 2.08
C ARG D 419 25.61 5.60 1.31
N PRO D 420 26.13 6.81 1.56
CA PRO D 420 27.28 7.37 0.83
C PRO D 420 28.55 6.52 0.90
N ILE D 421 28.79 5.88 2.04
CA ILE D 421 30.00 5.08 2.25
C ILE D 421 30.14 3.95 1.22
N GLU D 422 29.01 3.51 0.68
CA GLU D 422 29.00 2.38 -0.25
C GLU D 422 29.43 2.74 -1.66
N ASN D 423 29.60 4.03 -1.93
CA ASN D 423 30.07 4.50 -3.24
C ASN D 423 29.23 4.01 -4.41
N ILE D 424 27.93 3.85 -4.17
CA ILE D 424 27.03 3.34 -5.19
C ILE D 424 26.70 4.38 -6.25
N ALA D 425 26.83 3.99 -7.52
CA ALA D 425 26.53 4.87 -8.65
C ALA D 425 26.25 4.05 -9.92
N ASN D 426 25.37 4.60 -10.76
CA ASN D 426 25.03 3.95 -12.02
C ASN D 426 24.35 4.96 -12.94
N ALA D 427 25.05 5.39 -13.97
CA ALA D 427 24.55 6.43 -14.87
C ALA D 427 23.31 5.99 -15.65
N ASN D 428 23.00 4.70 -15.61
CA ASN D 428 21.92 4.14 -16.42
C ASN D 428 20.64 3.79 -15.66
N LYS D 429 20.77 3.51 -14.36
CA LYS D 429 19.64 3.08 -13.54
C LYS D 429 19.21 4.18 -12.58
N PRO D 430 17.94 4.13 -12.11
CA PRO D 430 17.50 5.08 -11.09
C PRO D 430 18.13 4.74 -9.75
N VAL D 431 18.91 5.67 -9.19
CA VAL D 431 19.56 5.45 -7.91
C VAL D 431 18.91 6.30 -6.83
N LEU D 432 18.16 5.66 -5.92
CA LEU D 432 17.57 6.36 -4.79
C LEU D 432 18.64 6.81 -3.78
N ARG D 433 18.64 8.10 -3.47
CA ARG D 433 19.66 8.69 -2.58
C ARG D 433 19.12 9.04 -1.19
N ASN D 434 17.83 9.32 -1.11
CA ASN D 434 17.24 9.79 0.14
C ASN D 434 15.71 9.73 0.14
N ILE D 435 15.16 9.45 1.32
CA ILE D 435 13.71 9.43 1.52
C ILE D 435 13.35 10.39 2.65
N ILE D 436 12.44 11.32 2.37
CA ILE D 436 11.96 12.26 3.39
C ILE D 436 10.49 12.03 3.67
N VAL D 437 10.11 12.01 4.94
CA VAL D 437 8.70 11.76 5.30
C VAL D 437 8.13 12.90 6.15
N SER D 438 6.85 13.18 5.94
CA SER D 438 6.11 14.16 6.75
C SER D 438 5.92 13.62 8.16
N ASN D 439 5.40 14.46 9.05
CA ASN D 439 5.17 14.05 10.42
C ASN D 439 3.94 14.72 11.06
N TRP D 440 3.01 15.18 10.21
CA TRP D 440 1.89 16.01 10.69
C TRP D 440 0.95 15.28 11.65
N THR D 441 0.73 13.99 11.44
CA THR D 441 -0.15 13.23 12.32
C THR D 441 0.44 12.99 13.72
N ARG D 442 1.76 13.16 13.86
CA ARG D 442 2.43 12.89 15.13
C ARG D 442 2.94 14.16 15.80
N ASP D 443 2.81 15.28 15.10
CA ASP D 443 3.18 16.59 15.62
C ASP D 443 1.98 17.12 16.40
N PRO D 444 2.16 17.37 17.71
CA PRO D 444 1.05 17.75 18.59
C PRO D 444 0.44 19.12 18.25
N TYR D 445 1.14 19.91 17.45
CA TYR D 445 0.65 21.24 17.09
C TYR D 445 -0.07 21.23 15.74
N SER D 446 -0.17 20.07 15.11
CA SER D 446 -0.98 19.95 13.90
C SER D 446 -2.00 18.81 13.99
N ARG D 447 -1.56 17.67 14.53
CA ARG D 447 -2.44 16.51 14.75
C ARG D 447 -3.26 16.14 13.52
N GLY D 448 -2.58 16.01 12.39
CA GLY D 448 -3.23 15.75 11.13
C GLY D 448 -2.88 16.80 10.09
N ALA D 449 -3.54 16.72 8.94
CA ALA D 449 -3.24 17.61 7.83
C ALA D 449 -4.15 18.83 7.76
N TYR D 450 -5.45 18.62 7.50
CA TYR D 450 -6.41 19.72 7.47
C TYR D 450 -7.83 19.20 7.65
N SER D 451 -8.77 20.11 7.90
CA SER D 451 -10.17 19.73 8.10
C SER D 451 -10.68 18.92 6.92
N ALA D 452 -11.51 17.93 7.21
CA ALA D 452 -12.07 17.06 6.19
C ALA D 452 -13.39 16.51 6.68
N CYS D 453 -14.21 15.99 5.75
CA CYS D 453 -15.54 15.51 6.09
C CYS D 453 -15.65 13.99 6.16
N PHE D 454 -16.13 13.50 7.31
CA PHE D 454 -16.58 12.12 7.44
C PHE D 454 -18.02 12.10 6.92
N PRO D 455 -18.55 10.90 6.60
CA PRO D 455 -19.95 10.82 6.17
C PRO D 455 -20.90 11.42 7.21
N GLY D 456 -21.75 12.33 6.80
CA GLY D 456 -22.68 12.98 7.71
C GLY D 456 -22.23 14.36 8.16
N ASP D 457 -20.97 14.68 7.90
CA ASP D 457 -20.41 15.97 8.31
C ASP D 457 -20.94 17.15 7.50
N ASP D 458 -21.00 18.31 8.14
CA ASP D 458 -21.24 19.56 7.44
C ASP D 458 -20.32 20.65 7.97
N PRO D 459 -19.33 21.04 7.14
CA PRO D 459 -18.34 22.08 7.47
C PRO D 459 -18.97 23.43 7.80
N VAL D 460 -20.13 23.73 7.23
CA VAL D 460 -20.79 25.03 7.43
C VAL D 460 -20.92 25.43 8.90
N ASP D 461 -21.31 24.49 9.74
CA ASP D 461 -21.47 24.74 11.18
C ASP D 461 -20.20 25.35 11.77
N MET D 462 -19.06 24.72 11.49
CA MET D 462 -17.78 25.18 12.03
C MET D 462 -17.38 26.54 11.46
N VAL D 463 -17.45 26.67 10.13
CA VAL D 463 -17.13 27.93 9.48
C VAL D 463 -17.91 29.10 10.08
N VAL D 464 -19.22 28.90 10.29
CA VAL D 464 -20.07 29.94 10.85
C VAL D 464 -19.73 30.24 12.31
N ALA D 465 -19.60 29.19 13.11
CA ALA D 465 -19.21 29.34 14.51
C ALA D 465 -17.88 30.07 14.65
N MET D 466 -16.92 29.69 13.81
CA MET D 466 -15.57 30.25 13.87
C MET D 466 -15.54 31.72 13.43
N SER D 467 -16.18 32.00 12.31
CA SER D 467 -16.17 33.37 11.77
C SER D 467 -16.98 34.36 12.61
N ASN D 468 -17.89 33.84 13.43
CA ASN D 468 -18.65 34.70 14.34
C ASN D 468 -17.92 34.94 15.67
N GLY D 469 -16.87 34.17 15.91
CA GLY D 469 -16.04 34.37 17.09
C GLY D 469 -16.61 33.85 18.40
N GLN D 470 -15.74 33.69 19.39
CA GLN D 470 -16.15 33.28 20.74
C GLN D 470 -16.88 34.42 21.43
N ASP D 471 -16.40 35.64 21.21
CA ASP D 471 -17.14 36.86 21.50
C ASP D 471 -16.55 38.00 20.68
N SER D 472 -16.84 39.24 21.07
CA SER D 472 -16.38 40.39 20.32
C SER D 472 -14.87 40.53 20.36
N ARG D 473 -14.25 39.97 21.39
CA ARG D 473 -12.80 40.13 21.59
C ARG D 473 -11.99 38.89 21.26
N ILE D 474 -12.65 37.73 21.26
CA ILE D 474 -11.96 36.46 21.05
C ILE D 474 -12.34 35.86 19.70
N ARG D 475 -11.42 35.98 18.75
CA ARG D 475 -11.72 35.63 17.36
C ARG D 475 -10.91 34.41 16.90
N PHE D 476 -11.35 33.81 15.80
CA PHE D 476 -10.69 32.65 15.21
C PHE D 476 -10.37 32.88 13.75
N ALA D 477 -9.20 32.40 13.33
CA ALA D 477 -8.82 32.37 11.93
C ALA D 477 -8.17 31.03 11.62
N GLY D 478 -7.87 30.77 10.35
CA GLY D 478 -7.31 29.49 9.95
C GLY D 478 -8.13 28.85 8.85
N GLU D 479 -7.58 27.77 8.25
CA GLU D 479 -8.21 27.10 7.12
C GLU D 479 -9.60 26.53 7.42
N HIS D 480 -9.92 26.40 8.70
CA HIS D 480 -11.14 25.74 9.13
C HIS D 480 -12.23 26.76 9.48
N THR D 481 -11.95 28.03 9.24
CA THR D 481 -12.83 29.11 9.69
C THR D 481 -13.44 29.89 8.54
N ILE D 482 -13.32 29.34 7.33
CA ILE D 482 -13.70 30.08 6.14
C ILE D 482 -14.27 29.15 5.06
N MET D 483 -15.19 29.68 4.25
CA MET D 483 -15.83 28.86 3.22
C MET D 483 -15.01 28.75 1.95
N ASP D 484 -14.71 29.87 1.32
CA ASP D 484 -13.93 29.84 0.09
C ASP D 484 -12.47 29.53 0.41
N GLY D 485 -11.96 28.45 -0.17
CA GLY D 485 -10.61 28.00 0.12
C GLY D 485 -10.50 27.25 1.43
N ALA D 486 -11.62 26.66 1.84
CA ALA D 486 -11.67 25.86 3.06
C ALA D 486 -10.58 24.79 2.98
N GLY D 487 -9.77 24.72 4.04
CA GLY D 487 -8.74 23.70 4.10
C GLY D 487 -7.43 24.10 3.44
N CYS D 488 -7.46 25.12 2.61
CA CYS D 488 -6.32 25.53 1.80
C CYS D 488 -5.55 26.69 2.42
N ALA D 489 -4.31 26.86 1.98
CA ALA D 489 -3.46 27.97 2.41
C ALA D 489 -4.11 29.32 2.16
N TYR D 490 -4.75 29.48 1.01
CA TYR D 490 -5.30 30.79 0.68
C TYR D 490 -6.56 31.09 1.50
N GLY D 491 -7.23 30.03 1.93
CA GLY D 491 -8.34 30.20 2.85
C GLY D 491 -7.84 30.67 4.20
N ALA D 492 -6.79 30.02 4.70
CA ALA D 492 -6.20 30.44 5.97
C ALA D 492 -5.69 31.89 5.88
N TRP D 493 -5.02 32.20 4.78
CA TRP D 493 -4.52 33.55 4.51
C TRP D 493 -5.64 34.60 4.54
N GLU D 494 -6.74 34.33 3.84
CA GLU D 494 -7.88 35.24 3.77
C GLU D 494 -8.56 35.41 5.13
N SER D 495 -8.67 34.32 5.89
CA SER D 495 -9.27 34.37 7.22
C SER D 495 -8.47 35.27 8.18
N GLY D 496 -7.15 35.23 8.05
CA GLY D 496 -6.28 36.08 8.84
C GLY D 496 -6.52 37.54 8.50
N ARG D 497 -6.63 37.83 7.21
CA ARG D 497 -6.87 39.19 6.74
C ARG D 497 -8.23 39.65 7.24
N ARG D 498 -9.20 38.73 7.19
CA ARG D 498 -10.57 39.01 7.62
C ARG D 498 -10.63 39.48 9.06
N GLU D 499 -10.04 38.70 9.98
CA GLU D 499 -10.10 39.03 11.40
C GLU D 499 -9.29 40.27 11.76
N ALA D 500 -8.18 40.48 11.07
CA ALA D 500 -7.33 41.62 11.34
C ALA D 500 -7.93 42.93 10.84
N THR D 501 -8.56 42.88 9.67
CA THR D 501 -9.20 44.05 9.09
C THR D 501 -10.37 44.51 9.95
N ARG D 502 -11.15 43.55 10.43
CA ARG D 502 -12.23 43.83 11.37
C ARG D 502 -11.71 44.57 12.61
N ILE D 503 -10.72 43.96 13.27
CA ILE D 503 -10.12 44.54 14.47
C ILE D 503 -9.47 45.90 14.20
N SER D 504 -8.82 46.01 13.05
CA SER D 504 -8.17 47.25 12.67
C SER D 504 -9.15 48.42 12.49
N ASP D 505 -10.29 48.14 11.86
CA ASP D 505 -11.31 49.15 11.66
C ASP D 505 -11.87 49.61 13.01
N LEU D 506 -12.18 48.66 13.87
CA LEU D 506 -12.64 48.94 15.23
C LEU D 506 -11.68 49.86 15.99
N LEU D 507 -10.38 49.54 15.94
CA LEU D 507 -9.38 50.34 16.65
C LEU D 507 -9.21 51.73 16.04
N LYS D 508 -9.16 51.80 14.71
CA LYS D 508 -9.05 53.08 14.02
C LYS D 508 -10.17 54.04 14.42
N LEU D 509 -11.39 53.53 14.48
CA LEU D 509 -12.56 54.35 14.77
C LEU D 509 -12.56 54.95 16.20
N GLU D 510 -11.72 54.42 17.08
CA GLU D 510 -11.68 54.89 18.46
C GLU D 510 -10.79 56.12 18.66
PA FAD E . 24.65 4.49 34.15
O1A FAD E . 25.61 3.38 34.08
O2A FAD E . 23.56 4.46 35.14
O5B FAD E . 25.48 5.86 34.38
C5B FAD E . 24.80 7.09 34.62
C4B FAD E . 25.44 7.80 35.81
O4B FAD E . 24.78 9.07 36.00
C3B FAD E . 25.17 7.02 37.08
O3B FAD E . 26.40 6.46 37.56
C2B FAD E . 24.66 8.06 38.07
O2B FAD E . 25.41 7.96 39.29
C1B FAD E . 24.98 9.37 37.39
N9A FAD E . 24.05 10.44 37.81
C8A FAD E . 22.73 10.32 37.92
N7A FAD E . 22.25 11.49 38.32
C5A FAD E . 23.27 12.33 38.47
C6A FAD E . 23.32 13.61 38.85
N6A FAD E . 22.15 14.18 39.15
N1A FAD E . 24.47 14.29 38.94
C2A FAD E . 25.66 13.63 38.61
N3A FAD E . 25.58 12.29 38.21
C4A FAD E . 24.39 11.68 38.15
N1 FAD E . 23.74 -4.64 30.22
C2 FAD E . 24.47 -5.57 29.47
O2 FAD E . 25.08 -5.22 28.47
N3 FAD E . 24.49 -6.91 29.87
C4 FAD E . 23.80 -7.32 31.01
O4 FAD E . 23.82 -8.50 31.35
C4X FAD E . 23.08 -6.38 31.76
N5 FAD E . 22.41 -6.77 32.84
C5X FAD E . 21.93 -5.84 33.68
C6 FAD E . 21.45 -6.22 34.94
C7 FAD E . 20.95 -5.27 35.82
C7M FAD E . 20.49 -5.67 37.07
C8 FAD E . 20.93 -3.92 35.43
C8M FAD E . 20.43 -2.93 36.28
C9 FAD E . 21.39 -3.55 34.18
C9A FAD E . 21.90 -4.50 33.30
N10 FAD E . 22.36 -4.15 32.09
C10 FAD E . 23.05 -5.05 31.36
C1' FAD E . 22.11 -2.81 31.53
C2' FAD E . 23.37 -1.94 31.61
O2' FAD E . 23.87 -1.96 32.94
C3' FAD E . 23.01 -0.50 31.22
O3' FAD E . 22.58 -0.47 29.86
C4' FAD E . 24.25 0.39 31.37
O4' FAD E . 24.96 0.02 32.56
C5' FAD E . 23.81 1.85 31.47
O5' FAD E . 24.96 2.70 31.59
P FAD E . 24.83 4.28 31.37
O1P FAD E . 26.18 4.89 31.42
O2P FAD E . 23.95 4.52 30.20
O3P FAD E . 24.02 4.74 32.69
O1 PG4 F . 22.69 -15.15 28.45
C1 PG4 F . 21.62 -14.74 29.21
C2 PG4 F . 21.35 -13.28 29.32
O2 PG4 F . 20.03 -12.87 29.41
C3 PG4 F . 19.59 -12.25 30.55
C4 PG4 F . 19.51 -10.76 30.55
O3 PG4 F . 20.56 -10.05 31.10
C5 PG4 F . 20.46 -8.68 31.17
C6 PG4 F . 20.04 -7.96 29.94
O4 PG4 F . 20.28 -6.60 29.86
C7 PG4 F . 20.16 -5.97 28.64
C8 PG4 F . 19.04 -6.40 27.75
O5 PG4 F . 19.36 -6.73 26.45
PA FAD G . 5.43 -32.68 -10.51
O1A FAD G . 4.79 -33.21 -9.29
O2A FAD G . 6.69 -33.25 -11.00
O5B FAD G . 4.34 -32.77 -11.71
C5B FAD G . 4.74 -32.48 -13.05
C4B FAD G . 4.22 -33.56 -13.99
O4B FAD G . 4.58 -33.22 -15.35
C3B FAD G . 4.97 -34.87 -13.71
O3B FAD G . 4.07 -35.81 -13.12
C2B FAD G . 5.40 -35.37 -15.08
O2B FAD G . 4.98 -36.73 -15.25
C1B FAD G . 4.62 -34.48 -16.03
N9A FAD G . 5.33 -34.31 -17.31
C8A FAD G . 6.64 -34.09 -17.45
N7A FAD G . 6.90 -34.00 -18.75
C5A FAD G . 5.75 -34.16 -19.42
C6A FAD G . 5.48 -34.16 -20.72
N6A FAD G . 6.51 -33.95 -21.54
N1A FAD G . 4.24 -34.35 -21.19
C2A FAD G . 3.20 -34.56 -20.28
N3A FAD G . 3.51 -34.56 -18.91
C4A FAD G . 4.78 -34.36 -18.52
N1 FAD G . 7.91 -31.04 -0.98
C2 FAD G . 7.33 -30.77 0.27
O2 FAD G . 6.48 -29.90 0.38
N3 FAD G . 7.74 -31.49 1.39
C4 FAD G . 8.72 -32.50 1.26
O4 FAD G . 9.07 -33.13 2.26
C4X FAD G . 9.28 -32.75 0.02
N5 FAD G . 10.21 -33.70 -0.10
C5X FAD G . 10.59 -34.11 -1.32
C6 FAD G . 11.38 -35.25 -1.46
C7 FAD G . 11.77 -35.68 -2.73
C7M FAD G . 12.56 -36.83 -2.82
C8 FAD G . 11.37 -34.97 -3.85
C8M FAD G . 11.75 -35.37 -5.14
C9 FAD G . 10.59 -33.83 -3.71
C9A FAD G . 10.19 -33.40 -2.45
N10 FAD G . 9.43 -32.30 -2.30
C10 FAD G . 8.88 -32.04 -1.10
C1' FAD G . 9.18 -31.37 -3.42
C2' FAD G . 7.80 -31.61 -4.04
O2' FAD G . 7.67 -32.98 -4.39
C3' FAD G . 7.65 -30.74 -5.29
O3' FAD G . 7.84 -29.36 -4.95
C4' FAD G . 6.24 -30.92 -5.88
O4' FAD G . 5.86 -32.30 -5.79
C5' FAD G . 6.24 -30.47 -7.34
O5' FAD G . 5.00 -30.83 -7.95
P FAD G . 4.62 -30.24 -9.40
O1P FAD G . 3.22 -30.63 -9.72
O2P FAD G . 5.02 -28.82 -9.46
O3P FAD G . 5.60 -31.08 -10.35
C2 PG4 H . 11.66 -31.73 8.19
O2 PG4 H . 12.62 -31.36 7.28
C3 PG4 H . 12.78 -32.12 6.14
C4 PG4 H . 13.87 -31.77 5.19
O3 PG4 H . 13.69 -32.14 3.87
C5 PG4 H . 12.56 -31.70 3.23
C6 PG4 H . 12.54 -31.74 1.74
O4 PG4 H . 11.66 -30.88 1.09
C7 PG4 H . 12.02 -29.57 0.89
C8 PG4 H . 11.47 -28.88 -0.31
O5 PG4 H . 11.68 -27.52 -0.38
PA FAD I . -39.65 17.16 -35.63
O1A FAD I . -39.60 18.03 -36.83
O2A FAD I . -39.36 15.71 -35.67
O5B FAD I . -41.18 16.76 -36.02
C5B FAD I . -42.22 17.73 -36.24
C4B FAD I . -43.08 17.29 -37.43
O4B FAD I . -44.00 18.34 -37.78
C3B FAD I . -42.19 17.14 -38.67
O3B FAD I . -42.09 15.75 -39.00
C2B FAD I . -42.94 17.87 -39.76
O2B FAD I . -43.06 17.01 -40.91
C1B FAD I . -44.30 18.11 -39.16
N9A FAD I . -44.95 19.30 -39.75
C8A FAD I . -44.37 20.48 -39.95
N7A FAD I . -45.29 21.29 -40.50
C5A FAD I . -46.42 20.60 -40.63
C6A FAD I . -47.60 20.96 -41.11
N6A FAD I . -47.72 22.20 -41.55
N1A FAD I . -48.64 20.11 -41.15
C2A FAD I . -48.46 18.80 -40.67
N3A FAD I . -47.20 18.46 -40.17
C4A FAD I . -46.21 19.37 -40.16
N1 FAD I . -31.36 15.22 -30.92
C2 FAD I . -30.77 14.31 -30.02
O2 FAD I . -31.38 13.97 -29.01
N3 FAD I . -29.51 13.80 -30.30
C4 FAD I . -28.83 14.18 -31.45
O4 FAD I . -27.71 13.72 -31.69
C4X FAD I . -29.41 15.09 -32.34
N5 FAD I . -28.76 15.47 -33.44
C5X FAD I . -29.41 16.17 -34.38
C6 FAD I . -28.81 16.35 -35.63
C7 FAD I . -29.47 17.07 -36.63
C7M FAD I . -28.85 17.24 -37.86
C8 FAD I . -30.75 17.60 -36.37
C8M FAD I . -31.43 18.33 -37.33
C9 FAD I . -31.32 17.40 -35.12
C9A FAD I . -30.67 16.69 -34.12
N10 FAD I . -31.23 16.48 -32.92
C10 FAD I . -30.68 15.61 -32.07
C1' FAD I . -32.45 17.22 -32.50
C2' FAD I . -33.70 16.38 -32.75
O2' FAD I . -33.72 15.92 -34.09
C3' FAD I . -34.95 17.23 -32.48
O3' FAD I . -34.89 17.76 -31.15
C4' FAD I . -36.21 16.36 -32.62
O4' FAD I . -36.05 15.50 -33.75
C5' FAD I . -37.42 17.27 -32.84
O5' FAD I . -38.58 16.47 -33.07
P FAD I . -40.05 17.10 -32.85
O1P FAD I . -41.01 15.98 -32.64
O2P FAD I . -39.95 18.18 -31.85
O3P FAD I . -40.35 17.75 -34.28
O1 PG4 J . -19.88 13.70 -27.61
C1 PG4 J . -20.83 13.20 -28.49
C2 PG4 J . -22.18 13.82 -28.45
O2 PG4 J . -22.61 14.51 -29.56
C3 PG4 J . -22.15 15.79 -29.80
C4 PG4 J . -22.84 16.56 -30.88
O3 PG4 J . -24.21 16.48 -30.90
C5 PG4 J . -24.94 17.19 -31.82
C6 PG4 J . -26.43 17.12 -31.72
O4 PG4 J . -27.03 17.75 -30.65
C7 PG4 J . -28.34 17.46 -30.35
C8 PG4 J . -29.06 18.33 -29.39
O5 PG4 J . -30.32 18.77 -29.76
PA FAD K . -1.25 26.43 10.72
O1A FAD K . -0.45 26.73 9.51
O2A FAD K . -1.19 25.08 11.32
O5B FAD K . -0.87 27.50 11.85
C5B FAD K . -1.38 27.34 13.18
C4B FAD K . -0.24 27.53 14.19
O4B FAD K . -0.78 27.45 15.52
C3B FAD K . 0.73 26.36 14.09
O3B FAD K . 1.97 26.81 13.53
C2B FAD K . 0.96 25.93 15.53
O2B FAD K . 2.37 25.87 15.80
C1B FAD K . 0.34 27.04 16.34
N9A FAD K . -0.16 26.56 17.64
C8A FAD K . -0.85 25.45 17.84
N7A FAD K . -1.11 25.36 19.14
C5A FAD K . -0.57 26.41 19.75
C6A FAD K . -0.54 26.78 21.03
N6A FAD K . -1.16 25.98 21.88
N1A FAD K . 0.07 27.91 21.43
C2A FAD K . 0.69 28.71 20.48
N3A FAD K . 0.65 28.29 19.14
C4A FAD K . 0.02 27.16 18.81
N1 FAD K . -2.99 23.83 1.26
C2 FAD K . -2.95 24.35 -0.04
O2 FAD K . -3.43 25.44 -0.29
N3 FAD K . -2.35 23.60 -1.07
C4 FAD K . -1.80 22.34 -0.79
O4 FAD K . -1.28 21.69 -1.70
C4X FAD K . -1.84 21.84 0.51
N5 FAD K . -1.32 20.63 0.77
C5X FAD K . -1.15 20.26 2.05
C6 FAD K . -0.39 19.14 2.35
C7 FAD K . -0.21 18.73 3.67
C7M FAD K . 0.56 17.61 3.92
C8 FAD K . -0.78 19.47 4.70
C8M FAD K . -0.64 19.10 6.04
C9 FAD K . -1.55 20.60 4.39
C9A FAD K . -1.74 21.00 3.07
N10 FAD K . -2.47 22.08 2.77
C10 FAD K . -2.43 22.58 1.52
C1' FAD K . -3.31 22.75 3.78
C2' FAD K . -2.64 24.01 4.32
O2' FAD K . -1.32 23.69 4.76
C3' FAD K . -3.45 24.56 5.50
O3' FAD K . -4.77 24.88 5.06
C4' FAD K . -2.78 25.83 6.04
O4' FAD K . -1.36 25.65 6.06
C5' FAD K . -3.28 26.10 7.46
O5' FAD K . -2.64 27.27 7.98
P FAD K . -3.17 27.93 9.35
O1P FAD K . -2.35 29.13 9.64
O2P FAD K . -4.64 28.03 9.30
O3P FAD K . -2.79 26.79 10.42
C1 PG4 L . -5.64 21.01 0.46
C2 PG4 L . -5.05 19.86 -0.28
O2 PG4 L . -3.95 20.09 -1.07
C3 PG4 L . -3.44 19.08 -1.86
C4 PG4 L . -4.39 18.44 -2.82
O3 PG4 L . -3.99 17.34 -3.54
C5 PG4 L . -4.14 17.34 -4.91
C6 PG4 L . -3.18 18.19 -5.69
O4 PG4 L . -3.70 19.06 -6.62
C7 PG4 L . -3.08 19.18 -7.84
C8 PG4 L . -2.89 17.92 -8.62
#